data_3CIF
#
_entry.id   3CIF
#
_cell.length_a   68.000
_cell.length_b   120.100
_cell.length_c   79.280
_cell.angle_alpha   90.00
_cell.angle_beta   92.08
_cell.angle_gamma   90.00
#
_symmetry.space_group_name_H-M   'P 1 21 1'
#
loop_
_entity.id
_entity.type
_entity.pdbx_description
1 polymer 'Glyceraldehyde-3-phosphate dehydrogenase'
2 non-polymer GLYCERALDEHYDE-3-PHOSPHATE
3 non-polymer NICOTINAMIDE-ADENINE-DINUCLEOTIDE
4 non-polymer GLYCEROL
5 non-polymer 'MAGNESIUM ION'
6 water water
#
_entity_poly.entity_id   1
_entity_poly.type   'polypeptide(L)'
_entity_poly.pdbx_seq_one_letter_code
;MGSSHHHHHHSSGLVPRGSHMTATLGINGFGRIGRLVLRACMERNDITVVAINDPFMDVEYMAYLLKYDSVHGNFNGTVE
VSGKDLCINGKVVKVFQAKDPAEIPWGASGAQIVCESTGVFTTEEKASLHLKGGAKKVIISAPPKDNVPMYVMGVNNTEY
DPSKFNVISNASSTTNCLAPLAKIINDKFGIVEGLMTTVHSLTANQLTVDGPSKGGKDWRAGRCAGNNIIPASTGAAKAV
GKVIPALNGKLTGMAIRVPTPDVSVVDLTCKLAKPASIEEIYQAVKEASNGPMKGIMGYTSDDVVSTDFIGCKYSSILDK
NACIALNDSFVKLISWYDNESGYSNRLVDLAVYVASRGL
;
_entity_poly.pdbx_strand_id   A,B,C,D
#
# COMPACT_ATOMS: atom_id res chain seq x y z
N THR A 22 4.28 34.93 -25.52
CA THR A 22 4.63 33.50 -25.20
C THR A 22 5.98 33.38 -24.48
N ALA A 23 5.92 32.96 -23.22
CA ALA A 23 7.10 32.85 -22.38
C ALA A 23 7.92 31.59 -22.68
N THR A 24 9.22 31.66 -22.40
CA THR A 24 10.06 30.47 -22.43
C THR A 24 10.46 30.12 -21.00
N LEU A 25 10.49 28.84 -20.71
CA LEU A 25 10.74 28.36 -19.35
C LEU A 25 11.96 27.46 -19.26
N GLY A 26 12.77 27.68 -18.23
CA GLY A 26 13.82 26.75 -17.86
C GLY A 26 13.43 26.08 -16.56
N ILE A 27 13.78 24.80 -16.42
CA ILE A 27 13.44 24.04 -15.21
C ILE A 27 14.70 23.58 -14.48
N ASN A 28 14.85 24.03 -13.24
CA ASN A 28 15.93 23.56 -12.38
C ASN A 28 15.37 22.55 -11.38
N GLY A 29 15.80 21.31 -11.50
CA GLY A 29 15.25 20.22 -10.71
C GLY A 29 14.11 19.55 -11.45
N PHE A 30 14.44 18.48 -12.16
CA PHE A 30 13.49 17.77 -13.02
C PHE A 30 12.83 16.64 -12.25
N GLY A 31 12.17 16.99 -11.14
CA GLY A 31 11.55 16.03 -10.23
C GLY A 31 10.06 15.89 -10.46
N ARG A 32 9.32 15.56 -9.41
CA ARG A 32 7.86 15.44 -9.50
C ARG A 32 7.25 16.73 -10.05
N ILE A 33 7.58 17.86 -9.42
CA ILE A 33 7.07 19.15 -9.87
C ILE A 33 7.71 19.57 -11.20
N GLY A 34 9.03 19.46 -11.30
CA GLY A 34 9.74 19.77 -12.54
C GLY A 34 9.16 19.13 -13.80
N ARG A 35 8.95 17.82 -13.75
CA ARG A 35 8.45 17.07 -14.92
C ARG A 35 6.98 17.35 -15.23
N LEU A 36 6.19 17.58 -14.18
CA LEU A 36 4.76 17.84 -14.36
C LEU A 36 4.51 19.29 -14.80
N VAL A 37 5.41 20.19 -14.43
CA VAL A 37 5.42 21.56 -14.97
C VAL A 37 5.66 21.51 -16.48
N LEU A 38 6.63 20.70 -16.90
CA LEU A 38 6.91 20.50 -18.33
C LEU A 38 5.69 19.92 -19.06
N ARG A 39 5.08 18.89 -18.47
CA ARG A 39 3.86 18.29 -19.03
C ARG A 39 2.73 19.31 -19.18
N ALA A 40 2.55 20.14 -18.15
CA ALA A 40 1.59 21.25 -18.19
C ALA A 40 1.89 22.23 -19.32
N CYS A 41 3.18 22.56 -19.48
CA CYS A 41 3.62 23.47 -20.54
C CYS A 41 3.32 22.92 -21.95
N MET A 42 3.57 21.63 -22.13
CA MET A 42 3.34 20.96 -23.41
C MET A 42 1.87 21.01 -23.84
N GLU A 43 0.98 21.21 -22.87
CA GLU A 43 -0.45 21.28 -23.14
C GLU A 43 -0.91 22.69 -23.51
N ARG A 44 0.01 23.65 -23.42
CA ARG A 44 -0.29 25.07 -23.65
C ARG A 44 0.52 25.65 -24.80
N ASN A 45 -0.03 26.67 -25.46
CA ASN A 45 0.69 27.31 -26.57
C ASN A 45 1.26 28.70 -26.23
N ASP A 46 1.09 29.11 -24.98
CA ASP A 46 1.59 30.42 -24.54
C ASP A 46 2.82 30.34 -23.63
N ILE A 47 3.41 29.15 -23.53
CA ILE A 47 4.65 28.92 -22.77
C ILE A 47 5.38 27.69 -23.30
N THR A 48 6.71 27.79 -23.36
CA THR A 48 7.55 26.75 -23.96
C THR A 48 8.76 26.45 -23.08
N VAL A 49 8.96 25.17 -22.75
CA VAL A 49 10.17 24.74 -22.05
C VAL A 49 11.31 24.62 -23.06
N VAL A 50 12.43 25.28 -22.76
CA VAL A 50 13.58 25.31 -23.67
C VAL A 50 14.84 24.70 -23.06
N ALA A 51 14.86 24.59 -21.72
CA ALA A 51 16.03 24.07 -21.02
C ALA A 51 15.68 23.38 -19.71
N ILE A 52 16.46 22.35 -19.37
CA ILE A 52 16.32 21.61 -18.11
C ILE A 52 17.70 21.40 -17.49
N ASN A 53 17.80 21.63 -16.19
CA ASN A 53 19.02 21.29 -15.44
C ASN A 53 18.73 20.32 -14.30
N ASP A 54 19.51 19.25 -14.23
CA ASP A 54 19.44 18.29 -13.12
C ASP A 54 20.70 17.41 -13.15
N PRO A 55 21.63 17.62 -12.20
CA PRO A 55 22.91 16.93 -12.19
C PRO A 55 22.83 15.46 -11.79
N PHE A 56 21.64 15.02 -11.37
CA PHE A 56 21.45 13.65 -10.88
C PHE A 56 20.83 12.72 -11.93
N MET A 57 20.63 13.25 -13.14
CA MET A 57 20.13 12.45 -14.26
C MET A 57 20.71 12.95 -15.58
N ASP A 58 21.22 12.02 -16.39
CA ASP A 58 21.68 12.38 -17.73
C ASP A 58 20.50 12.46 -18.71
N VAL A 59 20.77 12.88 -19.94
CA VAL A 59 19.72 13.11 -20.95
C VAL A 59 18.85 11.87 -21.22
N GLU A 60 19.46 10.68 -21.21
CA GLU A 60 18.73 9.43 -21.39
C GLU A 60 17.78 9.16 -20.22
N TYR A 61 18.26 9.43 -19.00
CA TYR A 61 17.46 9.26 -17.79
C TYR A 61 16.31 10.26 -17.72
N MET A 62 16.59 11.51 -18.09
CA MET A 62 15.55 12.54 -18.18
C MET A 62 14.42 12.12 -19.12
N ALA A 63 14.80 11.56 -20.28
CA ALA A 63 13.85 11.09 -21.27
C ALA A 63 12.94 9.99 -20.71
N TYR A 64 13.55 9.07 -19.98
CA TYR A 64 12.86 7.95 -19.34
C TYR A 64 11.84 8.41 -18.30
N LEU A 65 12.27 9.29 -17.41
CA LEU A 65 11.42 9.77 -16.32
C LEU A 65 10.29 10.69 -16.80
N LEU A 66 10.50 11.35 -17.93
CA LEU A 66 9.43 12.12 -18.57
C LEU A 66 8.42 11.21 -19.26
N LYS A 67 8.91 10.22 -19.99
CA LYS A 67 8.11 9.28 -20.77
C LYS A 67 7.16 8.46 -19.90
N TYR A 68 7.65 8.00 -18.75
CA TYR A 68 6.88 7.13 -17.87
C TYR A 68 6.62 7.79 -16.53
N ASP A 69 5.39 7.63 -16.03
CA ASP A 69 4.98 8.19 -14.75
C ASP A 69 4.04 7.22 -14.04
N SER A 70 4.38 6.90 -12.79
CA SER A 70 3.63 5.92 -12.00
C SER A 70 2.25 6.40 -11.56
N VAL A 71 2.01 7.70 -11.68
CA VAL A 71 0.74 8.31 -11.26
C VAL A 71 -0.03 8.89 -12.45
N HIS A 72 0.69 9.58 -13.34
CA HIS A 72 0.04 10.40 -14.37
C HIS A 72 0.10 9.79 -15.77
N GLY A 73 0.61 8.56 -15.87
CA GLY A 73 0.59 7.79 -17.11
C GLY A 73 1.70 8.15 -18.09
N ASN A 74 1.69 7.48 -19.24
CA ASN A 74 2.65 7.75 -20.32
C ASN A 74 2.55 9.20 -20.79
N PHE A 75 3.68 9.79 -21.14
CA PHE A 75 3.73 11.13 -21.69
C PHE A 75 2.90 11.22 -22.97
N ASN A 76 2.05 12.25 -23.06
CA ASN A 76 1.25 12.49 -24.25
C ASN A 76 2.04 13.25 -25.32
N GLY A 77 2.72 12.48 -26.15
CA GLY A 77 3.59 13.03 -27.19
C GLY A 77 4.84 12.19 -27.36
N THR A 78 5.85 12.77 -28.01
CA THR A 78 7.08 12.05 -28.31
C THR A 78 8.28 12.64 -27.56
N VAL A 79 9.09 11.75 -26.98
CA VAL A 79 10.32 12.13 -26.30
C VAL A 79 11.48 11.37 -26.95
N GLU A 80 12.41 12.11 -27.53
CA GLU A 80 13.57 11.53 -28.21
C GLU A 80 14.86 12.14 -27.69
N VAL A 81 15.92 11.34 -27.62
CA VAL A 81 17.25 11.84 -27.30
C VAL A 81 17.94 12.24 -28.60
N SER A 82 18.29 13.51 -28.71
CA SER A 82 19.00 14.04 -29.88
C SER A 82 20.40 14.50 -29.46
N GLY A 83 21.34 13.56 -29.48
CA GLY A 83 22.72 13.81 -29.06
C GLY A 83 22.80 14.14 -27.58
N LYS A 84 23.18 15.39 -27.30
CA LYS A 84 23.30 15.89 -25.94
C LYS A 84 21.94 16.27 -25.34
N ASP A 85 21.00 16.64 -26.20
CA ASP A 85 19.76 17.27 -25.76
C ASP A 85 18.50 16.43 -25.99
N LEU A 86 17.36 16.94 -25.51
CA LEU A 86 16.07 16.28 -25.68
C LEU A 86 15.28 16.87 -26.85
N CYS A 87 14.54 16.02 -27.54
CA CYS A 87 13.60 16.45 -28.55
C CYS A 87 12.19 16.03 -28.15
N ILE A 88 11.39 17.00 -27.73
CA ILE A 88 10.05 16.75 -27.21
C ILE A 88 9.01 17.41 -28.12
N ASN A 89 8.20 16.57 -28.77
CA ASN A 89 7.24 17.02 -29.79
C ASN A 89 7.89 17.89 -30.88
N GLY A 90 9.09 17.50 -31.30
CA GLY A 90 9.82 18.22 -32.35
C GLY A 90 10.60 19.43 -31.85
N LYS A 91 10.42 19.79 -30.58
CA LYS A 91 11.10 20.94 -29.99
C LYS A 91 12.37 20.53 -29.25
N VAL A 92 13.47 21.22 -29.55
CA VAL A 92 14.75 20.97 -28.92
C VAL A 92 14.78 21.59 -27.53
N VAL A 93 15.08 20.77 -26.53
CA VAL A 93 15.21 21.23 -25.15
C VAL A 93 16.64 20.97 -24.68
N LYS A 94 17.34 22.05 -24.34
CA LYS A 94 18.73 21.97 -23.88
C LYS A 94 18.83 21.34 -22.49
N VAL A 95 19.84 20.51 -22.29
CA VAL A 95 19.99 19.72 -21.07
C VAL A 95 21.33 20.01 -20.39
N PHE A 96 21.27 20.33 -19.10
CA PHE A 96 22.48 20.62 -18.33
C PHE A 96 22.57 19.76 -17.07
N GLN A 97 23.79 19.62 -16.54
CA GLN A 97 24.06 18.82 -15.35
C GLN A 97 24.87 19.59 -14.30
N ALA A 98 24.46 20.83 -14.03
CA ALA A 98 25.17 21.67 -13.07
C ALA A 98 24.55 21.60 -11.68
N LYS A 99 25.41 21.50 -10.66
CA LYS A 99 24.96 21.57 -9.27
C LYS A 99 24.81 23.04 -8.84
N ASP A 100 25.73 23.88 -9.31
CA ASP A 100 25.71 25.32 -9.04
C ASP A 100 24.76 26.00 -10.05
N PRO A 101 23.69 26.64 -9.54
CA PRO A 101 22.74 27.37 -10.40
C PRO A 101 23.36 28.49 -11.22
N ALA A 102 24.43 29.10 -10.69
CA ALA A 102 25.13 30.19 -11.38
C ALA A 102 25.83 29.72 -12.66
N GLU A 103 26.05 28.41 -12.77
CA GLU A 103 26.76 27.84 -13.91
C GLU A 103 25.85 27.40 -15.07
N ILE A 104 24.54 27.51 -14.88
CA ILE A 104 23.58 27.15 -15.92
C ILE A 104 23.40 28.32 -16.90
N PRO A 105 23.68 28.09 -18.19
CA PRO A 105 23.53 29.15 -19.20
C PRO A 105 22.09 29.28 -19.70
N TRP A 106 21.23 29.87 -18.87
CA TRP A 106 19.82 30.07 -19.21
C TRP A 106 19.64 31.02 -20.39
N GLY A 107 20.36 32.15 -20.37
CA GLY A 107 20.29 33.16 -21.41
C GLY A 107 20.66 32.64 -22.79
N ALA A 108 21.78 31.91 -22.85
CA ALA A 108 22.26 31.28 -24.08
C ALA A 108 21.25 30.27 -24.65
N SER A 109 20.51 29.62 -23.76
CA SER A 109 19.46 28.68 -24.15
C SER A 109 18.16 29.40 -24.49
N GLY A 110 18.06 30.67 -24.12
CA GLY A 110 16.87 31.47 -24.42
C GLY A 110 15.74 31.31 -23.42
N ALA A 111 16.07 30.86 -22.21
CA ALA A 111 15.09 30.69 -21.15
C ALA A 111 14.91 32.01 -20.38
N GLN A 112 13.68 32.52 -20.39
CA GLN A 112 13.35 33.80 -19.75
C GLN A 112 13.03 33.64 -18.27
N ILE A 113 12.21 32.64 -17.95
CA ILE A 113 11.76 32.39 -16.58
C ILE A 113 12.25 31.03 -16.12
N VAL A 114 12.76 30.95 -14.90
CA VAL A 114 13.24 29.69 -14.35
C VAL A 114 12.29 29.14 -13.29
N CYS A 115 11.87 27.89 -13.49
CA CYS A 115 11.16 27.13 -12.46
C CYS A 115 12.20 26.54 -11.51
N GLU A 116 12.29 27.11 -10.31
CA GLU A 116 13.23 26.65 -9.30
C GLU A 116 12.57 25.57 -8.44
N SER A 117 12.72 24.31 -8.87
CA SER A 117 12.01 23.19 -8.27
C SER A 117 12.93 22.06 -7.77
N THR A 118 14.10 22.44 -7.25
CA THR A 118 15.05 21.48 -6.67
C THR A 118 14.72 21.17 -5.22
N GLY A 119 14.15 22.15 -4.53
CA GLY A 119 13.89 22.06 -3.10
C GLY A 119 15.06 22.47 -2.23
N VAL A 120 16.17 22.89 -2.84
CA VAL A 120 17.39 23.25 -2.10
C VAL A 120 17.88 24.69 -2.31
N PHE A 121 17.18 25.46 -3.14
CA PHE A 121 17.52 26.86 -3.38
C PHE A 121 16.32 27.77 -3.09
N THR A 122 15.85 27.75 -1.84
CA THR A 122 14.60 28.42 -1.48
C THR A 122 14.79 29.80 -0.83
N THR A 123 15.91 30.46 -1.17
CA THR A 123 16.16 31.82 -0.69
C THR A 123 16.45 32.76 -1.87
N GLU A 124 16.35 34.07 -1.64
CA GLU A 124 16.71 35.05 -2.66
C GLU A 124 18.17 34.89 -3.07
N GLU A 125 19.06 34.75 -2.09
CA GLU A 125 20.49 34.61 -2.34
C GLU A 125 20.81 33.43 -3.27
N LYS A 126 20.17 32.30 -3.03
CA LYS A 126 20.39 31.09 -3.81
C LYS A 126 19.64 31.10 -5.15
N ALA A 127 18.37 31.51 -5.13
CA ALA A 127 17.53 31.51 -6.33
C ALA A 127 17.94 32.58 -7.35
N SER A 128 18.48 33.70 -6.87
CA SER A 128 18.91 34.79 -7.75
C SER A 128 20.14 34.43 -8.58
N LEU A 129 20.79 33.32 -8.24
CA LEU A 129 21.95 32.83 -9.01
C LEU A 129 21.60 32.49 -10.46
N HIS A 130 20.32 32.16 -10.70
CA HIS A 130 19.83 31.90 -12.06
C HIS A 130 19.91 33.14 -12.94
N LEU A 131 19.82 34.32 -12.31
CA LEU A 131 19.90 35.60 -13.03
C LEU A 131 21.31 35.85 -13.60
N LYS A 132 22.32 35.29 -12.94
CA LYS A 132 23.71 35.39 -13.39
C LYS A 132 23.91 34.69 -14.74
N GLY A 133 23.22 33.57 -14.94
CA GLY A 133 23.29 32.82 -16.19
C GLY A 133 22.40 33.34 -17.30
N GLY A 134 21.68 34.44 -17.04
CA GLY A 134 20.92 35.13 -18.08
C GLY A 134 19.41 35.08 -17.97
N ALA A 135 18.89 34.41 -16.95
CA ALA A 135 17.44 34.36 -16.73
C ALA A 135 16.94 35.73 -16.27
N LYS A 136 15.68 36.03 -16.61
CA LYS A 136 15.08 37.31 -16.26
C LYS A 136 14.27 37.25 -14.97
N LYS A 137 13.54 36.16 -14.78
CA LYS A 137 12.72 35.94 -13.58
C LYS A 137 12.91 34.54 -13.02
N VAL A 138 12.67 34.37 -11.72
CA VAL A 138 12.76 33.05 -11.07
C VAL A 138 11.54 32.81 -10.18
N ILE A 139 10.93 31.64 -10.33
CA ILE A 139 9.83 31.22 -9.47
C ILE A 139 10.25 30.00 -8.65
N ILE A 140 10.37 30.20 -7.33
CA ILE A 140 10.68 29.11 -6.42
C ILE A 140 9.41 28.28 -6.21
N SER A 141 9.51 26.97 -6.40
CA SER A 141 8.35 26.07 -6.30
C SER A 141 8.04 25.65 -4.86
N ALA A 142 8.31 26.54 -3.91
CA ALA A 142 8.10 26.28 -2.48
C ALA A 142 8.00 27.61 -1.72
N PRO A 143 7.45 27.58 -0.49
CA PRO A 143 7.61 28.77 0.37
C PRO A 143 9.10 29.00 0.63
N PRO A 144 9.55 30.27 0.57
CA PRO A 144 10.96 30.57 0.80
C PRO A 144 11.35 30.54 2.28
N LYS A 145 12.63 30.34 2.55
CA LYS A 145 13.16 30.39 3.92
C LYS A 145 13.36 31.84 4.38
N ASP A 146 13.41 32.76 3.41
CA ASP A 146 13.57 34.18 3.70
C ASP A 146 12.30 34.97 3.33
N ASN A 147 12.47 36.22 2.90
CA ASN A 147 11.32 37.11 2.67
C ASN A 147 10.88 37.28 1.22
N VAL A 148 11.32 36.36 0.35
CA VAL A 148 10.86 36.33 -1.05
C VAL A 148 9.32 36.29 -1.09
N PRO A 149 8.70 37.19 -1.89
CA PRO A 149 7.24 37.30 -1.91
C PRO A 149 6.54 36.05 -2.47
N MET A 150 5.49 35.61 -1.78
CA MET A 150 4.70 34.46 -2.21
C MET A 150 3.40 34.89 -2.90
N TYR A 151 3.12 34.28 -4.03
CA TYR A 151 1.88 34.55 -4.77
C TYR A 151 1.08 33.28 -5.00
N VAL A 152 -0.23 33.38 -4.79
CA VAL A 152 -1.16 32.32 -5.11
C VAL A 152 -2.15 32.84 -6.14
N MET A 153 -2.21 32.19 -7.30
CA MET A 153 -3.10 32.59 -8.39
C MET A 153 -4.55 32.62 -7.92
N GLY A 154 -5.23 33.72 -8.22
CA GLY A 154 -6.62 33.91 -7.82
C GLY A 154 -6.79 34.48 -6.42
N VAL A 155 -5.69 34.65 -5.70
CA VAL A 155 -5.72 35.17 -4.33
C VAL A 155 -5.01 36.52 -4.21
N ASN A 156 -3.73 36.57 -4.57
CA ASN A 156 -2.94 37.79 -4.45
C ASN A 156 -1.93 38.04 -5.57
N ASN A 157 -2.02 37.28 -6.65
CA ASN A 157 -1.02 37.34 -7.73
C ASN A 157 -0.90 38.71 -8.43
N THR A 158 -1.98 39.50 -8.42
CA THR A 158 -1.97 40.83 -9.04
C THR A 158 -1.15 41.85 -8.25
N GLU A 159 -0.76 41.50 -7.03
CA GLU A 159 0.11 42.34 -6.20
C GLU A 159 1.56 42.31 -6.70
N TYR A 160 1.87 41.36 -7.57
CA TYR A 160 3.18 41.27 -8.21
C TYR A 160 3.45 42.51 -9.08
N ASP A 161 4.68 43.03 -8.96
CA ASP A 161 5.14 44.17 -9.74
C ASP A 161 6.51 43.83 -10.31
N PRO A 162 6.64 43.75 -11.64
CA PRO A 162 7.90 43.41 -12.30
C PRO A 162 9.06 44.37 -12.00
N SER A 163 8.73 45.61 -11.61
CA SER A 163 9.76 46.59 -11.27
C SER A 163 10.24 46.47 -9.83
N LYS A 164 9.60 45.58 -9.06
CA LYS A 164 9.96 45.36 -7.67
C LYS A 164 10.66 44.02 -7.41
N PHE A 165 10.29 42.98 -8.17
CA PHE A 165 10.81 41.63 -7.92
C PHE A 165 11.24 40.87 -9.17
N ASN A 166 12.41 40.23 -9.08
CA ASN A 166 12.87 39.29 -10.09
C ASN A 166 12.79 37.84 -9.60
N VAL A 167 12.75 37.67 -8.28
CA VAL A 167 12.64 36.35 -7.65
C VAL A 167 11.36 36.31 -6.82
N ILE A 168 10.50 35.33 -7.13
CA ILE A 168 9.22 35.18 -6.44
C ILE A 168 8.96 33.71 -6.06
N SER A 169 7.87 33.47 -5.32
CA SER A 169 7.49 32.13 -4.89
C SER A 169 6.03 31.82 -5.21
N ASN A 170 5.77 30.59 -5.63
CA ASN A 170 4.41 30.12 -5.89
C ASN A 170 3.80 29.41 -4.68
N ALA A 171 4.41 29.65 -3.50
CA ALA A 171 4.02 29.00 -2.24
C ALA A 171 4.07 27.48 -2.33
N SER A 172 3.17 26.79 -1.63
CA SER A 172 3.13 25.33 -1.65
C SER A 172 1.80 24.83 -2.21
N SER A 173 1.70 23.53 -2.44
CA SER A 173 0.46 22.93 -2.94
C SER A 173 -0.68 23.10 -1.93
N THR A 174 -0.38 22.86 -0.65
CA THR A 174 -1.39 22.99 0.42
C THR A 174 -1.83 24.45 0.60
N THR A 175 -0.90 25.38 0.45
CA THR A 175 -1.21 26.82 0.47
C THR A 175 -2.13 27.17 -0.68
N ASN A 176 -1.85 26.58 -1.85
CA ASN A 176 -2.69 26.78 -3.04
C ASN A 176 -4.08 26.16 -2.93
N CYS A 177 -4.23 25.15 -2.07
CA CYS A 177 -5.55 24.60 -1.76
C CYS A 177 -6.26 25.43 -0.70
N LEU A 178 -5.53 25.75 0.38
CA LEU A 178 -6.11 26.44 1.52
C LEU A 178 -6.48 27.90 1.26
N ALA A 179 -5.59 28.62 0.58
CA ALA A 179 -5.76 30.08 0.38
C ALA A 179 -7.02 30.51 -0.38
N PRO A 180 -7.33 29.89 -1.54
CA PRO A 180 -8.56 30.28 -2.25
C PRO A 180 -9.82 30.02 -1.43
N LEU A 181 -9.88 28.86 -0.78
CA LEU A 181 -11.01 28.51 0.09
C LEU A 181 -11.13 29.48 1.26
N ALA A 182 -10.02 29.70 1.97
CA ALA A 182 -9.99 30.61 3.13
C ALA A 182 -10.38 32.03 2.76
N LYS A 183 -9.93 32.49 1.59
CA LYS A 183 -10.30 33.82 1.07
C LYS A 183 -11.80 33.94 0.85
N ILE A 184 -12.39 32.97 0.15
CA ILE A 184 -13.82 32.93 -0.11
C ILE A 184 -14.65 33.04 1.18
N ILE A 185 -14.27 32.24 2.18
CA ILE A 185 -14.97 32.19 3.47
C ILE A 185 -14.77 33.48 4.26
N ASN A 186 -13.53 33.98 4.27
CA ASN A 186 -13.21 35.21 5.00
C ASN A 186 -13.85 36.46 4.41
N ASP A 187 -13.94 36.50 3.08
CA ASP A 187 -14.61 37.59 2.37
C ASP A 187 -16.12 37.59 2.64
N LYS A 188 -16.74 36.42 2.55
CA LYS A 188 -18.19 36.29 2.69
C LYS A 188 -18.70 36.31 4.12
N PHE A 189 -18.05 35.56 5.00
CA PHE A 189 -18.56 35.34 6.35
C PHE A 189 -17.59 35.78 7.44
N GLY A 190 -16.29 35.77 7.13
CA GLY A 190 -15.26 36.16 8.07
C GLY A 190 -14.77 35.01 8.94
N ILE A 191 -13.46 34.77 8.92
CA ILE A 191 -12.87 33.76 9.78
C ILE A 191 -12.36 34.40 11.06
N VAL A 192 -12.97 34.04 12.19
CA VAL A 192 -12.51 34.51 13.50
C VAL A 192 -11.22 33.78 13.87
N GLU A 193 -11.28 32.45 13.79
CA GLU A 193 -10.15 31.59 14.11
C GLU A 193 -10.32 30.25 13.41
N GLY A 194 -9.22 29.64 13.01
CA GLY A 194 -9.25 28.37 12.30
C GLY A 194 -8.02 27.52 12.51
N LEU A 195 -8.21 26.21 12.45
CA LEU A 195 -7.11 25.24 12.45
C LEU A 195 -7.37 24.21 11.37
N MET A 196 -6.30 23.81 10.68
CA MET A 196 -6.44 22.84 9.59
C MET A 196 -5.46 21.67 9.67
N THR A 197 -5.85 20.59 8.98
CA THR A 197 -4.99 19.44 8.78
C THR A 197 -5.07 19.08 7.31
N THR A 198 -3.93 18.79 6.70
CA THR A 198 -3.93 18.17 5.38
C THR A 198 -3.58 16.68 5.50
N VAL A 199 -4.50 15.82 5.09
CA VAL A 199 -4.19 14.40 4.94
C VAL A 199 -3.54 14.29 3.56
N HIS A 200 -2.24 14.02 3.58
CA HIS A 200 -1.36 14.32 2.47
C HIS A 200 -0.66 13.08 1.96
N SER A 201 -0.66 12.89 0.63
CA SER A 201 0.08 11.79 0.01
C SER A 201 1.57 11.90 0.28
N LEU A 202 2.27 10.76 0.20
CA LEU A 202 3.70 10.73 0.42
C LEU A 202 4.48 11.52 -0.64
N THR A 203 5.69 11.96 -0.28
CA THR A 203 6.54 12.73 -1.20
C THR A 203 7.96 12.17 -1.25
N ALA A 204 8.79 12.77 -2.11
CA ALA A 204 10.16 12.32 -2.36
C ALA A 204 11.09 12.37 -1.15
N ASN A 205 10.77 13.22 -0.17
CA ASN A 205 11.59 13.35 1.03
C ASN A 205 11.33 12.24 2.06
N GLN A 206 10.27 11.46 1.82
CA GLN A 206 9.94 10.33 2.68
C GLN A 206 10.71 9.08 2.25
N LEU A 207 10.73 8.07 3.11
CA LEU A 207 11.54 6.87 2.87
C LEU A 207 10.70 5.60 2.78
N THR A 208 11.18 4.65 1.99
CA THR A 208 10.47 3.38 1.77
C THR A 208 10.49 2.50 3.02
N VAL A 209 11.57 2.56 3.79
CA VAL A 209 11.69 1.84 5.07
C VAL A 209 12.26 2.76 6.14
N ASP A 210 12.13 2.35 7.41
CA ASP A 210 12.63 3.13 8.54
C ASP A 210 14.10 3.52 8.33
N GLY A 211 14.36 4.82 8.34
CA GLY A 211 15.71 5.33 8.14
C GLY A 211 15.87 6.79 8.57
N PRO A 212 17.10 7.32 8.44
CA PRO A 212 17.36 8.70 8.84
C PRO A 212 16.94 9.72 7.78
N SER A 213 16.15 10.70 8.21
CA SER A 213 15.74 11.80 7.33
C SER A 213 16.93 12.69 6.99
N LYS A 214 16.90 13.25 5.77
CA LYS A 214 17.93 14.18 5.29
C LYS A 214 18.23 15.26 6.32
N GLY A 215 19.50 15.55 6.51
CA GLY A 215 19.94 16.49 7.55
C GLY A 215 20.09 15.77 8.87
N GLY A 216 19.00 15.71 9.62
CA GLY A 216 18.94 14.98 10.88
C GLY A 216 17.65 15.21 11.65
N LYS A 217 16.78 16.05 11.09
CA LYS A 217 15.52 16.42 11.75
C LYS A 217 14.30 15.91 10.97
N ASP A 218 13.13 16.04 11.57
CA ASP A 218 11.87 15.46 11.06
C ASP A 218 11.97 13.92 11.05
N TRP A 219 12.10 13.36 12.25
CA TRP A 219 12.29 11.92 12.41
C TRP A 219 11.13 11.09 11.87
N ARG A 220 9.90 11.58 12.07
CA ARG A 220 8.70 10.87 11.63
C ARG A 220 8.66 10.64 10.12
N ALA A 221 9.18 11.61 9.37
CA ALA A 221 9.22 11.53 7.90
C ALA A 221 10.18 10.46 7.38
N GLY A 222 11.07 9.97 8.25
CA GLY A 222 11.99 8.89 7.91
C GLY A 222 11.46 7.49 8.19
N ARG A 223 10.23 7.42 8.72
CA ARG A 223 9.62 6.13 9.01
C ARG A 223 8.95 5.55 7.75
N CYS A 224 8.91 4.22 7.66
CA CYS A 224 8.31 3.50 6.54
C CYS A 224 7.03 4.18 6.03
N ALA A 225 7.12 4.75 4.82
CA ALA A 225 6.03 5.53 4.24
C ALA A 225 4.82 4.67 3.87
N GLY A 226 5.06 3.42 3.52
CA GLY A 226 4.03 2.55 2.96
C GLY A 226 3.03 1.99 3.92
N ASN A 227 3.38 1.92 5.20
CA ASN A 227 2.50 1.32 6.21
C ASN A 227 2.19 2.19 7.43
N ASN A 228 2.48 3.49 7.32
CA ASN A 228 2.33 4.42 8.44
C ASN A 228 1.41 5.61 8.19
N ILE A 229 0.66 5.99 9.22
CA ILE A 229 0.03 7.29 9.31
C ILE A 229 1.03 8.18 10.07
N ILE A 230 1.44 9.28 9.45
CA ILE A 230 2.58 10.08 9.92
C ILE A 230 2.25 11.57 10.13
N PRO A 231 2.21 12.02 11.40
CA PRO A 231 2.11 13.46 11.65
C PRO A 231 3.32 14.20 11.06
N ALA A 232 3.04 15.35 10.44
CA ALA A 232 4.07 16.11 9.74
C ALA A 232 3.77 17.61 9.77
N SER A 233 4.71 18.40 9.26
CA SER A 233 4.51 19.84 9.12
C SER A 233 3.99 20.17 7.73
N THR A 234 3.35 21.32 7.61
CA THR A 234 2.87 21.80 6.32
C THR A 234 3.34 23.23 6.09
N GLY A 235 3.73 23.51 4.84
CA GLY A 235 4.15 24.85 4.45
C GLY A 235 3.03 25.87 4.61
N ALA A 236 1.79 25.41 4.45
CA ALA A 236 0.60 26.25 4.53
C ALA A 236 0.32 26.84 5.92
N ALA A 237 0.91 26.25 6.95
CA ALA A 237 0.73 26.73 8.34
C ALA A 237 1.20 28.17 8.50
N LYS A 238 2.35 28.49 7.93
CA LYS A 238 2.93 29.83 8.02
C LYS A 238 2.70 30.65 6.74
N ALA A 239 2.51 29.96 5.62
CA ALA A 239 2.36 30.62 4.32
C ALA A 239 1.01 31.32 4.12
N VAL A 240 -0.06 30.71 4.60
CA VAL A 240 -1.42 31.24 4.39
C VAL A 240 -1.60 32.65 4.96
N GLY A 241 -0.98 32.89 6.13
CA GLY A 241 -1.04 34.20 6.79
C GLY A 241 -0.19 35.26 6.10
N LYS A 242 0.68 34.83 5.18
CA LYS A 242 1.50 35.75 4.41
C LYS A 242 0.85 36.09 3.07
N VAL A 243 0.16 35.11 2.50
CA VAL A 243 -0.57 35.30 1.25
C VAL A 243 -1.88 36.07 1.50
N ILE A 244 -2.53 35.76 2.62
CA ILE A 244 -3.69 36.51 3.09
C ILE A 244 -3.36 37.11 4.45
N PRO A 245 -2.77 38.33 4.46
CA PRO A 245 -2.35 38.99 5.70
C PRO A 245 -3.46 39.18 6.73
N ALA A 246 -4.71 39.32 6.27
CA ALA A 246 -5.86 39.46 7.16
C ALA A 246 -6.11 38.22 8.03
N LEU A 247 -5.49 37.10 7.66
CA LEU A 247 -5.65 35.84 8.40
C LEU A 247 -4.40 35.46 9.21
N ASN A 248 -3.39 36.33 9.19
CA ASN A 248 -2.20 36.16 10.01
C ASN A 248 -2.57 36.03 11.49
N GLY A 249 -2.12 34.93 12.11
CA GLY A 249 -2.40 34.65 13.51
C GLY A 249 -3.79 34.09 13.77
N LYS A 250 -4.58 33.94 12.71
CA LYS A 250 -5.94 33.43 12.81
C LYS A 250 -6.10 32.04 12.19
N LEU A 251 -5.04 31.56 11.55
CA LEU A 251 -5.07 30.27 10.86
C LEU A 251 -3.68 29.62 10.80
N THR A 252 -3.60 28.40 11.31
CA THR A 252 -2.39 27.57 11.21
C THR A 252 -2.78 26.10 11.17
N GLY A 253 -1.80 25.20 11.07
CA GLY A 253 -2.09 23.78 11.07
C GLY A 253 -0.92 22.83 10.89
N MET A 254 -1.23 21.61 10.46
CA MET A 254 -0.27 20.52 10.37
C MET A 254 -0.66 19.56 9.25
N ALA A 255 0.21 18.59 8.98
CA ALA A 255 -0.04 17.57 7.97
C ALA A 255 -0.11 16.18 8.60
N ILE A 256 -0.85 15.30 7.93
CA ILE A 256 -0.82 13.87 8.26
C ILE A 256 -0.53 13.10 6.97
N ARG A 257 0.71 12.61 6.86
CA ARG A 257 1.17 11.89 5.67
C ARG A 257 0.65 10.45 5.66
N VAL A 258 0.15 10.02 4.51
CA VAL A 258 -0.42 8.68 4.32
C VAL A 258 0.18 7.99 3.07
N PRO A 259 0.07 6.65 2.99
CA PRO A 259 0.75 5.83 1.96
C PRO A 259 0.46 6.06 0.47
N THR A 260 -0.59 6.81 0.14
CA THR A 260 -0.97 7.04 -1.26
C THR A 260 0.08 7.87 -2.03
N PRO A 261 0.26 7.59 -3.33
CA PRO A 261 1.33 8.23 -4.10
C PRO A 261 1.08 9.68 -4.53
N ASP A 262 -0.19 10.09 -4.57
CA ASP A 262 -0.55 11.45 -5.02
C ASP A 262 -2.00 11.79 -4.65
N VAL A 263 -2.28 13.09 -4.56
CA VAL A 263 -3.57 13.67 -4.15
C VAL A 263 -3.68 13.81 -2.63
N SER A 264 -4.09 14.98 -2.19
CA SER A 264 -4.20 15.30 -0.77
C SER A 264 -5.50 16.03 -0.49
N VAL A 265 -5.83 16.20 0.79
CA VAL A 265 -7.09 16.84 1.15
C VAL A 265 -6.96 17.74 2.40
N VAL A 266 -7.42 18.98 2.24
CA VAL A 266 -7.45 19.93 3.35
C VAL A 266 -8.70 19.74 4.22
N ASP A 267 -8.47 19.66 5.52
CA ASP A 267 -9.51 19.54 6.52
C ASP A 267 -9.45 20.81 7.37
N LEU A 268 -10.36 21.74 7.09
CA LEU A 268 -10.35 23.07 7.72
C LEU A 268 -11.47 23.25 8.73
N THR A 269 -11.10 23.41 10.00
CA THR A 269 -12.04 23.67 11.07
C THR A 269 -11.90 25.13 11.51
N CYS A 270 -12.97 25.90 11.33
CA CYS A 270 -12.94 27.33 11.63
C CYS A 270 -14.24 27.87 12.22
N LYS A 271 -14.10 28.92 13.02
CA LYS A 271 -15.25 29.65 13.55
C LYS A 271 -15.50 30.89 12.67
N LEU A 272 -16.76 31.11 12.35
CA LEU A 272 -17.17 32.21 11.48
C LEU A 272 -17.73 33.40 12.28
N ALA A 273 -17.49 34.61 11.77
CA ALA A 273 -17.99 35.83 12.40
C ALA A 273 -19.50 36.02 12.14
N LYS A 274 -19.95 35.50 11.00
CA LYS A 274 -21.33 35.58 10.59
C LYS A 274 -21.86 34.17 10.34
N PRO A 275 -23.06 33.84 10.86
CA PRO A 275 -23.65 32.51 10.68
C PRO A 275 -23.77 32.10 9.20
N ALA A 276 -23.40 30.85 8.91
CA ALA A 276 -23.45 30.32 7.55
C ALA A 276 -23.64 28.81 7.52
N SER A 277 -24.58 28.37 6.71
CA SER A 277 -24.84 26.95 6.51
C SER A 277 -23.88 26.37 5.47
N ILE A 278 -23.88 25.05 5.32
CA ILE A 278 -23.07 24.36 4.32
C ILE A 278 -23.48 24.80 2.91
N GLU A 279 -24.79 24.88 2.69
CA GLU A 279 -25.35 25.31 1.40
C GLU A 279 -24.86 26.71 1.01
N GLU A 280 -24.89 27.64 1.97
CA GLU A 280 -24.45 29.01 1.73
C GLU A 280 -22.96 29.09 1.43
N ILE A 281 -22.17 28.29 2.15
CA ILE A 281 -20.73 28.18 1.91
C ILE A 281 -20.46 27.60 0.52
N TYR A 282 -21.22 26.56 0.17
CA TYR A 282 -21.13 25.92 -1.14
C TYR A 282 -21.46 26.90 -2.28
N GLN A 283 -22.50 27.71 -2.10
CA GLN A 283 -22.89 28.70 -3.10
C GLN A 283 -21.85 29.81 -3.26
N ALA A 284 -21.21 30.19 -2.17
CA ALA A 284 -20.14 31.19 -2.20
C ALA A 284 -18.90 30.68 -2.94
N VAL A 285 -18.60 29.40 -2.77
CA VAL A 285 -17.53 28.73 -3.51
C VAL A 285 -17.90 28.61 -5.00
N LYS A 286 -19.17 28.30 -5.27
CA LYS A 286 -19.70 28.19 -6.63
C LYS A 286 -19.57 29.51 -7.39
N GLU A 287 -19.89 30.61 -6.70
CA GLU A 287 -19.80 31.95 -7.27
C GLU A 287 -18.37 32.30 -7.67
N ALA A 288 -17.43 32.07 -6.76
CA ALA A 288 -16.01 32.30 -7.01
C ALA A 288 -15.46 31.42 -8.13
N SER A 289 -15.88 30.15 -8.12
CA SER A 289 -15.44 29.18 -9.12
C SER A 289 -15.90 29.53 -10.54
N ASN A 290 -17.05 30.18 -10.65
CA ASN A 290 -17.57 30.61 -11.94
C ASN A 290 -17.24 32.06 -12.25
N GLY A 291 -16.57 32.73 -11.31
CA GLY A 291 -16.20 34.13 -11.45
C GLY A 291 -14.71 34.38 -11.40
N PRO A 292 -14.24 35.09 -10.35
CA PRO A 292 -12.83 35.52 -10.24
C PRO A 292 -11.83 34.39 -10.02
N MET A 293 -12.30 33.22 -9.59
CA MET A 293 -11.41 32.09 -9.31
C MET A 293 -11.63 30.91 -10.28
N LYS A 294 -12.03 31.23 -11.51
CA LYS A 294 -12.29 30.23 -12.55
C LYS A 294 -11.02 29.44 -12.88
N GLY A 295 -11.13 28.11 -12.80
CA GLY A 295 -10.00 27.23 -13.06
C GLY A 295 -9.08 27.04 -11.87
N ILE A 296 -9.37 27.76 -10.79
CA ILE A 296 -8.57 27.71 -9.57
C ILE A 296 -9.37 27.04 -8.46
N MET A 297 -10.53 27.62 -8.13
CA MET A 297 -11.45 27.03 -7.17
C MET A 297 -12.50 26.19 -7.90
N GLY A 298 -12.74 24.99 -7.37
CA GLY A 298 -13.75 24.09 -7.91
C GLY A 298 -14.64 23.54 -6.82
N TYR A 299 -15.62 22.74 -7.21
CA TYR A 299 -16.58 22.17 -6.27
C TYR A 299 -17.17 20.86 -6.81
N THR A 300 -17.59 19.99 -5.90
CA THR A 300 -18.31 18.77 -6.27
C THR A 300 -19.33 18.39 -5.20
N SER A 301 -20.40 17.74 -5.63
CA SER A 301 -21.39 17.14 -4.74
C SER A 301 -21.46 15.62 -4.93
N ASP A 302 -20.44 15.06 -5.59
CA ASP A 302 -20.34 13.62 -5.81
C ASP A 302 -19.57 12.93 -4.68
N ASP A 303 -19.76 11.61 -4.54
CA ASP A 303 -19.08 10.82 -3.51
C ASP A 303 -17.65 10.46 -3.94
N VAL A 304 -16.83 11.50 -4.10
CA VAL A 304 -15.47 11.36 -4.62
C VAL A 304 -14.48 10.80 -3.59
N VAL A 305 -13.42 10.17 -4.11
CA VAL A 305 -12.27 9.74 -3.31
C VAL A 305 -11.01 10.29 -3.98
N SER A 306 -9.85 10.13 -3.35
CA SER A 306 -8.61 10.79 -3.81
C SER A 306 -8.24 10.52 -5.27
N THR A 307 -8.32 9.26 -5.72
CA THR A 307 -7.93 8.91 -7.09
C THR A 307 -8.73 9.64 -8.17
N ASP A 308 -9.92 10.12 -7.80
CA ASP A 308 -10.78 10.85 -8.73
C ASP A 308 -10.21 12.22 -9.12
N PHE A 309 -9.20 12.67 -8.37
CA PHE A 309 -8.56 13.96 -8.64
C PHE A 309 -7.16 13.86 -9.27
N ILE A 310 -6.72 12.64 -9.59
CA ILE A 310 -5.45 12.47 -10.28
C ILE A 310 -5.47 13.17 -11.63
N GLY A 311 -4.57 14.13 -11.81
CA GLY A 311 -4.51 14.93 -13.02
C GLY A 311 -5.39 16.17 -13.01
N CYS A 312 -6.15 16.37 -11.93
CA CYS A 312 -7.00 17.54 -11.79
C CYS A 312 -6.16 18.82 -11.72
N LYS A 313 -6.54 19.81 -12.52
CA LYS A 313 -5.76 21.05 -12.67
C LYS A 313 -6.15 22.14 -11.66
N TYR A 314 -7.25 21.95 -10.95
CA TYR A 314 -7.72 22.94 -9.97
C TYR A 314 -6.79 23.03 -8.76
N SER A 315 -6.79 24.19 -8.12
CA SER A 315 -6.03 24.40 -6.89
C SER A 315 -6.75 23.79 -5.69
N SER A 316 -8.08 23.85 -5.72
CA SER A 316 -8.92 23.54 -4.56
C SER A 316 -10.31 23.12 -5.02
N ILE A 317 -10.75 21.93 -4.60
CA ILE A 317 -12.08 21.43 -4.96
C ILE A 317 -12.88 21.10 -3.71
N LEU A 318 -13.89 21.92 -3.41
CA LEU A 318 -14.73 21.73 -2.23
C LEU A 318 -15.58 20.47 -2.33
N ASP A 319 -15.49 19.63 -1.30
CA ASP A 319 -16.26 18.40 -1.22
C ASP A 319 -17.50 18.66 -0.36
N LYS A 320 -18.61 18.99 -1.02
CA LYS A 320 -19.84 19.42 -0.34
C LYS A 320 -20.36 18.38 0.65
N ASN A 321 -20.44 17.13 0.22
CA ASN A 321 -21.00 16.05 1.04
C ASN A 321 -20.15 15.75 2.29
N ALA A 322 -18.84 15.98 2.19
CA ALA A 322 -17.92 15.70 3.29
C ALA A 322 -17.84 16.81 4.34
N CYS A 323 -18.25 18.01 3.99
CA CYS A 323 -18.30 19.14 4.93
C CYS A 323 -19.30 18.87 6.06
N ILE A 324 -18.97 19.33 7.27
CA ILE A 324 -19.85 19.20 8.43
C ILE A 324 -19.92 20.47 9.26
N ALA A 325 -21.10 20.78 9.78
CA ALA A 325 -21.30 21.95 10.63
C ALA A 325 -21.85 21.54 12.00
N LEU A 326 -21.12 21.90 13.06
CA LEU A 326 -21.58 21.69 14.43
C LEU A 326 -22.77 22.60 14.71
N ASN A 327 -22.59 23.88 14.39
CA ASN A 327 -23.65 24.88 14.42
C ASN A 327 -23.48 25.86 13.26
N ASP A 328 -24.25 26.96 13.27
CA ASP A 328 -24.22 27.91 12.16
C ASP A 328 -22.93 28.75 12.05
N SER A 329 -22.08 28.68 13.08
CA SER A 329 -20.83 29.45 13.06
C SER A 329 -19.56 28.62 13.31
N PHE A 330 -19.71 27.31 13.48
CA PHE A 330 -18.56 26.42 13.66
C PHE A 330 -18.63 25.26 12.68
N VAL A 331 -17.67 25.22 11.75
CA VAL A 331 -17.77 24.38 10.56
C VAL A 331 -16.45 23.67 10.21
N LYS A 332 -16.55 22.48 9.61
CA LYS A 332 -15.42 21.75 9.07
C LYS A 332 -15.57 21.62 7.56
N LEU A 333 -14.62 22.20 6.82
CA LEU A 333 -14.68 22.20 5.36
C LEU A 333 -13.61 21.32 4.75
N ILE A 334 -14.01 20.54 3.74
CA ILE A 334 -13.15 19.56 3.09
C ILE A 334 -12.87 19.96 1.64
N SER A 335 -11.59 20.10 1.31
CA SER A 335 -11.19 20.47 -0.05
C SER A 335 -10.02 19.67 -0.61
N TRP A 336 -10.24 19.09 -1.79
CA TRP A 336 -9.26 18.23 -2.44
C TRP A 336 -8.26 19.00 -3.30
N TYR A 337 -7.10 18.40 -3.50
CA TYR A 337 -6.11 18.89 -4.45
C TYR A 337 -5.14 17.80 -4.88
N ASP A 338 -4.85 17.76 -6.18
CA ASP A 338 -3.73 16.98 -6.67
C ASP A 338 -2.48 17.80 -6.41
N ASN A 339 -1.75 17.43 -5.36
CA ASN A 339 -0.57 18.19 -4.93
C ASN A 339 0.50 18.34 -6.01
N GLU A 340 0.50 17.41 -6.97
CA GLU A 340 1.42 17.44 -8.08
C GLU A 340 0.85 18.22 -9.27
N SER A 341 -0.31 17.81 -9.76
CA SER A 341 -0.90 18.39 -10.99
C SER A 341 -1.48 19.80 -10.82
N GLY A 342 -2.19 20.02 -9.72
CA GLY A 342 -2.78 21.33 -9.41
C GLY A 342 -1.71 22.40 -9.29
N TYR A 343 -0.76 22.18 -8.40
CA TYR A 343 0.32 23.13 -8.15
C TYR A 343 1.17 23.42 -9.40
N SER A 344 1.47 22.36 -10.15
CA SER A 344 2.29 22.50 -11.37
C SER A 344 1.61 23.41 -12.41
N ASN A 345 0.29 23.25 -12.56
CA ASN A 345 -0.48 24.12 -13.44
C ASN A 345 -0.51 25.58 -12.96
N ARG A 346 -0.52 25.77 -11.64
CA ARG A 346 -0.47 27.11 -11.05
C ARG A 346 0.88 27.80 -11.25
N LEU A 347 1.96 27.04 -11.12
CA LEU A 347 3.30 27.60 -11.36
C LEU A 347 3.42 28.06 -12.80
N VAL A 348 2.91 27.25 -13.72
CA VAL A 348 2.83 27.60 -15.15
C VAL A 348 1.91 28.82 -15.36
N ASP A 349 0.77 28.85 -14.67
CA ASP A 349 -0.12 30.02 -14.70
C ASP A 349 0.61 31.28 -14.24
N LEU A 350 1.41 31.14 -13.18
CA LEU A 350 2.14 32.27 -12.60
C LEU A 350 3.25 32.75 -13.53
N ALA A 351 3.96 31.81 -14.16
CA ALA A 351 4.99 32.15 -15.15
C ALA A 351 4.40 32.93 -16.33
N VAL A 352 3.25 32.47 -16.83
CA VAL A 352 2.53 33.14 -17.91
C VAL A 352 2.09 34.55 -17.47
N TYR A 353 1.54 34.65 -16.27
CA TYR A 353 1.12 35.95 -15.73
C TYR A 353 2.30 36.91 -15.57
N VAL A 354 3.42 36.38 -15.05
CA VAL A 354 4.66 37.16 -14.90
C VAL A 354 5.15 37.70 -16.26
N ALA A 355 5.13 36.84 -17.27
CA ALA A 355 5.51 37.23 -18.63
C ALA A 355 4.61 38.33 -19.17
N SER A 356 3.31 38.22 -18.91
CA SER A 356 2.33 39.19 -19.41
C SER A 356 2.52 40.58 -18.81
N ARG A 357 3.12 40.63 -17.62
CA ARG A 357 3.37 41.89 -16.92
C ARG A 357 4.62 42.62 -17.40
N GLY A 358 5.46 41.93 -18.16
CA GLY A 358 6.68 42.51 -18.73
C GLY A 358 7.94 41.98 -18.09
N LEU A 359 8.79 41.35 -18.90
CA LEU A 359 10.04 40.74 -18.42
C LEU A 359 11.20 41.71 -18.48
N THR B 22 -14.15 -16.41 38.34
CA THR B 22 -13.72 -16.24 36.92
C THR B 22 -14.92 -16.13 35.98
N ALA B 23 -15.03 -14.97 35.33
CA ALA B 23 -16.05 -14.73 34.32
C ALA B 23 -15.80 -15.59 33.09
N THR B 24 -16.88 -16.02 32.43
CA THR B 24 -16.77 -16.77 31.18
C THR B 24 -17.37 -15.98 30.02
N LEU B 25 -16.71 -16.07 28.87
CA LEU B 25 -17.10 -15.30 27.70
C LEU B 25 -17.44 -16.21 26.52
N GLY B 26 -18.54 -15.87 25.83
CA GLY B 26 -18.83 -16.43 24.52
C GLY B 26 -18.66 -15.33 23.48
N ILE B 27 -18.18 -15.70 22.30
CA ILE B 27 -17.97 -14.74 21.22
C ILE B 27 -18.86 -15.07 20.03
N ASN B 28 -19.73 -14.12 19.66
CA ASN B 28 -20.52 -14.23 18.44
C ASN B 28 -19.92 -13.33 17.37
N GLY B 29 -19.46 -13.93 16.27
CA GLY B 29 -18.73 -13.20 15.24
C GLY B 29 -17.24 -13.24 15.56
N PHE B 30 -16.54 -14.18 14.94
CA PHE B 30 -15.12 -14.41 15.20
C PHE B 30 -14.26 -13.65 14.19
N GLY B 31 -14.50 -12.34 14.10
CA GLY B 31 -13.79 -11.49 13.14
C GLY B 31 -12.61 -10.77 13.74
N ARG B 32 -12.29 -9.59 13.21
CA ARG B 32 -11.17 -8.81 13.74
C ARG B 32 -11.31 -8.56 15.24
N ILE B 33 -12.49 -8.10 15.67
CA ILE B 33 -12.72 -7.82 17.09
C ILE B 33 -12.86 -9.11 17.89
N GLY B 34 -13.64 -10.06 17.39
CA GLY B 34 -13.87 -11.33 18.06
C GLY B 34 -12.58 -12.10 18.37
N ARG B 35 -11.69 -12.16 17.39
CA ARG B 35 -10.43 -12.90 17.55
C ARG B 35 -9.48 -12.19 18.51
N LEU B 36 -9.44 -10.86 18.43
CA LEU B 36 -8.56 -10.09 19.31
C LEU B 36 -9.11 -9.98 20.73
N VAL B 37 -10.43 -10.08 20.88
CA VAL B 37 -11.05 -10.24 22.19
C VAL B 37 -10.61 -11.56 22.83
N LEU B 38 -10.65 -12.65 22.05
CA LEU B 38 -10.16 -13.94 22.51
C LEU B 38 -8.68 -13.88 22.92
N ARG B 39 -7.86 -13.24 22.08
CA ARG B 39 -6.44 -13.07 22.37
C ARG B 39 -6.21 -12.29 23.67
N ALA B 40 -7.02 -11.25 23.88
CA ALA B 40 -6.96 -10.45 25.11
C ALA B 40 -7.33 -11.27 26.33
N CYS B 41 -8.27 -12.20 26.17
CA CYS B 41 -8.70 -13.08 27.27
C CYS B 41 -7.63 -14.10 27.64
N MET B 42 -6.93 -14.63 26.63
CA MET B 42 -5.86 -15.61 26.85
C MET B 42 -4.70 -15.02 27.65
N GLU B 43 -4.58 -13.70 27.61
CA GLU B 43 -3.56 -12.98 28.36
C GLU B 43 -3.99 -12.73 29.81
N ARG B 44 -5.23 -13.11 30.13
CA ARG B 44 -5.85 -12.76 31.41
C ARG B 44 -6.30 -13.96 32.23
N ASN B 45 -6.28 -13.78 33.54
CA ASN B 45 -6.60 -14.85 34.48
C ASN B 45 -8.00 -14.76 35.09
N ASP B 46 -8.65 -13.60 34.89
CA ASP B 46 -9.96 -13.32 35.48
C ASP B 46 -11.12 -13.52 34.51
N ILE B 47 -10.82 -14.00 33.30
CA ILE B 47 -11.85 -14.26 32.29
C ILE B 47 -11.38 -15.34 31.30
N THR B 48 -12.31 -16.20 30.89
CA THR B 48 -12.02 -17.29 29.95
C THR B 48 -13.06 -17.35 28.84
N VAL B 49 -12.60 -17.52 27.60
CA VAL B 49 -13.51 -17.78 26.47
C VAL B 49 -13.85 -19.27 26.46
N VAL B 50 -15.15 -19.59 26.48
CA VAL B 50 -15.60 -20.99 26.53
C VAL B 50 -16.40 -21.42 25.30
N ALA B 51 -16.79 -20.44 24.47
CA ALA B 51 -17.60 -20.71 23.28
C ALA B 51 -17.43 -19.65 22.19
N ILE B 52 -17.48 -20.09 20.93
CA ILE B 52 -17.42 -19.21 19.76
C ILE B 52 -18.49 -19.61 18.76
N ASN B 53 -19.18 -18.62 18.19
CA ASN B 53 -20.13 -18.86 17.11
C ASN B 53 -19.84 -18.01 15.87
N ASP B 54 -19.72 -18.67 14.71
CA ASP B 54 -19.54 -18.00 13.42
C ASP B 54 -19.90 -18.98 12.30
N PRO B 55 -21.03 -18.74 11.60
CA PRO B 55 -21.53 -19.65 10.57
C PRO B 55 -20.78 -19.58 9.22
N PHE B 56 -19.89 -18.60 9.06
CA PHE B 56 -19.16 -18.43 7.81
C PHE B 56 -17.73 -18.94 7.92
N MET B 57 -17.52 -19.80 8.91
CA MET B 57 -16.19 -20.20 9.32
C MET B 57 -16.30 -21.55 10.02
N ASP B 58 -15.78 -22.61 9.41
CA ASP B 58 -15.74 -23.90 10.10
C ASP B 58 -14.59 -23.93 11.10
N VAL B 59 -14.59 -24.94 11.98
CA VAL B 59 -13.63 -25.02 13.08
C VAL B 59 -12.15 -25.00 12.63
N GLU B 60 -11.88 -25.63 11.48
CA GLU B 60 -10.52 -25.62 10.92
C GLU B 60 -10.11 -24.21 10.49
N TYR B 61 -11.05 -23.50 9.87
CA TYR B 61 -10.82 -22.11 9.43
C TYR B 61 -10.64 -21.19 10.63
N MET B 62 -11.45 -21.38 11.67
CA MET B 62 -11.34 -20.63 12.93
C MET B 62 -9.93 -20.76 13.53
N ALA B 63 -9.46 -22.00 13.60
CA ALA B 63 -8.12 -22.31 14.10
C ALA B 63 -7.06 -21.54 13.29
N TYR B 64 -7.19 -21.59 11.97
CA TYR B 64 -6.28 -20.92 11.05
C TYR B 64 -6.23 -19.40 11.28
N LEU B 65 -7.41 -18.78 11.38
CA LEU B 65 -7.51 -17.33 11.54
C LEU B 65 -7.10 -16.83 12.93
N LEU B 66 -7.21 -17.71 13.93
CA LEU B 66 -6.67 -17.41 15.26
C LEU B 66 -5.16 -17.54 15.28
N LYS B 67 -4.65 -18.64 14.71
CA LYS B 67 -3.20 -18.90 14.66
C LYS B 67 -2.42 -17.79 13.97
N TYR B 68 -2.93 -17.31 12.85
CA TYR B 68 -2.22 -16.35 12.00
C TYR B 68 -2.94 -15.01 11.90
N ASP B 69 -2.18 -13.93 12.11
CA ASP B 69 -2.72 -12.58 12.00
C ASP B 69 -1.76 -11.68 11.23
N SER B 70 -2.29 -11.01 10.20
CA SER B 70 -1.48 -10.14 9.32
C SER B 70 -1.00 -8.86 9.99
N VAL B 71 -1.58 -8.53 11.13
CA VAL B 71 -1.21 -7.32 11.88
C VAL B 71 -0.57 -7.63 13.23
N HIS B 72 -1.16 -8.57 13.96
CA HIS B 72 -0.78 -8.82 15.35
C HIS B 72 0.06 -10.08 15.57
N GLY B 73 0.55 -10.66 14.47
CA GLY B 73 1.49 -11.77 14.51
C GLY B 73 0.88 -13.12 14.88
N ASN B 74 1.73 -14.13 15.00
CA ASN B 74 1.33 -15.49 15.37
C ASN B 74 0.67 -15.51 16.74
N PHE B 75 -0.35 -16.34 16.88
CA PHE B 75 -0.98 -16.55 18.19
C PHE B 75 0.07 -17.11 19.15
N ASN B 76 0.18 -16.49 20.32
CA ASN B 76 1.10 -16.95 21.35
C ASN B 76 0.42 -18.01 22.22
N GLY B 77 0.54 -19.26 21.78
CA GLY B 77 -0.10 -20.38 22.46
C GLY B 77 -0.38 -21.51 21.51
N THR B 78 -1.15 -22.50 21.98
CA THR B 78 -1.46 -23.68 21.18
C THR B 78 -2.93 -23.69 20.76
N VAL B 79 -3.15 -23.97 19.48
CA VAL B 79 -4.50 -24.10 18.93
C VAL B 79 -4.59 -25.43 18.18
N GLU B 80 -5.52 -26.28 18.59
CA GLU B 80 -5.79 -27.54 17.88
C GLU B 80 -7.30 -27.75 17.71
N VAL B 81 -7.67 -28.45 16.65
CA VAL B 81 -9.06 -28.85 16.42
C VAL B 81 -9.35 -30.12 17.23
N SER B 82 -10.39 -30.07 18.04
CA SER B 82 -10.83 -31.21 18.84
C SER B 82 -12.27 -31.57 18.49
N GLY B 83 -12.43 -32.48 17.54
CA GLY B 83 -13.74 -32.84 17.00
C GLY B 83 -14.28 -31.72 16.15
N LYS B 84 -15.37 -31.10 16.61
CA LYS B 84 -15.94 -29.92 15.95
C LYS B 84 -15.61 -28.65 16.74
N ASP B 85 -14.88 -28.83 17.84
CA ASP B 85 -14.53 -27.74 18.75
C ASP B 85 -13.04 -27.40 18.68
N LEU B 86 -12.66 -26.33 19.37
CA LEU B 86 -11.25 -25.93 19.46
C LEU B 86 -10.65 -26.28 20.81
N CYS B 87 -9.37 -26.60 20.81
CA CYS B 87 -8.60 -26.76 22.04
C CYS B 87 -7.50 -25.71 22.06
N ILE B 88 -7.64 -24.72 22.94
CA ILE B 88 -6.69 -23.61 23.02
C ILE B 88 -6.02 -23.61 24.38
N ASN B 89 -4.69 -23.76 24.37
CA ASN B 89 -3.89 -23.89 25.60
C ASN B 89 -4.45 -24.95 26.56
N GLY B 90 -4.91 -26.05 25.99
CA GLY B 90 -5.40 -27.19 26.76
C GLY B 90 -6.88 -27.21 27.13
N LYS B 91 -7.57 -26.09 26.90
CA LYS B 91 -8.99 -25.98 27.28
C LYS B 91 -9.94 -26.05 26.07
N VAL B 92 -11.06 -26.73 26.27
CA VAL B 92 -12.06 -26.92 25.22
C VAL B 92 -12.87 -25.64 25.06
N VAL B 93 -12.88 -25.12 23.83
CA VAL B 93 -13.72 -23.99 23.48
C VAL B 93 -14.76 -24.51 22.48
N LYS B 94 -16.02 -24.52 22.89
CA LYS B 94 -17.10 -25.03 22.05
C LYS B 94 -17.32 -24.14 20.83
N VAL B 95 -17.51 -24.77 19.67
CA VAL B 95 -17.66 -24.04 18.42
C VAL B 95 -19.02 -24.33 17.78
N PHE B 96 -19.71 -23.27 17.38
CA PHE B 96 -21.03 -23.40 16.75
C PHE B 96 -21.06 -22.63 15.43
N GLN B 97 -22.03 -22.99 14.58
CA GLN B 97 -22.22 -22.36 13.27
C GLN B 97 -23.68 -21.95 13.04
N ALA B 98 -24.25 -21.23 14.00
CA ALA B 98 -25.63 -20.77 13.90
C ALA B 98 -25.72 -19.35 13.33
N LYS B 99 -26.65 -19.15 12.38
CA LYS B 99 -26.95 -17.82 11.87
C LYS B 99 -27.86 -17.07 12.84
N ASP B 100 -28.74 -17.83 13.50
CA ASP B 100 -29.70 -17.30 14.46
C ASP B 100 -29.08 -17.34 15.86
N PRO B 101 -28.91 -16.16 16.50
CA PRO B 101 -28.38 -16.05 17.87
C PRO B 101 -29.17 -16.87 18.90
N ALA B 102 -30.47 -17.00 18.67
CA ALA B 102 -31.36 -17.73 19.56
C ALA B 102 -31.07 -19.23 19.61
N GLU B 103 -30.32 -19.72 18.62
CA GLU B 103 -29.99 -21.14 18.51
C GLU B 103 -28.66 -21.54 19.18
N ILE B 104 -27.91 -20.56 19.68
CA ILE B 104 -26.61 -20.83 20.30
C ILE B 104 -26.76 -21.21 21.77
N PRO B 105 -26.29 -22.42 22.15
CA PRO B 105 -26.46 -22.85 23.53
C PRO B 105 -25.36 -22.30 24.46
N TRP B 106 -25.43 -21.00 24.73
CA TRP B 106 -24.45 -20.32 25.60
C TRP B 106 -24.45 -20.89 27.02
N GLY B 107 -25.64 -21.10 27.57
CA GLY B 107 -25.82 -21.60 28.93
C GLY B 107 -25.23 -22.98 29.12
N ALA B 108 -25.57 -23.89 28.21
CA ALA B 108 -25.03 -25.26 28.20
C ALA B 108 -23.52 -25.28 28.06
N SER B 109 -22.98 -24.31 27.32
CA SER B 109 -21.53 -24.17 27.09
C SER B 109 -20.80 -23.58 28.30
N GLY B 110 -21.55 -22.93 29.19
CA GLY B 110 -20.99 -22.31 30.38
C GLY B 110 -20.62 -20.85 30.21
N ALA B 111 -21.10 -20.24 29.12
CA ALA B 111 -20.78 -18.85 28.80
C ALA B 111 -21.75 -17.87 29.46
N GLN B 112 -21.22 -17.03 30.35
CA GLN B 112 -22.02 -16.07 31.11
C GLN B 112 -22.31 -14.80 30.31
N ILE B 113 -21.25 -14.23 29.73
CA ILE B 113 -21.34 -12.98 28.99
C ILE B 113 -21.00 -13.21 27.52
N VAL B 114 -21.78 -12.60 26.63
CA VAL B 114 -21.55 -12.74 25.19
C VAL B 114 -21.02 -11.46 24.57
N CYS B 115 -19.88 -11.58 23.88
CA CYS B 115 -19.35 -10.54 23.02
C CYS B 115 -20.06 -10.61 21.68
N GLU B 116 -20.96 -9.66 21.45
CA GLU B 116 -21.72 -9.59 20.21
C GLU B 116 -20.94 -8.75 19.19
N SER B 117 -20.12 -9.44 18.39
CA SER B 117 -19.17 -8.77 17.49
C SER B 117 -19.34 -9.19 16.02
N THR B 118 -20.59 -9.40 15.62
CA THR B 118 -20.91 -9.76 14.23
C THR B 118 -21.09 -8.53 13.35
N GLY B 119 -21.48 -7.42 13.98
CA GLY B 119 -21.83 -6.20 13.26
C GLY B 119 -23.26 -6.15 12.72
N VAL B 120 -24.03 -7.20 12.96
CA VAL B 120 -25.39 -7.30 12.40
C VAL B 120 -26.51 -7.48 13.44
N PHE B 121 -26.15 -7.47 14.72
CA PHE B 121 -27.12 -7.61 15.80
C PHE B 121 -26.97 -6.46 16.80
N THR B 122 -27.07 -5.24 16.30
CA THR B 122 -26.75 -4.05 17.09
C THR B 122 -27.97 -3.38 17.73
N THR B 123 -29.01 -4.16 18.01
CA THR B 123 -30.18 -3.68 18.75
C THR B 123 -30.49 -4.61 19.91
N GLU B 124 -31.21 -4.10 20.91
CA GLU B 124 -31.66 -4.91 22.04
C GLU B 124 -32.51 -6.11 21.57
N GLU B 125 -33.39 -5.86 20.61
CA GLU B 125 -34.27 -6.90 20.04
C GLU B 125 -33.46 -8.08 19.49
N LYS B 126 -32.36 -7.77 18.79
CA LYS B 126 -31.52 -8.79 18.17
C LYS B 126 -30.51 -9.39 19.15
N ALA B 127 -29.87 -8.53 19.95
CA ALA B 127 -28.82 -8.98 20.87
C ALA B 127 -29.36 -9.76 22.08
N SER B 128 -30.61 -9.50 22.46
CA SER B 128 -31.24 -10.19 23.58
C SER B 128 -31.59 -11.64 23.23
N LEU B 129 -31.50 -11.99 21.95
CA LEU B 129 -31.72 -13.37 21.52
C LEU B 129 -30.70 -14.34 22.13
N HIS B 130 -29.52 -13.82 22.46
CA HIS B 130 -28.48 -14.59 23.15
C HIS B 130 -28.94 -15.06 24.54
N LEU B 131 -29.88 -14.33 25.13
CA LEU B 131 -30.41 -14.67 26.46
C LEU B 131 -31.31 -15.90 26.40
N LYS B 132 -31.92 -16.14 25.25
CA LYS B 132 -32.76 -17.33 25.03
C LYS B 132 -31.95 -18.62 25.17
N GLY B 133 -30.67 -18.56 24.80
CA GLY B 133 -29.78 -19.72 24.90
C GLY B 133 -29.04 -19.83 26.22
N GLY B 134 -29.38 -18.99 27.18
CA GLY B 134 -28.86 -19.11 28.54
C GLY B 134 -27.76 -18.14 28.94
N ALA B 135 -27.34 -17.28 28.03
CA ALA B 135 -26.39 -16.21 28.37
C ALA B 135 -27.06 -15.25 29.36
N LYS B 136 -26.24 -14.68 30.24
CA LYS B 136 -26.74 -13.78 31.28
C LYS B 136 -26.68 -12.32 30.84
N LYS B 137 -25.57 -11.94 30.20
CA LYS B 137 -25.34 -10.58 29.75
C LYS B 137 -24.79 -10.57 28.33
N VAL B 138 -25.06 -9.48 27.61
CA VAL B 138 -24.56 -9.30 26.24
C VAL B 138 -23.92 -7.93 26.09
N ILE B 139 -22.71 -7.90 25.52
CA ILE B 139 -22.03 -6.66 25.16
C ILE B 139 -21.92 -6.54 23.64
N ILE B 140 -22.66 -5.58 23.08
CA ILE B 140 -22.57 -5.26 21.65
C ILE B 140 -21.26 -4.52 21.39
N SER B 141 -20.47 -5.02 20.44
CA SER B 141 -19.15 -4.45 20.15
C SER B 141 -19.22 -3.26 19.19
N ALA B 142 -20.27 -2.45 19.33
CA ALA B 142 -20.52 -1.30 18.45
C ALA B 142 -21.55 -0.36 19.08
N PRO B 143 -21.61 0.90 18.62
CA PRO B 143 -22.75 1.74 18.99
C PRO B 143 -24.04 1.08 18.50
N PRO B 144 -25.06 0.99 19.37
CA PRO B 144 -26.33 0.37 18.96
C PRO B 144 -27.13 1.23 18.00
N LYS B 145 -28.02 0.60 17.25
CA LYS B 145 -28.96 1.32 16.39
C LYS B 145 -30.16 1.83 17.18
N ASP B 146 -30.34 1.29 18.39
CA ASP B 146 -31.41 1.71 19.28
C ASP B 146 -30.83 2.38 20.54
N ASN B 147 -31.51 2.25 21.68
CA ASN B 147 -31.10 2.91 22.92
C ASN B 147 -30.40 2.03 23.96
N VAL B 148 -29.83 0.91 23.52
CA VAL B 148 -28.94 0.12 24.38
C VAL B 148 -27.88 1.06 24.96
N PRO B 149 -27.70 1.04 26.30
CA PRO B 149 -26.74 1.94 26.95
C PRO B 149 -25.28 1.65 26.56
N MET B 150 -24.54 2.70 26.23
CA MET B 150 -23.13 2.59 25.90
C MET B 150 -22.26 2.93 27.09
N TYR B 151 -21.24 2.11 27.34
CA TYR B 151 -20.30 2.36 28.41
C TYR B 151 -18.86 2.41 27.91
N VAL B 152 -18.13 3.43 28.35
CA VAL B 152 -16.72 3.57 28.05
C VAL B 152 -15.95 3.50 29.36
N MET B 153 -15.05 2.54 29.47
CA MET B 153 -14.25 2.34 30.68
C MET B 153 -13.46 3.61 31.00
N GLY B 154 -13.53 4.02 32.27
CA GLY B 154 -12.84 5.23 32.73
C GLY B 154 -13.61 6.50 32.51
N VAL B 155 -14.81 6.39 31.93
CA VAL B 155 -15.64 7.55 31.63
C VAL B 155 -17.01 7.47 32.31
N ASN B 156 -17.80 6.44 31.99
CA ASN B 156 -19.15 6.32 32.53
C ASN B 156 -19.57 4.90 32.91
N ASN B 157 -18.62 3.96 32.92
CA ASN B 157 -18.96 2.54 33.11
C ASN B 157 -19.60 2.21 34.46
N THR B 158 -19.36 3.05 35.46
CA THR B 158 -19.93 2.85 36.81
C THR B 158 -21.43 3.17 36.87
N GLU B 159 -21.95 3.77 35.81
CA GLU B 159 -23.37 4.09 35.71
C GLU B 159 -24.20 2.85 35.33
N TYR B 160 -23.51 1.77 34.95
CA TYR B 160 -24.16 0.49 34.64
C TYR B 160 -24.95 -0.04 35.82
N ASP B 161 -26.19 -0.44 35.56
CA ASP B 161 -27.05 -1.02 36.58
C ASP B 161 -27.48 -2.43 36.15
N PRO B 162 -26.95 -3.46 36.83
CA PRO B 162 -27.23 -4.86 36.51
C PRO B 162 -28.71 -5.25 36.63
N SER B 163 -29.45 -4.55 37.49
CA SER B 163 -30.88 -4.81 37.67
C SER B 163 -31.72 -4.25 36.52
N LYS B 164 -31.14 -3.34 35.75
CA LYS B 164 -31.85 -2.69 34.64
C LYS B 164 -31.50 -3.23 33.26
N PHE B 165 -30.24 -3.58 33.04
CA PHE B 165 -29.76 -3.95 31.71
C PHE B 165 -29.05 -5.30 31.65
N ASN B 166 -29.50 -6.16 30.73
CA ASN B 166 -28.82 -7.40 30.40
C ASN B 166 -28.09 -7.30 29.07
N VAL B 167 -28.45 -6.27 28.30
CA VAL B 167 -27.80 -5.98 27.01
C VAL B 167 -27.22 -4.57 27.05
N ILE B 168 -25.91 -4.49 26.82
CA ILE B 168 -25.18 -3.22 26.84
C ILE B 168 -24.25 -3.11 25.62
N SER B 169 -23.62 -1.95 25.48
CA SER B 169 -22.69 -1.68 24.38
C SER B 169 -21.38 -1.11 24.89
N ASN B 170 -20.28 -1.45 24.21
CA ASN B 170 -18.96 -0.91 24.53
C ASN B 170 -18.60 0.28 23.63
N ALA B 171 -19.60 0.82 22.93
CA ALA B 171 -19.45 1.92 21.97
C ALA B 171 -18.52 1.52 20.81
N SER B 172 -17.77 2.49 20.27
CA SER B 172 -16.82 2.22 19.19
C SER B 172 -15.39 2.52 19.63
N SER B 173 -14.42 2.13 18.80
CA SER B 173 -13.01 2.38 19.11
C SER B 173 -12.71 3.89 19.10
N THR B 174 -13.28 4.60 18.13
CA THR B 174 -13.11 6.06 18.06
C THR B 174 -13.75 6.75 19.26
N THR B 175 -14.92 6.27 19.69
CA THR B 175 -15.57 6.77 20.91
C THR B 175 -14.70 6.52 22.13
N ASN B 176 -14.08 5.34 22.20
CA ASN B 176 -13.16 5.01 23.29
C ASN B 176 -11.87 5.84 23.28
N CYS B 177 -11.50 6.37 22.12
CA CYS B 177 -10.35 7.28 22.03
C CYS B 177 -10.77 8.71 22.38
N LEU B 178 -11.87 9.16 21.79
CA LEU B 178 -12.34 10.53 21.96
C LEU B 178 -12.86 10.84 23.36
N ALA B 179 -13.68 9.95 23.91
CA ALA B 179 -14.39 10.19 25.18
C ALA B 179 -13.51 10.46 26.42
N PRO B 180 -12.49 9.61 26.68
CA PRO B 180 -11.60 9.91 27.82
C PRO B 180 -10.90 11.25 27.68
N LEU B 181 -10.37 11.55 26.50
CA LEU B 181 -9.71 12.82 26.23
C LEU B 181 -10.67 14.00 26.38
N ALA B 182 -11.86 13.88 25.77
CA ALA B 182 -12.89 14.92 25.84
C ALA B 182 -13.38 15.17 27.27
N LYS B 183 -13.46 14.11 28.07
CA LYS B 183 -13.82 14.23 29.49
C LYS B 183 -12.77 15.01 30.28
N ILE B 184 -11.50 14.69 30.07
CA ILE B 184 -10.39 15.38 30.75
C ILE B 184 -10.39 16.88 30.43
N ILE B 185 -10.61 17.20 29.16
CA ILE B 185 -10.62 18.59 28.69
C ILE B 185 -11.85 19.35 29.23
N ASN B 186 -13.01 18.70 29.17
CA ASN B 186 -14.25 19.32 29.66
C ASN B 186 -14.27 19.52 31.18
N ASP B 187 -13.64 18.60 31.92
CA ASP B 187 -13.55 18.70 33.38
C ASP B 187 -12.61 19.81 33.82
N LYS B 188 -11.42 19.88 33.19
CA LYS B 188 -10.38 20.82 33.58
C LYS B 188 -10.58 22.22 33.01
N PHE B 189 -10.99 22.30 31.74
CA PHE B 189 -11.06 23.59 31.06
C PHE B 189 -12.45 23.89 30.51
N GLY B 190 -13.17 22.84 30.11
CA GLY B 190 -14.48 23.01 29.52
C GLY B 190 -14.40 23.17 28.02
N ILE B 191 -15.24 22.44 27.30
CA ILE B 191 -15.29 22.53 25.85
C ILE B 191 -16.50 23.38 25.45
N VAL B 192 -16.22 24.52 24.82
CA VAL B 192 -17.27 25.39 24.29
C VAL B 192 -17.89 24.69 23.08
N GLU B 193 -17.03 24.38 22.11
CA GLU B 193 -17.41 23.62 20.92
C GLU B 193 -16.18 22.94 20.32
N GLY B 194 -16.41 21.81 19.66
CA GLY B 194 -15.32 21.06 19.05
C GLY B 194 -15.74 20.27 17.82
N LEU B 195 -14.80 20.11 16.90
CA LEU B 195 -14.98 19.26 15.73
C LEU B 195 -13.80 18.33 15.58
N MET B 196 -14.06 17.09 15.21
CA MET B 196 -13.02 16.09 15.12
C MET B 196 -12.99 15.33 13.80
N THR B 197 -11.81 14.81 13.47
CA THR B 197 -11.64 13.86 12.38
C THR B 197 -10.83 12.70 12.91
N THR B 198 -11.22 11.49 12.54
CA THR B 198 -10.36 10.34 12.75
C THR B 198 -9.75 9.88 11.43
N VAL B 199 -8.42 9.96 11.34
CA VAL B 199 -7.70 9.36 10.21
C VAL B 199 -7.58 7.89 10.58
N HIS B 200 -8.33 7.07 9.86
CA HIS B 200 -8.68 5.74 10.30
C HIS B 200 -8.21 4.66 9.32
N SER B 201 -7.58 3.62 9.85
CA SER B 201 -7.18 2.46 9.05
C SER B 201 -8.39 1.78 8.42
N LEU B 202 -8.15 1.04 7.33
CA LEU B 202 -9.23 0.35 6.64
C LEU B 202 -9.84 -0.78 7.48
N THR B 203 -11.08 -1.14 7.17
CA THR B 203 -11.79 -2.20 7.90
C THR B 203 -12.43 -3.21 6.96
N ALA B 204 -13.08 -4.22 7.55
CA ALA B 204 -13.69 -5.33 6.81
C ALA B 204 -14.78 -4.94 5.81
N ASN B 205 -15.49 -3.85 6.09
CA ASN B 205 -16.58 -3.37 5.24
CA ASN B 205 -16.58 -3.39 5.22
C ASN B 205 -16.09 -2.73 3.93
N GLN B 206 -14.81 -2.36 3.91
CA GLN B 206 -14.21 -1.76 2.72
C GLN B 206 -13.84 -2.83 1.69
N LEU B 207 -13.52 -2.41 0.48
CA LEU B 207 -13.30 -3.33 -0.64
C LEU B 207 -11.91 -3.17 -1.25
N THR B 208 -11.36 -4.30 -1.73
CA THR B 208 -10.03 -4.29 -2.35
C THR B 208 -10.00 -3.55 -3.68
N VAL B 209 -11.11 -3.59 -4.43
CA VAL B 209 -11.26 -2.85 -5.67
C VAL B 209 -12.63 -2.17 -5.73
N ASP B 210 -12.77 -1.18 -6.61
CA ASP B 210 -14.04 -0.46 -6.81
C ASP B 210 -15.21 -1.43 -7.00
N GLY B 211 -16.18 -1.35 -6.11
CA GLY B 211 -17.36 -2.21 -6.16
C GLY B 211 -18.52 -1.68 -5.33
N PRO B 212 -19.65 -2.41 -5.32
CA PRO B 212 -20.81 -1.97 -4.55
C PRO B 212 -20.73 -2.32 -3.07
N SER B 213 -20.93 -1.34 -2.21
CA SER B 213 -21.03 -1.59 -0.77
C SER B 213 -22.34 -2.30 -0.46
N LYS B 214 -22.34 -3.10 0.61
CA LYS B 214 -23.55 -3.80 1.06
C LYS B 214 -24.69 -2.81 1.30
N GLY B 215 -25.83 -3.04 0.64
CA GLY B 215 -26.97 -2.12 0.68
C GLY B 215 -26.72 -0.86 -0.12
N GLY B 216 -27.46 0.20 0.20
CA GLY B 216 -27.25 1.51 -0.42
C GLY B 216 -26.18 2.32 0.30
N LYS B 217 -25.75 1.80 1.45
CA LYS B 217 -24.81 2.46 2.35
C LYS B 217 -23.45 2.80 1.72
N ASP B 218 -22.98 4.03 2.00
CA ASP B 218 -21.59 4.45 1.80
C ASP B 218 -20.93 4.02 0.48
N TRP B 219 -21.18 4.78 -0.58
CA TRP B 219 -20.57 4.56 -1.90
C TRP B 219 -19.05 4.70 -1.85
N ARG B 220 -18.57 5.70 -1.11
CA ARG B 220 -17.13 5.94 -0.96
C ARG B 220 -16.40 4.74 -0.36
N ALA B 221 -17.03 4.09 0.62
CA ALA B 221 -16.44 2.93 1.30
C ALA B 221 -16.27 1.71 0.40
N GLY B 222 -16.88 1.77 -0.79
CA GLY B 222 -16.79 0.69 -1.76
C GLY B 222 -15.73 0.94 -2.82
N ARG B 223 -14.96 2.02 -2.64
CA ARG B 223 -13.88 2.36 -3.57
C ARG B 223 -12.57 1.69 -3.13
N CYS B 224 -11.74 1.32 -4.11
CA CYS B 224 -10.46 0.67 -3.87
C CYS B 224 -9.78 1.18 -2.60
N ALA B 225 -9.75 0.33 -1.56
CA ALA B 225 -9.21 0.73 -0.26
C ALA B 225 -7.71 1.00 -0.27
N GLY B 226 -6.98 0.26 -1.09
CA GLY B 226 -5.51 0.29 -1.07
C GLY B 226 -4.83 1.51 -1.66
N ASN B 227 -5.55 2.29 -2.47
CA ASN B 227 -4.94 3.45 -3.10
C ASN B 227 -5.73 4.76 -2.97
N ASN B 228 -6.70 4.77 -2.05
CA ASN B 228 -7.57 5.92 -1.85
C ASN B 228 -7.53 6.51 -0.44
N ILE B 229 -7.62 7.84 -0.38
CA ILE B 229 -8.02 8.55 0.83
C ILE B 229 -9.54 8.71 0.72
N ILE B 230 -10.27 8.24 1.73
CA ILE B 230 -11.72 8.08 1.62
C ILE B 230 -12.48 8.76 2.76
N PRO B 231 -13.21 9.86 2.46
CA PRO B 231 -14.10 10.46 3.45
C PRO B 231 -15.16 9.47 3.91
N ALA B 232 -15.41 9.45 5.22
CA ALA B 232 -16.31 8.46 5.82
C ALA B 232 -17.03 9.03 7.03
N SER B 233 -17.90 8.21 7.62
CA SER B 233 -18.58 8.57 8.86
C SER B 233 -17.91 7.89 10.05
N THR B 234 -18.18 8.41 11.25
CA THR B 234 -17.68 7.79 12.48
C THR B 234 -18.80 7.66 13.51
N GLY B 235 -18.82 6.52 14.20
CA GLY B 235 -19.78 6.27 15.28
C GLY B 235 -19.61 7.23 16.43
N ALA B 236 -18.38 7.70 16.64
CA ALA B 236 -18.03 8.61 17.73
C ALA B 236 -18.66 9.99 17.61
N ALA B 237 -19.11 10.34 16.41
CA ALA B 237 -19.77 11.63 16.18
C ALA B 237 -21.07 11.74 16.99
N LYS B 238 -21.81 10.64 17.08
CA LYS B 238 -23.09 10.62 17.81
C LYS B 238 -23.00 9.94 19.17
N ALA B 239 -21.98 9.10 19.36
CA ALA B 239 -21.82 8.34 20.60
C ALA B 239 -21.25 9.17 21.75
N VAL B 240 -20.34 10.09 21.44
CA VAL B 240 -19.64 10.87 22.45
C VAL B 240 -20.59 11.75 23.28
N GLY B 241 -21.63 12.27 22.63
CA GLY B 241 -22.65 13.09 23.29
C GLY B 241 -23.69 12.29 24.05
N LYS B 242 -23.62 10.97 23.93
CA LYS B 242 -24.48 10.06 24.69
C LYS B 242 -23.74 9.52 25.91
N VAL B 243 -22.44 9.29 25.75
CA VAL B 243 -21.57 8.84 26.84
C VAL B 243 -21.30 9.99 27.81
N ILE B 244 -21.02 11.17 27.28
CA ILE B 244 -20.87 12.38 28.07
C ILE B 244 -21.99 13.35 27.64
N PRO B 245 -23.16 13.28 28.30
CA PRO B 245 -24.36 14.01 27.90
C PRO B 245 -24.19 15.53 27.81
N ALA B 246 -23.26 16.06 28.61
CA ALA B 246 -22.97 17.50 28.61
C ALA B 246 -22.40 17.99 27.27
N LEU B 247 -21.80 17.08 26.50
CA LEU B 247 -21.17 17.43 25.23
C LEU B 247 -22.09 17.20 24.02
N ASN B 248 -23.31 16.73 24.28
CA ASN B 248 -24.33 16.57 23.25
C ASN B 248 -24.67 17.89 22.58
N GLY B 249 -24.34 18.00 21.30
CA GLY B 249 -24.54 19.25 20.55
C GLY B 249 -23.32 20.15 20.55
N LYS B 250 -22.30 19.79 21.33
CA LYS B 250 -21.07 20.56 21.45
C LYS B 250 -19.90 19.91 20.71
N LEU B 251 -20.11 18.67 20.25
CA LEU B 251 -19.04 17.87 19.66
C LEU B 251 -19.58 16.88 18.62
N THR B 252 -19.01 16.95 17.43
CA THR B 252 -19.30 15.99 16.37
C THR B 252 -18.08 15.84 15.45
N GLY B 253 -18.17 14.94 14.47
CA GLY B 253 -17.03 14.71 13.58
C GLY B 253 -17.28 13.79 12.41
N MET B 254 -16.19 13.42 11.77
CA MET B 254 -16.21 12.57 10.58
C MET B 254 -14.94 11.71 10.56
N ALA B 255 -14.85 10.80 9.59
CA ALA B 255 -13.66 9.96 9.45
C ALA B 255 -13.02 10.16 8.08
N ILE B 256 -11.71 9.88 8.01
CA ILE B 256 -11.01 9.79 6.75
C ILE B 256 -10.27 8.44 6.71
N ARG B 257 -10.77 7.54 5.87
CA ARG B 257 -10.20 6.19 5.75
C ARG B 257 -8.97 6.17 4.84
N VAL B 258 -7.92 5.48 5.30
CA VAL B 258 -6.64 5.38 4.60
C VAL B 258 -6.15 3.92 4.50
N PRO B 259 -5.26 3.62 3.51
CA PRO B 259 -4.84 2.24 3.19
C PRO B 259 -4.18 1.38 4.29
N THR B 260 -3.81 1.96 5.43
CA THR B 260 -3.13 1.21 6.49
C THR B 260 -4.04 0.12 7.09
N PRO B 261 -3.47 -1.05 7.44
CA PRO B 261 -4.28 -2.19 7.92
C PRO B 261 -4.83 -2.08 9.35
N ASP B 262 -4.18 -1.28 10.21
CA ASP B 262 -4.61 -1.11 11.60
C ASP B 262 -3.97 0.13 12.23
N VAL B 263 -4.63 0.67 13.25
CA VAL B 263 -4.23 1.87 14.02
C VAL B 263 -4.79 3.14 13.39
N SER B 264 -5.39 3.98 14.24
CA SER B 264 -6.06 5.19 13.80
C SER B 264 -5.69 6.34 14.72
N VAL B 265 -6.06 7.55 14.35
CA VAL B 265 -5.68 8.74 15.11
C VAL B 265 -6.78 9.80 15.12
N VAL B 266 -7.11 10.29 16.32
CA VAL B 266 -8.13 11.32 16.48
C VAL B 266 -7.51 12.71 16.39
N ASP B 267 -8.10 13.54 15.54
CA ASP B 267 -7.68 14.91 15.32
C ASP B 267 -8.81 15.80 15.85
N LEU B 268 -8.67 16.26 17.09
CA LEU B 268 -9.71 17.03 17.78
C LEU B 268 -9.40 18.52 17.85
N THR B 269 -10.23 19.32 17.18
CA THR B 269 -10.09 20.77 17.18
C THR B 269 -11.20 21.39 18.03
N CYS B 270 -10.81 22.05 19.12
CA CYS B 270 -11.80 22.54 20.09
C CYS B 270 -11.52 23.93 20.65
N LYS B 271 -12.61 24.64 20.96
CA LYS B 271 -12.56 25.91 21.68
C LYS B 271 -12.75 25.63 23.17
N LEU B 272 -11.81 26.12 23.99
CA LEU B 272 -11.85 25.93 25.43
C LEU B 272 -12.55 27.09 26.14
N ALA B 273 -13.28 26.77 27.20
CA ALA B 273 -14.01 27.78 27.99
C ALA B 273 -13.08 28.56 28.91
N LYS B 274 -11.89 28.01 29.11
CA LYS B 274 -10.87 28.57 29.98
C LYS B 274 -9.53 28.45 29.26
N PRO B 275 -8.69 29.51 29.31
CA PRO B 275 -7.37 29.46 28.66
C PRO B 275 -6.50 28.32 29.17
N ALA B 276 -5.74 27.70 28.25
CA ALA B 276 -4.85 26.58 28.57
C ALA B 276 -3.83 26.36 27.46
N SER B 277 -2.58 26.13 27.84
CA SER B 277 -1.52 25.79 26.89
C SER B 277 -1.50 24.29 26.63
N ILE B 278 -0.69 23.87 25.66
CA ILE B 278 -0.47 22.45 25.37
C ILE B 278 0.13 21.75 26.58
N GLU B 279 1.06 22.43 27.26
CA GLU B 279 1.68 21.92 28.48
C GLU B 279 0.65 21.61 29.55
N GLU B 280 -0.24 22.56 29.82
CA GLU B 280 -1.30 22.40 30.82
C GLU B 280 -2.27 21.28 30.45
N ILE B 281 -2.63 21.18 29.17
CA ILE B 281 -3.45 20.10 28.65
C ILE B 281 -2.73 18.75 28.84
N TYR B 282 -1.45 18.73 28.48
CA TYR B 282 -0.59 17.55 28.64
C TYR B 282 -0.55 17.07 30.10
N GLN B 283 -0.45 18.02 31.03
CA GLN B 283 -0.40 17.70 32.46
C GLN B 283 -1.71 17.10 32.97
N ALA B 284 -2.83 17.68 32.53
CA ALA B 284 -4.15 17.18 32.87
C ALA B 284 -4.35 15.74 32.40
N VAL B 285 -3.90 15.45 31.19
CA VAL B 285 -3.92 14.09 30.63
C VAL B 285 -3.00 13.17 31.43
N LYS B 286 -1.80 13.66 31.74
CA LYS B 286 -0.82 12.91 32.52
C LYS B 286 -1.36 12.52 33.91
N GLU B 287 -2.05 13.46 34.56
CA GLU B 287 -2.65 13.22 35.88
C GLU B 287 -3.77 12.16 35.82
N ALA B 288 -4.63 12.27 34.83
CA ALA B 288 -5.70 11.29 34.63
C ALA B 288 -5.14 9.91 34.28
N SER B 289 -4.07 9.89 33.48
CA SER B 289 -3.41 8.66 33.06
C SER B 289 -2.73 7.94 34.23
N ASN B 290 -2.25 8.70 35.21
CA ASN B 290 -1.61 8.13 36.39
C ASN B 290 -2.59 7.96 37.55
N GLY B 291 -3.83 8.42 37.35
CA GLY B 291 -4.86 8.35 38.39
C GLY B 291 -6.08 7.53 38.00
N PRO B 292 -7.23 8.20 37.80
CA PRO B 292 -8.53 7.55 37.58
C PRO B 292 -8.70 6.86 36.23
N MET B 293 -7.81 7.14 35.28
CA MET B 293 -7.88 6.54 33.95
C MET B 293 -6.64 5.69 33.62
N LYS B 294 -6.06 5.10 34.66
CA LYS B 294 -4.89 4.23 34.52
C LYS B 294 -5.18 3.03 33.62
N GLY B 295 -4.35 2.85 32.60
CA GLY B 295 -4.53 1.78 31.62
C GLY B 295 -5.45 2.15 30.48
N ILE B 296 -6.14 3.29 30.62
CA ILE B 296 -7.13 3.74 29.64
C ILE B 296 -6.59 4.93 28.84
N MET B 297 -6.32 6.03 29.53
CA MET B 297 -5.68 7.18 28.91
C MET B 297 -4.17 7.04 29.03
N GLY B 298 -3.47 7.37 27.95
CA GLY B 298 -2.01 7.36 27.91
C GLY B 298 -1.48 8.62 27.26
N TYR B 299 -0.15 8.74 27.23
CA TYR B 299 0.50 9.93 26.68
C TYR B 299 1.89 9.59 26.15
N THR B 300 2.39 10.42 25.25
CA THR B 300 3.77 10.30 24.76
C THR B 300 4.33 11.64 24.29
N SER B 301 5.65 11.77 24.37
CA SER B 301 6.36 12.95 23.87
C SER B 301 7.38 12.55 22.78
N ASP B 302 7.27 11.32 22.30
CA ASP B 302 8.15 10.78 21.25
C ASP B 302 7.58 11.01 19.85
N ASP B 303 8.45 10.95 18.85
CA ASP B 303 8.07 11.16 17.46
C ASP B 303 7.46 9.89 16.87
N VAL B 304 6.32 9.50 17.42
CA VAL B 304 5.65 8.23 17.06
C VAL B 304 4.91 8.29 15.72
N VAL B 305 4.77 7.13 15.10
CA VAL B 305 3.92 6.95 13.93
C VAL B 305 2.95 5.78 14.20
N SER B 306 2.01 5.55 13.29
CA SER B 306 0.90 4.61 13.55
C SER B 306 1.33 3.19 13.95
N THR B 307 2.33 2.63 13.27
CA THR B 307 2.79 1.27 13.57
C THR B 307 3.30 1.08 15.00
N ASP B 308 3.77 2.16 15.62
CA ASP B 308 4.26 2.12 16.99
C ASP B 308 3.18 1.75 18.01
N PHE B 309 1.93 1.79 17.58
CA PHE B 309 0.79 1.49 18.46
C PHE B 309 0.12 0.13 18.19
N ILE B 310 0.67 -0.65 17.26
CA ILE B 310 0.16 -1.98 16.99
C ILE B 310 0.30 -2.85 18.25
N GLY B 311 -0.84 -3.31 18.77
CA GLY B 311 -0.87 -4.12 20.00
C GLY B 311 -1.06 -3.31 21.28
N CYS B 312 -1.05 -1.98 21.16
CA CYS B 312 -1.19 -1.10 22.31
C CYS B 312 -2.58 -1.26 22.96
N LYS B 313 -2.58 -1.41 24.29
CA LYS B 313 -3.79 -1.73 25.04
C LYS B 313 -4.60 -0.51 25.48
N TYR B 314 -4.02 0.68 25.38
CA TYR B 314 -4.68 1.92 25.79
C TYR B 314 -5.82 2.31 24.86
N SER B 315 -6.79 3.04 25.40
CA SER B 315 -7.92 3.54 24.61
C SER B 315 -7.54 4.79 23.82
N SER B 316 -6.64 5.60 24.38
CA SER B 316 -6.34 6.92 23.86
C SER B 316 -4.94 7.36 24.31
N ILE B 317 -4.06 7.65 23.34
CA ILE B 317 -2.71 8.09 23.64
C ILE B 317 -2.43 9.47 23.04
N LEU B 318 -2.38 10.48 23.89
CA LEU B 318 -2.09 11.85 23.46
C LEU B 318 -0.69 11.98 22.88
N ASP B 319 -0.61 12.56 21.69
CA ASP B 319 0.65 12.82 20.99
C ASP B 319 1.04 14.27 21.25
N LYS B 320 1.93 14.49 22.22
CA LYS B 320 2.29 15.85 22.66
C LYS B 320 2.87 16.71 21.54
N ASN B 321 3.90 16.20 20.87
CA ASN B 321 4.60 16.95 19.83
C ASN B 321 3.74 17.29 18.60
N ALA B 322 2.69 16.52 18.37
CA ALA B 322 1.80 16.74 17.23
C ALA B 322 0.70 17.75 17.52
N CYS B 323 0.42 17.99 18.81
CA CYS B 323 -0.58 18.97 19.21
C CYS B 323 -0.16 20.38 18.83
N ILE B 324 -1.14 21.21 18.45
CA ILE B 324 -0.89 22.60 18.06
C ILE B 324 -1.96 23.53 18.63
N ALA B 325 -1.51 24.66 19.16
CA ALA B 325 -2.42 25.70 19.65
C ALA B 325 -2.31 26.94 18.77
N LEU B 326 -3.45 27.40 18.25
CA LEU B 326 -3.51 28.67 17.52
C LEU B 326 -3.36 29.83 18.50
N ASN B 327 -4.14 29.75 19.58
CA ASN B 327 -4.07 30.70 20.68
C ASN B 327 -4.28 29.95 22.00
N ASP B 328 -4.51 30.69 23.09
CA ASP B 328 -4.61 30.07 24.41
C ASP B 328 -5.95 29.37 24.67
N SER B 329 -6.90 29.52 23.75
CA SER B 329 -8.22 28.88 23.92
C SER B 329 -8.69 28.08 22.71
N PHE B 330 -7.89 28.04 21.64
CA PHE B 330 -8.24 27.30 20.42
C PHE B 330 -7.12 26.33 20.07
N VAL B 331 -7.40 25.03 20.16
CA VAL B 331 -6.36 24.00 20.12
C VAL B 331 -6.71 22.82 19.21
N LYS B 332 -5.68 22.17 18.68
CA LYS B 332 -5.81 20.91 17.94
C LYS B 332 -5.07 19.81 18.69
N LEU B 333 -5.82 18.81 19.15
CA LEU B 333 -5.25 17.71 19.93
C LEU B 333 -5.19 16.41 19.14
N ILE B 334 -4.06 15.72 19.24
CA ILE B 334 -3.81 14.49 18.49
C ILE B 334 -3.72 13.30 19.44
N SER B 335 -4.56 12.29 19.21
CA SER B 335 -4.61 11.09 20.07
C SER B 335 -4.70 9.78 19.28
N TRP B 336 -3.76 8.89 19.55
CA TRP B 336 -3.65 7.61 18.85
C TRP B 336 -4.49 6.52 19.50
N TYR B 337 -4.85 5.52 18.70
CA TYR B 337 -5.51 4.30 19.19
C TYR B 337 -5.40 3.16 18.20
N ASP B 338 -5.02 1.99 18.71
CA ASP B 338 -5.13 0.76 17.94
C ASP B 338 -6.61 0.38 17.98
N ASN B 339 -7.29 0.59 16.86
CA ASN B 339 -8.74 0.39 16.79
C ASN B 339 -9.16 -1.06 17.03
N GLU B 340 -8.23 -1.98 16.81
CA GLU B 340 -8.46 -3.39 17.06
C GLU B 340 -8.10 -3.80 18.50
N SER B 341 -6.85 -3.57 18.89
CA SER B 341 -6.31 -4.04 20.18
C SER B 341 -6.81 -3.24 21.40
N GLY B 342 -6.87 -1.92 21.27
CA GLY B 342 -7.36 -1.05 22.34
C GLY B 342 -8.81 -1.37 22.70
N TYR B 343 -9.66 -1.38 21.68
CA TYR B 343 -11.09 -1.66 21.85
C TYR B 343 -11.36 -3.06 22.40
N SER B 344 -10.63 -4.06 21.87
CA SER B 344 -10.81 -5.44 22.30
C SER B 344 -10.48 -5.63 23.77
N ASN B 345 -9.43 -4.95 24.23
CA ASN B 345 -9.06 -4.95 25.65
C ASN B 345 -10.11 -4.26 26.54
N ARG B 346 -10.71 -3.19 26.02
CA ARG B 346 -11.79 -2.49 26.75
C ARG B 346 -13.05 -3.34 26.88
N LEU B 347 -13.38 -4.09 25.83
CA LEU B 347 -14.57 -4.94 25.86
C LEU B 347 -14.40 -6.05 26.92
N VAL B 348 -13.20 -6.60 27.00
CA VAL B 348 -12.85 -7.58 28.02
C VAL B 348 -12.85 -6.94 29.42
N ASP B 349 -12.28 -5.74 29.52
CA ASP B 349 -12.36 -4.95 30.76
C ASP B 349 -13.80 -4.77 31.21
N LEU B 350 -14.67 -4.42 30.27
CA LEU B 350 -16.10 -4.23 30.54
C LEU B 350 -16.79 -5.52 30.99
N ALA B 351 -16.46 -6.64 30.34
CA ALA B 351 -17.00 -7.95 30.71
C ALA B 351 -16.62 -8.33 32.14
N VAL B 352 -15.35 -8.15 32.48
CA VAL B 352 -14.87 -8.40 33.84
C VAL B 352 -15.61 -7.50 34.84
N TYR B 353 -15.77 -6.22 34.51
CA TYR B 353 -16.50 -5.28 35.35
C TYR B 353 -17.96 -5.68 35.52
N VAL B 354 -18.61 -6.08 34.42
CA VAL B 354 -20.01 -6.52 34.45
C VAL B 354 -20.20 -7.73 35.37
N ALA B 355 -19.30 -8.71 35.27
CA ALA B 355 -19.35 -9.89 36.13
C ALA B 355 -19.16 -9.53 37.62
N SER B 356 -18.28 -8.57 37.89
CA SER B 356 -18.01 -8.13 39.26
C SER B 356 -19.21 -7.47 39.93
N ARG B 357 -20.16 -7.01 39.11
CA ARG B 357 -21.37 -6.33 39.59
C ARG B 357 -22.52 -7.30 39.87
N GLY B 358 -22.33 -8.57 39.50
CA GLY B 358 -23.35 -9.59 39.75
C GLY B 358 -24.15 -9.92 38.50
N LEU B 359 -24.23 -11.22 38.18
CA LEU B 359 -24.90 -11.68 36.96
C LEU B 359 -26.28 -12.26 37.27
N THR C 22 -23.90 -4.07 -37.09
CA THR C 22 -23.29 -3.65 -35.79
C THR C 22 -23.78 -4.53 -34.65
N ALA C 23 -22.84 -5.17 -33.98
CA ALA C 23 -23.12 -6.04 -32.84
C ALA C 23 -23.65 -5.25 -31.65
N THR C 24 -24.59 -5.84 -30.93
CA THR C 24 -25.12 -5.22 -29.72
C THR C 24 -24.78 -6.09 -28.51
N LEU C 25 -24.43 -5.43 -27.41
CA LEU C 25 -23.96 -6.15 -26.23
C LEU C 25 -24.80 -5.86 -25.01
N GLY C 26 -25.08 -6.91 -24.25
CA GLY C 26 -25.67 -6.80 -22.92
C GLY C 26 -24.65 -7.26 -21.90
N ILE C 27 -24.58 -6.56 -20.76
CA ILE C 27 -23.60 -6.88 -19.72
C ILE C 27 -24.27 -7.38 -18.45
N ASN C 28 -23.93 -8.60 -18.05
CA ASN C 28 -24.39 -9.17 -16.79
C ASN C 28 -23.25 -9.17 -15.76
N GLY C 29 -23.42 -8.38 -14.70
CA GLY C 29 -22.34 -8.15 -13.75
C GLY C 29 -21.53 -6.95 -14.18
N PHE C 30 -21.90 -5.78 -13.63
CA PHE C 30 -21.27 -4.52 -13.98
C PHE C 30 -20.10 -4.22 -13.05
N GLY C 31 -19.16 -5.16 -12.99
CA GLY C 31 -18.02 -5.07 -12.08
C GLY C 31 -16.78 -4.54 -12.76
N ARG C 32 -15.60 -4.92 -12.27
CA ARG C 32 -14.34 -4.48 -12.86
C ARG C 32 -14.29 -4.79 -14.36
N ILE C 33 -14.59 -6.04 -14.71
CA ILE C 33 -14.58 -6.44 -16.12
C ILE C 33 -15.79 -5.88 -16.87
N GLY C 34 -16.98 -5.99 -16.27
CA GLY C 34 -18.21 -5.46 -16.87
C GLY C 34 -18.11 -3.99 -17.27
N ARG C 35 -17.62 -3.16 -16.36
CA ARG C 35 -17.52 -1.71 -16.60
C ARG C 35 -16.45 -1.34 -17.61
N LEU C 36 -15.35 -2.08 -17.62
CA LEU C 36 -14.26 -1.82 -18.57
C LEU C 36 -14.57 -2.36 -19.97
N VAL C 37 -15.41 -3.39 -20.03
CA VAL C 37 -15.96 -3.88 -21.29
C VAL C 37 -16.84 -2.79 -21.93
N LEU C 38 -17.68 -2.15 -21.13
CA LEU C 38 -18.51 -1.03 -21.60
C LEU C 38 -17.64 0.15 -22.07
N ARG C 39 -16.59 0.45 -21.32
CA ARG C 39 -15.64 1.50 -21.69
C ARG C 39 -14.97 1.21 -23.03
N ALA C 40 -14.59 -0.05 -23.24
CA ALA C 40 -13.97 -0.50 -24.49
C ALA C 40 -14.95 -0.42 -25.66
N CYS C 41 -16.22 -0.72 -25.40
CA CYS C 41 -17.27 -0.62 -26.42
C CYS C 41 -17.49 0.83 -26.86
N MET C 42 -17.58 1.73 -25.88
CA MET C 42 -17.80 3.17 -26.13
C MET C 42 -16.72 3.78 -27.02
N GLU C 43 -15.57 3.12 -27.09
CA GLU C 43 -14.44 3.57 -27.92
C GLU C 43 -14.56 3.07 -29.36
N ARG C 44 -15.52 2.19 -29.61
CA ARG C 44 -15.62 1.47 -30.88
C ARG C 44 -16.92 1.77 -31.63
N ASN C 45 -16.86 1.67 -32.96
CA ASN C 45 -18.02 1.95 -33.81
C ASN C 45 -18.74 0.70 -34.29
N ASP C 46 -18.09 -0.45 -34.13
CA ASP C 46 -18.64 -1.73 -34.62
C ASP C 46 -19.36 -2.55 -33.53
N ILE C 47 -19.54 -1.96 -32.35
CA ILE C 47 -20.28 -2.60 -31.25
C ILE C 47 -20.92 -1.55 -30.32
N THR C 48 -22.12 -1.86 -29.82
CA THR C 48 -22.87 -0.96 -28.95
C THR C 48 -23.41 -1.69 -27.72
N VAL C 49 -23.21 -1.11 -26.54
CA VAL C 49 -23.85 -1.64 -25.32
C VAL C 49 -25.25 -1.06 -25.20
N VAL C 50 -26.24 -1.94 -25.06
CA VAL C 50 -27.64 -1.53 -25.01
C VAL C 50 -28.34 -1.87 -23.68
N ALA C 51 -27.73 -2.79 -22.91
CA ALA C 51 -28.32 -3.21 -21.62
C ALA C 51 -27.28 -3.64 -20.58
N ILE C 52 -27.58 -3.34 -19.31
CA ILE C 52 -26.75 -3.73 -18.17
C ILE C 52 -27.62 -4.33 -17.08
N ASN C 53 -27.20 -5.49 -16.53
CA ASN C 53 -27.86 -6.07 -15.36
C ASN C 53 -26.90 -6.30 -14.19
N ASP C 54 -27.29 -5.80 -13.01
CA ASP C 54 -26.57 -6.02 -11.76
C ASP C 54 -27.51 -5.70 -10.60
N PRO C 55 -27.95 -6.74 -9.84
CA PRO C 55 -28.94 -6.54 -8.79
C PRO C 55 -28.38 -5.88 -7.52
N PHE C 56 -27.06 -5.72 -7.46
CA PHE C 56 -26.42 -5.17 -6.26
C PHE C 56 -26.08 -3.68 -6.37
N MET C 57 -26.61 -3.05 -7.42
CA MET C 57 -26.46 -1.61 -7.63
C MET C 57 -27.64 -1.05 -8.44
N ASP C 58 -28.27 0.00 -7.90
CA ASP C 58 -29.32 0.69 -8.65
C ASP C 58 -28.71 1.57 -9.75
N VAL C 59 -29.55 2.20 -10.55
CA VAL C 59 -29.12 3.01 -11.69
C VAL C 59 -28.19 4.15 -11.27
N GLU C 60 -28.52 4.80 -10.16
CA GLU C 60 -27.71 5.89 -9.62
C GLU C 60 -26.29 5.41 -9.26
N TYR C 61 -26.23 4.21 -8.68
CA TYR C 61 -24.96 3.59 -8.28
C TYR C 61 -24.16 3.10 -9.49
N MET C 62 -24.85 2.60 -10.50
CA MET C 62 -24.23 2.19 -11.76
C MET C 62 -23.57 3.39 -12.45
N ALA C 63 -24.28 4.51 -12.46
CA ALA C 63 -23.79 5.76 -13.03
C ALA C 63 -22.50 6.18 -12.34
N TYR C 64 -22.51 6.15 -11.01
CA TYR C 64 -21.37 6.53 -10.18
C TYR C 64 -20.12 5.67 -10.46
N LEU C 65 -20.30 4.35 -10.44
CA LEU C 65 -19.19 3.43 -10.62
C LEU C 65 -18.59 3.45 -12.03
N LEU C 66 -19.41 3.82 -13.01
CA LEU C 66 -18.93 4.03 -14.38
C LEU C 66 -18.17 5.35 -14.51
N LYS C 67 -18.72 6.40 -13.90
CA LYS C 67 -18.10 7.75 -13.93
C LYS C 67 -16.69 7.75 -13.32
N TYR C 68 -16.55 7.08 -12.19
CA TYR C 68 -15.31 7.15 -11.41
C TYR C 68 -14.62 5.79 -11.30
N ASP C 69 -13.30 5.79 -11.51
CA ASP C 69 -12.52 4.57 -11.44
C ASP C 69 -11.19 4.87 -10.78
N SER C 70 -10.86 4.10 -9.74
CA SER C 70 -9.64 4.32 -8.95
C SER C 70 -8.36 3.98 -9.71
N VAL C 71 -8.51 3.30 -10.84
CA VAL C 71 -7.36 2.83 -11.63
C VAL C 71 -7.33 3.48 -13.02
N HIS C 72 -8.49 3.54 -13.68
CA HIS C 72 -8.54 3.92 -15.08
C HIS C 72 -9.07 5.34 -15.34
N GLY C 73 -9.19 6.14 -14.27
CA GLY C 73 -9.57 7.54 -14.37
C GLY C 73 -11.05 7.78 -14.63
N ASN C 74 -11.41 9.05 -14.75
CA ASN C 74 -12.78 9.46 -15.08
C ASN C 74 -13.21 8.88 -16.40
N PHE C 75 -14.49 8.52 -16.51
CA PHE C 75 -15.07 8.08 -17.78
C PHE C 75 -14.89 9.18 -18.84
N ASN C 76 -14.46 8.76 -20.03
CA ASN C 76 -14.27 9.69 -21.15
C ASN C 76 -15.59 9.91 -21.88
N GLY C 77 -16.37 10.86 -21.38
CA GLY C 77 -17.69 11.15 -21.93
C GLY C 77 -18.70 11.47 -20.84
N THR C 78 -19.98 11.34 -21.18
CA THR C 78 -21.06 11.76 -20.28
C THR C 78 -21.87 10.57 -19.76
N VAL C 79 -22.23 10.64 -18.48
CA VAL C 79 -23.08 9.62 -17.84
C VAL C 79 -24.19 10.32 -17.07
N GLU C 80 -25.43 10.03 -17.44
CA GLU C 80 -26.60 10.60 -16.76
C GLU C 80 -27.65 9.52 -16.51
N VAL C 81 -28.43 9.71 -15.45
CA VAL C 81 -29.55 8.84 -15.15
C VAL C 81 -30.81 9.41 -15.80
N SER C 82 -31.49 8.59 -16.59
CA SER C 82 -32.75 8.98 -17.20
C SER C 82 -33.85 7.99 -16.79
N GLY C 83 -34.60 8.37 -15.75
CA GLY C 83 -35.59 7.50 -15.16
C GLY C 83 -34.94 6.28 -14.52
N LYS C 84 -35.31 5.10 -15.01
CA LYS C 84 -34.79 3.84 -14.50
C LYS C 84 -33.56 3.37 -15.29
N ASP C 85 -33.13 4.17 -16.26
CA ASP C 85 -32.05 3.78 -17.17
C ASP C 85 -30.91 4.78 -17.20
N LEU C 86 -29.83 4.42 -17.91
CA LEU C 86 -28.67 5.28 -18.07
C LEU C 86 -28.64 5.94 -19.43
N CYS C 87 -28.11 7.16 -19.47
CA CYS C 87 -27.83 7.84 -20.72
C CYS C 87 -26.32 8.05 -20.82
N ILE C 88 -25.67 7.22 -21.63
CA ILE C 88 -24.21 7.24 -21.78
C ILE C 88 -23.84 7.73 -23.17
N ASN C 89 -23.11 8.86 -23.22
CA ASN C 89 -22.79 9.54 -24.47
C ASN C 89 -24.01 9.76 -25.37
N GLY C 90 -25.10 10.23 -24.75
CA GLY C 90 -26.36 10.51 -25.46
C GLY C 90 -27.15 9.29 -25.90
N LYS C 91 -26.72 8.11 -25.47
CA LYS C 91 -27.37 6.86 -25.85
C LYS C 91 -28.06 6.21 -24.66
N VAL C 92 -29.28 5.72 -24.86
CA VAL C 92 -30.03 5.01 -23.83
C VAL C 92 -29.47 3.61 -23.63
N VAL C 93 -29.14 3.28 -22.39
CA VAL C 93 -28.72 1.93 -22.02
C VAL C 93 -29.68 1.42 -20.94
N LYS C 94 -30.38 0.32 -21.26
CA LYS C 94 -31.38 -0.24 -20.36
C LYS C 94 -30.75 -0.88 -19.13
N VAL C 95 -31.36 -0.65 -17.98
CA VAL C 95 -30.82 -1.10 -16.69
C VAL C 95 -31.77 -2.07 -15.99
N PHE C 96 -31.25 -3.21 -15.55
CA PHE C 96 -32.02 -4.22 -14.83
C PHE C 96 -31.34 -4.64 -13.52
N GLN C 97 -32.14 -5.16 -12.59
CA GLN C 97 -31.64 -5.61 -11.29
C GLN C 97 -32.09 -7.04 -10.96
N ALA C 98 -31.80 -7.96 -11.86
CA ALA C 98 -32.21 -9.36 -11.72
C ALA C 98 -31.08 -10.25 -11.23
N LYS C 99 -31.38 -11.06 -10.21
CA LYS C 99 -30.43 -12.06 -9.72
C LYS C 99 -30.42 -13.29 -10.63
N ASP C 100 -31.57 -13.55 -11.24
CA ASP C 100 -31.76 -14.70 -12.12
C ASP C 100 -31.57 -14.29 -13.58
N PRO C 101 -30.54 -14.86 -14.25
CA PRO C 101 -30.26 -14.54 -15.65
C PRO C 101 -31.45 -14.75 -16.58
N ALA C 102 -32.30 -15.72 -16.25
CA ALA C 102 -33.49 -16.03 -17.05
C ALA C 102 -34.52 -14.90 -17.05
N GLU C 103 -34.46 -14.03 -16.03
CA GLU C 103 -35.43 -12.94 -15.86
C GLU C 103 -35.04 -11.65 -16.59
N ILE C 104 -33.90 -11.65 -17.27
CA ILE C 104 -33.43 -10.46 -17.98
C ILE C 104 -33.94 -10.46 -19.42
N PRO C 105 -34.69 -9.40 -19.82
CA PRO C 105 -35.22 -9.32 -21.18
C PRO C 105 -34.22 -8.74 -22.17
N TRP C 106 -33.19 -9.52 -22.48
CA TRP C 106 -32.13 -9.10 -23.41
C TRP C 106 -32.68 -8.82 -24.81
N GLY C 107 -33.53 -9.72 -25.30
CA GLY C 107 -34.11 -9.61 -26.65
C GLY C 107 -34.94 -8.36 -26.83
N ALA C 108 -35.79 -8.05 -25.84
CA ALA C 108 -36.62 -6.85 -25.85
C ALA C 108 -35.79 -5.57 -25.71
N SER C 109 -34.56 -5.70 -25.23
CA SER C 109 -33.64 -4.57 -25.11
C SER C 109 -32.74 -4.44 -26.34
N GLY C 110 -32.85 -5.40 -27.26
CA GLY C 110 -32.07 -5.38 -28.49
C GLY C 110 -30.64 -5.85 -28.34
N ALA C 111 -30.34 -6.58 -27.26
CA ALA C 111 -29.01 -7.10 -27.02
C ALA C 111 -28.85 -8.49 -27.65
N GLN C 112 -27.91 -8.60 -28.57
CA GLN C 112 -27.63 -9.85 -29.30
C GLN C 112 -26.69 -10.77 -28.52
N ILE C 113 -25.63 -10.19 -27.97
CA ILE C 113 -24.58 -10.94 -27.28
C ILE C 113 -24.48 -10.51 -25.82
N VAL C 114 -24.36 -11.48 -24.92
CA VAL C 114 -24.24 -11.19 -23.49
C VAL C 114 -22.83 -11.43 -22.97
N CYS C 115 -22.24 -10.40 -22.35
CA CYS C 115 -21.01 -10.53 -21.60
C CYS C 115 -21.37 -11.02 -20.20
N GLU C 116 -21.04 -12.28 -19.91
CA GLU C 116 -21.34 -12.88 -18.62
C GLU C 116 -20.15 -12.66 -17.68
N SER C 117 -20.22 -11.57 -16.90
CA SER C 117 -19.10 -11.13 -16.06
C SER C 117 -19.46 -10.97 -14.57
N THR C 118 -20.36 -11.82 -14.09
CA THR C 118 -20.73 -11.83 -12.67
C THR C 118 -19.75 -12.67 -11.84
N GLY C 119 -19.15 -13.67 -12.49
CA GLY C 119 -18.27 -14.61 -11.82
C GLY C 119 -18.99 -15.78 -11.16
N VAL C 120 -20.32 -15.82 -11.31
CA VAL C 120 -21.13 -16.84 -10.64
C VAL C 120 -21.95 -17.75 -11.58
N PHE C 121 -21.87 -17.49 -12.88
CA PHE C 121 -22.56 -18.33 -13.86
C PHE C 121 -21.60 -18.88 -14.92
N THR C 122 -20.61 -19.64 -14.46
CA THR C 122 -19.50 -20.08 -15.31
C THR C 122 -19.68 -21.49 -15.89
N THR C 123 -20.94 -21.89 -16.07
CA THR C 123 -21.26 -23.17 -16.72
C THR C 123 -22.27 -22.93 -17.84
N GLU C 124 -22.35 -23.88 -18.77
CA GLU C 124 -23.31 -23.79 -19.87
C GLU C 124 -24.74 -23.77 -19.33
N GLU C 125 -25.00 -24.57 -18.30
CA GLU C 125 -26.32 -24.64 -17.68
C GLU C 125 -26.78 -23.29 -17.13
N LYS C 126 -25.87 -22.59 -16.44
CA LYS C 126 -26.19 -21.30 -15.86
C LYS C 126 -26.14 -20.17 -16.89
N ALA C 127 -25.08 -20.15 -17.70
CA ALA C 127 -24.89 -19.09 -18.70
C ALA C 127 -25.90 -19.12 -19.85
N SER C 128 -26.43 -20.31 -20.16
CA SER C 128 -27.42 -20.46 -21.23
C SER C 128 -28.80 -19.88 -20.86
N LEU C 129 -28.99 -19.56 -19.59
CA LEU C 129 -30.25 -18.94 -19.12
C LEU C 129 -30.47 -17.56 -19.74
N HIS C 130 -29.39 -16.93 -20.20
CA HIS C 130 -29.47 -15.66 -20.92
C HIS C 130 -30.21 -15.81 -22.25
N LEU C 131 -30.15 -17.01 -22.84
CA LEU C 131 -30.83 -17.30 -24.10
C LEU C 131 -32.35 -17.31 -23.96
N LYS C 132 -32.84 -17.58 -22.75
CA LYS C 132 -34.28 -17.56 -22.45
C LYS C 132 -34.87 -16.15 -22.63
N GLY C 133 -34.07 -15.13 -22.31
CA GLY C 133 -34.50 -13.73 -22.43
C GLY C 133 -34.32 -13.13 -23.80
N GLY C 134 -33.84 -13.92 -24.76
CA GLY C 134 -33.76 -13.47 -26.14
C GLY C 134 -32.37 -13.18 -26.66
N ALA C 135 -31.34 -13.40 -25.83
CA ALA C 135 -29.96 -13.27 -26.27
C ALA C 135 -29.63 -14.42 -27.22
N LYS C 136 -28.76 -14.13 -28.20
CA LYS C 136 -28.38 -15.12 -29.20
C LYS C 136 -27.11 -15.88 -28.81
N LYS C 137 -26.15 -15.16 -28.22
CA LYS C 137 -24.86 -15.73 -27.82
C LYS C 137 -24.42 -15.22 -26.45
N VAL C 138 -23.64 -16.03 -25.74
CA VAL C 138 -23.13 -15.67 -24.42
C VAL C 138 -21.61 -15.89 -24.34
N ILE C 139 -20.89 -14.86 -23.87
CA ILE C 139 -19.46 -14.98 -23.60
C ILE C 139 -19.20 -14.92 -22.09
N ILE C 140 -18.77 -16.05 -21.53
CA ILE C 140 -18.38 -16.11 -20.12
C ILE C 140 -17.02 -15.45 -19.96
N SER C 141 -16.94 -14.48 -19.05
CA SER C 141 -15.71 -13.71 -18.85
C SER C 141 -14.69 -14.41 -17.95
N ALA C 142 -14.67 -15.74 -18.01
CA ALA C 142 -13.78 -16.55 -17.17
C ALA C 142 -13.64 -17.94 -17.78
N PRO C 143 -12.65 -18.74 -17.32
CA PRO C 143 -12.64 -20.15 -17.70
C PRO C 143 -13.88 -20.84 -17.11
N PRO C 144 -14.52 -21.71 -17.89
CA PRO C 144 -15.73 -22.39 -17.41
C PRO C 144 -15.42 -23.46 -16.38
N LYS C 145 -16.41 -23.81 -15.56
CA LYS C 145 -16.29 -24.93 -14.63
C LYS C 145 -16.61 -26.26 -15.33
N ASP C 146 -17.19 -26.15 -16.52
CA ASP C 146 -17.51 -27.32 -17.36
C ASP C 146 -16.72 -27.29 -18.68
N ASN C 147 -17.27 -27.92 -19.71
CA ASN C 147 -16.56 -28.09 -20.98
C ASN C 147 -16.92 -27.07 -22.08
N VAL C 148 -17.44 -25.91 -21.65
CA VAL C 148 -17.68 -24.78 -22.55
C VAL C 148 -16.36 -24.42 -23.25
N PRO C 149 -16.40 -24.24 -24.59
CA PRO C 149 -15.17 -23.95 -25.33
C PRO C 149 -14.56 -22.59 -24.99
N MET C 150 -13.25 -22.56 -24.81
CA MET C 150 -12.51 -21.33 -24.56
C MET C 150 -11.82 -20.84 -25.83
N TYR C 151 -11.91 -19.54 -26.07
CA TYR C 151 -11.24 -18.92 -27.22
C TYR C 151 -10.37 -17.75 -26.79
N VAL C 152 -9.16 -17.70 -27.34
CA VAL C 152 -8.23 -16.61 -27.10
C VAL C 152 -7.93 -15.96 -28.45
N MET C 153 -8.25 -14.66 -28.57
CA MET C 153 -8.03 -13.91 -29.80
C MET C 153 -6.56 -13.95 -30.22
N GLY C 154 -6.32 -14.28 -31.49
CA GLY C 154 -4.97 -14.39 -32.02
C GLY C 154 -4.32 -15.75 -31.81
N VAL C 155 -5.04 -16.66 -31.15
CA VAL C 155 -4.52 -18.00 -30.91
C VAL C 155 -5.42 -19.08 -31.52
N ASN C 156 -6.67 -19.18 -31.07
CA ASN C 156 -7.57 -20.23 -31.54
C ASN C 156 -9.01 -19.79 -31.84
N ASN C 157 -9.26 -18.49 -31.84
CA ASN C 157 -10.62 -17.96 -31.99
C ASN C 157 -11.34 -18.35 -33.29
N THR C 158 -10.57 -18.59 -34.35
CA THR C 158 -11.16 -18.98 -35.64
C THR C 158 -11.74 -20.39 -35.65
N GLU C 159 -11.44 -21.15 -34.59
CA GLU C 159 -11.96 -22.51 -34.42
C GLU C 159 -13.42 -22.52 -33.96
N TYR C 160 -13.93 -21.34 -33.60
CA TYR C 160 -15.32 -21.19 -33.17
C TYR C 160 -16.31 -21.55 -34.27
N ASP C 161 -17.25 -22.44 -33.93
CA ASP C 161 -18.31 -22.85 -34.84
C ASP C 161 -19.65 -22.36 -34.30
N PRO C 162 -20.25 -21.36 -34.97
CA PRO C 162 -21.52 -20.76 -34.53
C PRO C 162 -22.70 -21.73 -34.56
N SER C 163 -22.59 -22.81 -35.34
CA SER C 163 -23.65 -23.81 -35.44
C SER C 163 -23.57 -24.83 -34.31
N LYS C 164 -22.43 -24.86 -33.62
CA LYS C 164 -22.19 -25.81 -32.54
C LYS C 164 -22.36 -25.20 -31.14
N PHE C 165 -22.01 -23.92 -30.99
CA PHE C 165 -21.98 -23.29 -29.66
C PHE C 165 -22.72 -21.95 -29.60
N ASN C 166 -23.55 -21.81 -28.56
CA ASN C 166 -24.18 -20.54 -28.25
C ASN C 166 -23.59 -19.90 -27.01
N VAL C 167 -22.95 -20.72 -26.17
CA VAL C 167 -22.23 -20.25 -24.98
C VAL C 167 -20.74 -20.55 -25.12
N ILE C 168 -19.91 -19.51 -25.08
CA ILE C 168 -18.46 -19.66 -25.17
C ILE C 168 -17.74 -18.91 -24.04
N SER C 169 -16.44 -19.13 -23.93
CA SER C 169 -15.61 -18.49 -22.90
C SER C 169 -14.43 -17.75 -23.54
N ASN C 170 -14.09 -16.60 -22.96
CA ASN C 170 -12.91 -15.83 -23.36
C ASN C 170 -11.70 -16.17 -22.48
N ALA C 171 -11.78 -17.30 -21.79
CA ALA C 171 -10.75 -17.75 -20.84
C ALA C 171 -10.48 -16.72 -19.74
N SER C 172 -9.24 -16.63 -19.29
CA SER C 172 -8.85 -15.68 -18.25
C SER C 172 -7.82 -14.69 -18.78
N SER C 173 -7.54 -13.64 -18.01
CA SER C 173 -6.54 -12.65 -18.39
C SER C 173 -5.13 -13.24 -18.45
N THR C 174 -4.79 -14.10 -17.47
CA THR C 174 -3.49 -14.76 -17.46
C THR C 174 -3.32 -15.73 -18.65
N THR C 175 -4.40 -16.41 -19.02
CA THR C 175 -4.42 -17.28 -20.20
C THR C 175 -4.22 -16.45 -21.47
N ASN C 176 -4.87 -15.29 -21.54
CA ASN C 176 -4.70 -14.37 -22.65
C ASN C 176 -3.30 -13.76 -22.74
N CYS C 177 -2.58 -13.75 -21.62
CA CYS C 177 -1.18 -13.32 -21.62
C CYS C 177 -0.23 -14.46 -22.00
N LEU C 178 -0.47 -15.64 -21.41
CA LEU C 178 0.42 -16.79 -21.61
C LEU C 178 0.30 -17.45 -22.98
N ALA C 179 -0.93 -17.61 -23.46
CA ALA C 179 -1.17 -18.37 -24.70
C ALA C 179 -0.51 -17.78 -25.96
N PRO C 180 -0.68 -16.47 -26.23
CA PRO C 180 0.01 -15.87 -27.38
C PRO C 180 1.52 -16.06 -27.32
N LEU C 181 2.12 -15.78 -26.16
CA LEU C 181 3.57 -15.94 -25.99
C LEU C 181 3.99 -17.40 -26.15
N ALA C 182 3.29 -18.32 -25.49
CA ALA C 182 3.57 -19.75 -25.56
C ALA C 182 3.47 -20.31 -26.97
N LYS C 183 2.47 -19.85 -27.73
CA LYS C 183 2.30 -20.25 -29.13
C LYS C 183 3.51 -19.84 -29.96
N ILE C 184 3.93 -18.58 -29.83
CA ILE C 184 5.10 -18.08 -30.56
C ILE C 184 6.34 -18.92 -30.25
N ILE C 185 6.60 -19.14 -28.97
CA ILE C 185 7.75 -19.90 -28.51
C ILE C 185 7.69 -21.35 -28.99
N ASN C 186 6.54 -21.99 -28.81
CA ASN C 186 6.36 -23.38 -29.23
C ASN C 186 6.51 -23.57 -30.75
N ASP C 187 5.99 -22.62 -31.52
CA ASP C 187 6.08 -22.69 -32.98
C ASP C 187 7.53 -22.64 -33.47
N LYS C 188 8.29 -21.64 -33.03
CA LYS C 188 9.64 -21.42 -33.55
C LYS C 188 10.73 -22.25 -32.85
N PHE C 189 10.59 -22.47 -31.55
CA PHE C 189 11.64 -23.13 -30.77
C PHE C 189 11.19 -24.45 -30.13
N GLY C 190 9.91 -24.55 -29.82
CA GLY C 190 9.35 -25.74 -29.19
C GLY C 190 9.54 -25.73 -27.69
N ILE C 191 8.42 -25.84 -26.95
CA ILE C 191 8.47 -25.95 -25.49
C ILE C 191 8.42 -27.43 -25.12
N VAL C 192 9.52 -27.93 -24.58
CA VAL C 192 9.60 -29.32 -24.10
C VAL C 192 8.79 -29.44 -22.81
N GLU C 193 9.06 -28.53 -21.88
CA GLU C 193 8.33 -28.46 -20.61
C GLU C 193 8.48 -27.06 -20.02
N GLY C 194 7.43 -26.59 -19.36
CA GLY C 194 7.42 -25.25 -18.80
C GLY C 194 6.63 -25.12 -17.52
N LEU C 195 7.08 -24.20 -16.66
CA LEU C 195 6.36 -23.84 -15.45
C LEU C 195 6.26 -22.33 -15.38
N MET C 196 5.09 -21.84 -14.96
CA MET C 196 4.85 -20.41 -14.91
C MET C 196 4.35 -19.90 -13.56
N THR C 197 4.66 -18.65 -13.27
CA THR C 197 4.08 -17.94 -12.15
C THR C 197 3.56 -16.61 -12.70
N THR C 198 2.40 -16.20 -12.22
CA THR C 198 1.94 -14.83 -12.46
C THR C 198 2.00 -14.05 -11.15
N VAL C 199 2.76 -12.96 -11.14
CA VAL C 199 2.72 -12.02 -10.03
C VAL C 199 1.56 -11.07 -10.35
N HIS C 200 0.48 -11.21 -9.58
CA HIS C 200 -0.83 -10.74 -9.98
C HIS C 200 -1.37 -9.70 -9.00
N SER C 201 -1.90 -8.61 -9.54
CA SER C 201 -2.57 -7.59 -8.73
C SER C 201 -3.78 -8.17 -8.00
N LEU C 202 -4.17 -7.55 -6.89
CA LEU C 202 -5.32 -8.01 -6.12
C LEU C 202 -6.63 -7.89 -6.91
N THR C 203 -7.63 -8.67 -6.52
CA THR C 203 -8.94 -8.67 -7.19
C THR C 203 -10.10 -8.58 -6.20
N ALA C 204 -11.31 -8.51 -6.75
CA ALA C 204 -12.54 -8.33 -5.97
C ALA C 204 -12.80 -9.43 -4.93
N ASN C 205 -12.30 -10.63 -5.18
CA ASN C 205 -12.52 -11.75 -4.26
C ASN C 205 -11.66 -11.69 -3.00
N GLN C 206 -10.59 -10.89 -3.04
CA GLN C 206 -9.72 -10.72 -1.89
C GLN C 206 -10.31 -9.78 -0.84
N LEU C 207 -9.71 -9.75 0.35
CA LEU C 207 -10.24 -9.00 1.48
C LEU C 207 -9.27 -7.95 2.03
N THR C 208 -9.81 -6.85 2.53
CA THR C 208 -9.02 -5.74 3.05
C THR C 208 -8.33 -6.05 4.38
N VAL C 209 -8.96 -6.91 5.17
CA VAL C 209 -8.39 -7.41 6.44
C VAL C 209 -8.62 -8.92 6.52
N ASP C 210 -7.87 -9.61 7.40
CA ASP C 210 -8.01 -11.05 7.61
C ASP C 210 -9.47 -11.43 7.88
N GLY C 211 -10.02 -12.30 7.04
CA GLY C 211 -11.39 -12.77 7.19
C GLY C 211 -11.66 -14.04 6.40
N PRO C 212 -12.89 -14.57 6.48
CA PRO C 212 -13.24 -15.78 5.74
C PRO C 212 -13.56 -15.52 4.26
N SER C 213 -12.91 -16.28 3.39
CA SER C 213 -13.24 -16.27 1.97
C SER C 213 -14.61 -16.92 1.78
N LYS C 214 -15.40 -16.40 0.85
CA LYS C 214 -16.73 -16.96 0.54
C LYS C 214 -16.60 -18.43 0.16
N GLY C 215 -17.40 -19.28 0.80
CA GLY C 215 -17.31 -20.72 0.60
C GLY C 215 -16.23 -21.39 1.43
N GLY C 216 -15.29 -20.61 1.95
CA GLY C 216 -14.20 -21.10 2.79
C GLY C 216 -13.19 -21.98 2.07
N LYS C 217 -12.91 -21.65 0.81
CA LYS C 217 -12.06 -22.49 -0.04
C LYS C 217 -10.61 -21.98 -0.18
N ASP C 218 -10.46 -20.70 -0.50
CA ASP C 218 -9.13 -20.11 -0.69
C ASP C 218 -8.77 -19.32 0.56
N TRP C 219 -8.22 -20.02 1.55
CA TRP C 219 -7.88 -19.44 2.84
C TRP C 219 -6.87 -18.29 2.75
N ARG C 220 -5.86 -18.46 1.90
CA ARG C 220 -4.83 -17.43 1.71
C ARG C 220 -5.42 -16.15 1.12
N ALA C 221 -6.39 -16.32 0.21
CA ALA C 221 -7.06 -15.19 -0.45
C ALA C 221 -7.91 -14.33 0.51
N GLY C 222 -8.19 -14.86 1.70
CA GLY C 222 -8.93 -14.13 2.72
C GLY C 222 -8.05 -13.33 3.66
N ARG C 223 -6.74 -13.39 3.44
CA ARG C 223 -5.79 -12.65 4.27
C ARG C 223 -5.60 -11.22 3.76
N CYS C 224 -5.39 -10.29 4.68
CA CYS C 224 -5.19 -8.87 4.38
C CYS C 224 -4.43 -8.65 3.06
N ALA C 225 -5.14 -8.14 2.05
CA ALA C 225 -4.58 -8.00 0.71
C ALA C 225 -3.55 -6.89 0.59
N GLY C 226 -3.64 -5.88 1.46
CA GLY C 226 -2.81 -4.68 1.36
C GLY C 226 -1.37 -4.80 1.83
N ASN C 227 -1.08 -5.80 2.66
CA ASN C 227 0.26 -5.95 3.24
C ASN C 227 0.85 -7.36 3.11
N ASN C 228 0.27 -8.17 2.23
CA ASN C 228 0.68 -9.57 2.06
C ASN C 228 1.08 -9.95 0.65
N ILE C 229 2.14 -10.76 0.55
CA ILE C 229 2.42 -11.56 -0.64
C ILE C 229 1.68 -12.88 -0.45
N ILE C 230 0.82 -13.22 -1.41
CA ILE C 230 -0.13 -14.33 -1.23
C ILE C 230 -0.07 -15.36 -2.37
N PRO C 231 0.49 -16.56 -2.09
CA PRO C 231 0.38 -17.65 -3.07
C PRO C 231 -1.07 -17.99 -3.41
N ALA C 232 -1.31 -18.34 -4.67
CA ALA C 232 -2.66 -18.60 -5.17
C ALA C 232 -2.64 -19.54 -6.36
N SER C 233 -3.83 -19.83 -6.88
CA SER C 233 -4.00 -20.64 -8.08
C SER C 233 -4.28 -19.74 -9.29
N THR C 234 -4.06 -20.28 -10.48
CA THR C 234 -4.35 -19.51 -11.70
C THR C 234 -5.17 -20.30 -12.72
N GLY C 235 -4.88 -21.59 -12.86
CA GLY C 235 -5.54 -22.45 -13.86
C GLY C 235 -5.36 -21.97 -15.29
N ALA C 236 -4.35 -21.13 -15.51
CA ALA C 236 -4.10 -20.55 -16.83
C ALA C 236 -3.38 -21.51 -17.77
N ALA C 237 -2.41 -22.24 -17.24
CA ALA C 237 -1.72 -23.27 -18.02
C ALA C 237 -2.60 -24.52 -18.14
N LYS C 238 -3.54 -24.66 -17.20
CA LYS C 238 -4.63 -25.61 -17.30
C LYS C 238 -5.56 -25.22 -18.46
N ALA C 239 -5.63 -23.92 -18.75
CA ALA C 239 -6.43 -23.41 -19.85
C ALA C 239 -5.64 -23.32 -21.17
N VAL C 240 -4.36 -23.00 -21.09
CA VAL C 240 -3.49 -22.89 -22.28
C VAL C 240 -3.34 -24.23 -22.99
N GLY C 241 -3.39 -25.31 -22.21
CA GLY C 241 -3.37 -26.67 -22.75
C GLY C 241 -4.60 -27.03 -23.56
N LYS C 242 -5.72 -26.38 -23.26
CA LYS C 242 -6.97 -26.60 -24.00
C LYS C 242 -7.05 -25.68 -25.22
N VAL C 243 -6.52 -24.47 -25.09
CA VAL C 243 -6.47 -23.49 -26.17
C VAL C 243 -5.41 -23.89 -27.21
N ILE C 244 -4.27 -24.39 -26.73
CA ILE C 244 -3.22 -24.94 -27.59
C ILE C 244 -3.01 -26.41 -27.21
N PRO C 245 -3.74 -27.34 -27.87
CA PRO C 245 -3.68 -28.78 -27.57
C PRO C 245 -2.27 -29.38 -27.54
N ALA C 246 -1.38 -28.85 -28.37
CA ALA C 246 0.01 -29.32 -28.43
C ALA C 246 0.79 -29.04 -27.14
N LEU C 247 0.27 -28.16 -26.30
CA LEU C 247 0.92 -27.82 -25.03
C LEU C 247 0.23 -28.44 -23.80
N ASN C 248 -0.83 -29.20 -24.03
CA ASN C 248 -1.55 -29.90 -22.95
C ASN C 248 -0.62 -30.85 -22.20
N GLY C 249 -0.49 -30.64 -20.89
CA GLY C 249 0.39 -31.45 -20.04
C GLY C 249 1.85 -31.03 -20.06
N LYS C 250 2.18 -30.05 -20.91
CA LYS C 250 3.55 -29.54 -21.02
C LYS C 250 3.75 -28.26 -20.20
N LEU C 251 2.66 -27.65 -19.78
CA LEU C 251 2.70 -26.44 -18.98
C LEU C 251 1.76 -26.52 -17.78
N THR C 252 2.24 -25.99 -16.65
CA THR C 252 1.36 -25.70 -15.52
C THR C 252 1.89 -24.47 -14.78
N GLY C 253 1.15 -24.01 -13.77
CA GLY C 253 1.51 -22.77 -13.11
C GLY C 253 0.77 -22.47 -11.83
N MET C 254 1.13 -21.34 -11.23
CA MET C 254 0.51 -20.84 -10.01
C MET C 254 0.51 -19.32 -10.05
N ALA C 255 -0.03 -18.71 -9.00
CA ALA C 255 -0.10 -17.26 -8.91
C ALA C 255 0.46 -16.78 -7.59
N ILE C 256 1.00 -15.57 -7.60
CA ILE C 256 1.40 -14.89 -6.38
C ILE C 256 0.70 -13.52 -6.37
N ARG C 257 -0.23 -13.36 -5.44
CA ARG C 257 -1.03 -12.14 -5.34
C ARG C 257 -0.31 -11.08 -4.52
N VAL C 258 -0.28 -9.86 -5.07
CA VAL C 258 0.41 -8.72 -4.45
C VAL C 258 -0.52 -7.51 -4.33
N PRO C 259 -0.20 -6.55 -3.42
CA PRO C 259 -1.11 -5.46 -3.05
C PRO C 259 -1.52 -4.43 -4.13
N THR C 260 -0.87 -4.46 -5.31
CA THR C 260 -1.18 -3.48 -6.37
C THR C 260 -2.62 -3.62 -6.90
N PRO C 261 -3.28 -2.50 -7.26
CA PRO C 261 -4.70 -2.54 -7.65
C PRO C 261 -5.00 -3.08 -9.05
N ASP C 262 -4.00 -3.08 -9.94
CA ASP C 262 -4.17 -3.54 -11.33
C ASP C 262 -2.81 -3.72 -12.03
N VAL C 263 -2.81 -4.57 -13.06
CA VAL C 263 -1.63 -4.96 -13.86
C VAL C 263 -0.91 -6.15 -13.23
N SER C 264 -0.62 -7.15 -14.05
CA SER C 264 0.02 -8.37 -13.60
C SER C 264 1.16 -8.76 -14.56
N VAL C 265 1.93 -9.77 -14.17
CA VAL C 265 3.09 -10.15 -14.97
C VAL C 265 3.31 -11.68 -14.98
N VAL C 266 3.41 -12.23 -16.19
CA VAL C 266 3.71 -13.65 -16.36
C VAL C 266 5.22 -13.90 -16.34
N ASP C 267 5.60 -14.91 -15.58
CA ASP C 267 6.98 -15.34 -15.42
C ASP C 267 7.02 -16.79 -15.88
N LEU C 268 7.46 -17.00 -17.13
CA LEU C 268 7.45 -18.32 -17.75
C LEU C 268 8.86 -18.92 -17.87
N THR C 269 9.07 -20.02 -17.16
CA THR C 269 10.35 -20.73 -17.20
C THR C 269 10.17 -22.03 -18.00
N CYS C 270 10.86 -22.13 -19.13
CA CYS C 270 10.70 -23.30 -20.01
C CYS C 270 12.00 -23.84 -20.62
N LYS C 271 11.99 -25.15 -20.88
CA LYS C 271 13.06 -25.77 -21.65
C LYS C 271 12.66 -25.82 -23.12
N LEU C 272 13.57 -25.40 -23.99
CA LEU C 272 13.34 -25.32 -25.42
C LEU C 272 13.88 -26.54 -26.15
N ALA C 273 13.18 -26.97 -27.20
CA ALA C 273 13.60 -28.10 -28.02
C ALA C 273 14.77 -27.71 -28.93
N LYS C 274 14.74 -26.47 -29.41
CA LYS C 274 15.78 -25.91 -30.27
C LYS C 274 16.42 -24.72 -29.56
N PRO C 275 17.77 -24.70 -29.46
CA PRO C 275 18.48 -23.60 -28.80
C PRO C 275 18.15 -22.22 -29.39
N ALA C 276 18.06 -21.22 -28.51
CA ALA C 276 17.71 -19.85 -28.91
C ALA C 276 18.20 -18.84 -27.88
N SER C 277 18.71 -17.71 -28.38
CA SER C 277 19.12 -16.60 -27.51
C SER C 277 17.91 -15.74 -27.17
N ILE C 278 18.05 -14.88 -26.17
CA ILE C 278 17.00 -13.93 -25.80
C ILE C 278 16.70 -12.98 -26.97
N GLU C 279 17.73 -12.60 -27.71
CA GLU C 279 17.59 -11.76 -28.90
C GLU C 279 16.72 -12.45 -29.97
N GLU C 280 16.98 -13.73 -30.21
CA GLU C 280 16.22 -14.52 -31.19
C GLU C 280 14.77 -14.73 -30.77
N ILE C 281 14.56 -14.93 -29.47
CA ILE C 281 13.22 -15.03 -28.89
C ILE C 281 12.48 -13.71 -29.07
N TYR C 282 13.16 -12.62 -28.74
CA TYR C 282 12.61 -11.27 -28.90
C TYR C 282 12.22 -10.97 -30.34
N GLN C 283 13.08 -11.37 -31.29
CA GLN C 283 12.81 -11.18 -32.72
C GLN C 283 11.57 -11.95 -33.20
N ALA C 284 11.39 -13.16 -32.68
CA ALA C 284 10.21 -13.98 -33.00
C ALA C 284 8.92 -13.33 -32.51
N VAL C 285 8.96 -12.82 -31.28
CA VAL C 285 7.83 -12.09 -30.68
C VAL C 285 7.53 -10.81 -31.47
N LYS C 286 8.59 -10.13 -31.88
CA LYS C 286 8.49 -8.91 -32.69
C LYS C 286 7.76 -9.17 -34.02
N GLU C 287 8.16 -10.23 -34.71
CA GLU C 287 7.57 -10.62 -35.99
C GLU C 287 6.09 -10.99 -35.86
N ALA C 288 5.76 -11.71 -34.79
CA ALA C 288 4.37 -12.08 -34.50
C ALA C 288 3.54 -10.85 -34.14
N SER C 289 4.14 -9.93 -33.37
CA SER C 289 3.49 -8.69 -32.96
C SER C 289 3.20 -7.77 -34.14
N ASN C 290 4.07 -7.79 -35.14
CA ASN C 290 3.90 -6.94 -36.32
C ASN C 290 3.10 -7.60 -37.45
N GLY C 291 2.79 -8.88 -37.25
CA GLY C 291 2.07 -9.66 -38.27
C GLY C 291 0.77 -10.25 -37.79
N PRO C 292 0.71 -11.58 -37.62
CA PRO C 292 -0.51 -12.33 -37.30
C PRO C 292 -1.14 -12.01 -35.95
N MET C 293 -0.33 -11.52 -35.00
CA MET C 293 -0.82 -11.21 -33.66
C MET C 293 -0.81 -9.71 -33.35
N LYS C 294 -1.07 -8.89 -34.37
CA LYS C 294 -1.10 -7.44 -34.20
C LYS C 294 -2.21 -6.99 -33.25
N GLY C 295 -1.87 -6.11 -32.33
CA GLY C 295 -2.81 -5.65 -31.30
C GLY C 295 -3.00 -6.62 -30.15
N ILE C 296 -2.45 -7.81 -30.28
CA ILE C 296 -2.58 -8.87 -29.29
C ILE C 296 -1.26 -9.09 -28.55
N MET C 297 -0.22 -9.44 -29.29
CA MET C 297 1.12 -9.58 -28.73
C MET C 297 1.89 -8.28 -28.92
N GLY C 298 2.58 -7.84 -27.86
CA GLY C 298 3.41 -6.66 -27.90
C GLY C 298 4.79 -6.95 -27.32
N TYR C 299 5.64 -5.94 -27.33
CA TYR C 299 7.01 -6.07 -26.83
C TYR C 299 7.57 -4.72 -26.41
N THR C 300 8.51 -4.73 -25.48
CA THR C 300 9.23 -3.52 -25.08
C THR C 300 10.67 -3.82 -24.73
N SER C 301 11.53 -2.81 -24.90
CA SER C 301 12.93 -2.88 -24.51
C SER C 301 13.26 -1.79 -23.49
N ASP C 302 12.22 -1.16 -22.94
CA ASP C 302 12.38 -0.10 -21.94
C ASP C 302 12.36 -0.67 -20.51
N ASP C 303 12.82 0.14 -19.56
CA ASP C 303 12.86 -0.24 -18.15
C ASP C 303 11.50 0.00 -17.47
N VAL C 304 10.48 -0.70 -17.97
CA VAL C 304 9.10 -0.50 -17.54
C VAL C 304 8.79 -1.10 -16.16
N VAL C 305 7.74 -0.56 -15.53
CA VAL C 305 7.18 -1.14 -14.30
C VAL C 305 5.65 -1.27 -14.48
N SER C 306 4.98 -1.90 -13.51
CA SER C 306 3.57 -2.26 -13.68
C SER C 306 2.64 -1.10 -14.05
N THR C 307 2.83 0.06 -13.43
CA THR C 307 1.95 1.22 -13.71
C THR C 307 2.01 1.71 -15.15
N ASP C 308 3.11 1.41 -15.84
CA ASP C 308 3.29 1.81 -17.24
C ASP C 308 2.32 1.10 -18.19
N PHE C 309 1.66 0.05 -17.69
CA PHE C 309 0.73 -0.72 -18.51
C PHE C 309 -0.75 -0.52 -18.16
N ILE C 310 -1.03 0.42 -17.26
CA ILE C 310 -2.42 0.75 -16.92
C ILE C 310 -3.11 1.34 -18.15
N GLY C 311 -4.15 0.65 -18.61
CA GLY C 311 -4.89 1.05 -19.80
C GLY C 311 -4.42 0.37 -21.08
N CYS C 312 -3.30 -0.33 -21.00
CA CYS C 312 -2.75 -1.03 -22.16
C CYS C 312 -3.72 -2.10 -22.69
N LYS C 313 -3.97 -2.07 -24.00
CA LYS C 313 -5.00 -2.91 -24.63
C LYS C 313 -4.47 -4.25 -25.12
N TYR C 314 -3.15 -4.45 -25.06
CA TYR C 314 -2.53 -5.70 -25.49
C TYR C 314 -2.81 -6.84 -24.51
N SER C 315 -2.82 -8.06 -25.03
CA SER C 315 -2.99 -9.26 -24.20
C SER C 315 -1.69 -9.62 -23.49
N SER C 316 -0.56 -9.33 -24.12
CA SER C 316 0.74 -9.82 -23.67
C SER C 316 1.84 -8.90 -24.20
N ILE C 317 2.69 -8.40 -23.30
CA ILE C 317 3.82 -7.53 -23.68
C ILE C 317 5.15 -8.07 -23.15
N LEU C 318 5.96 -8.62 -24.04
CA LEU C 318 7.27 -9.16 -23.65
C LEU C 318 8.22 -8.07 -23.13
N ASP C 319 8.77 -8.32 -21.95
CA ASP C 319 9.74 -7.42 -21.32
C ASP C 319 11.14 -7.94 -21.64
N LYS C 320 11.74 -7.42 -22.72
CA LYS C 320 13.03 -7.93 -23.21
C LYS C 320 14.13 -7.88 -22.15
N ASN C 321 14.27 -6.72 -21.50
CA ASN C 321 15.32 -6.48 -20.51
C ASN C 321 15.19 -7.34 -19.25
N ALA C 322 13.96 -7.78 -18.95
CA ALA C 322 13.69 -8.58 -17.76
C ALA C 322 13.85 -10.10 -17.98
N CYS C 323 13.82 -10.51 -19.25
CA CYS C 323 14.05 -11.91 -19.60
C CYS C 323 15.48 -12.33 -19.25
N ILE C 324 15.62 -13.56 -18.78
CA ILE C 324 16.94 -14.11 -18.45
C ILE C 324 17.08 -15.56 -18.93
N ALA C 325 18.27 -15.90 -19.39
CA ALA C 325 18.56 -17.26 -19.83
C ALA C 325 19.71 -17.84 -19.03
N LEU C 326 19.54 -19.08 -18.56
CA LEU C 326 20.64 -19.82 -17.95
C LEU C 326 21.60 -20.29 -19.04
N ASN C 327 21.02 -20.87 -20.10
CA ASN C 327 21.77 -21.33 -21.27
C ASN C 327 20.91 -21.19 -22.53
N ASP C 328 21.39 -21.75 -23.64
CA ASP C 328 20.70 -21.59 -24.92
C ASP C 328 19.35 -22.30 -25.03
N SER C 329 19.04 -23.18 -24.08
CA SER C 329 17.77 -23.92 -24.13
C SER C 329 16.94 -23.93 -22.84
N PHE C 330 17.34 -23.09 -21.87
CA PHE C 330 16.60 -22.96 -20.61
C PHE C 330 16.44 -21.48 -20.26
N VAL C 331 15.21 -20.99 -20.41
CA VAL C 331 14.94 -19.54 -20.35
C VAL C 331 13.80 -19.16 -19.41
N LYS C 332 13.88 -17.93 -18.89
CA LYS C 332 12.81 -17.33 -18.11
C LYS C 332 12.33 -16.08 -18.85
N LEU C 333 11.08 -16.11 -19.31
CA LEU C 333 10.50 -15.02 -20.09
C LEU C 333 9.46 -14.24 -19.29
N ILE C 334 9.50 -12.92 -19.43
CA ILE C 334 8.67 -12.02 -18.65
C ILE C 334 7.70 -11.27 -19.57
N SER C 335 6.40 -11.39 -19.30
CA SER C 335 5.39 -10.71 -20.11
C SER C 335 4.31 -10.03 -19.28
N TRP C 336 4.08 -8.75 -19.58
CA TRP C 336 3.13 -7.92 -18.83
C TRP C 336 1.72 -8.03 -19.38
N TYR C 337 0.75 -7.74 -18.52
CA TYR C 337 -0.65 -7.56 -18.93
C TYR C 337 -1.45 -6.75 -17.93
N ASP C 338 -2.23 -5.80 -18.44
CA ASP C 338 -3.26 -5.17 -17.64
C ASP C 338 -4.41 -6.16 -17.57
N ASN C 339 -4.53 -6.85 -16.42
CA ASN C 339 -5.53 -7.91 -16.27
C ASN C 339 -6.96 -7.43 -16.44
N GLU C 340 -7.17 -6.13 -16.23
CA GLU C 340 -8.47 -5.51 -16.42
C GLU C 340 -8.67 -5.03 -17.87
N SER C 341 -7.80 -4.15 -18.34
CA SER C 341 -7.96 -3.47 -19.64
C SER C 341 -7.75 -4.36 -20.86
N GLY C 342 -6.70 -5.19 -20.82
CA GLY C 342 -6.38 -6.08 -21.94
C GLY C 342 -7.45 -7.12 -22.18
N TYR C 343 -7.86 -7.80 -21.11
CA TYR C 343 -8.90 -8.82 -21.17
C TYR C 343 -10.25 -8.26 -21.65
N SER C 344 -10.62 -7.09 -21.12
CA SER C 344 -11.87 -6.44 -21.49
C SER C 344 -11.91 -6.11 -22.98
N ASN C 345 -10.76 -5.68 -23.51
CA ASN C 345 -10.64 -5.39 -24.93
C ASN C 345 -10.71 -6.66 -25.79
N ARG C 346 -10.14 -7.75 -25.28
CA ARG C 346 -10.23 -9.04 -25.95
C ARG C 346 -11.65 -9.59 -25.97
N LEU C 347 -12.38 -9.40 -24.87
CA LEU C 347 -13.77 -9.87 -24.81
C LEU C 347 -14.63 -9.13 -25.84
N VAL C 348 -14.41 -7.82 -25.97
CA VAL C 348 -15.10 -7.02 -26.97
C VAL C 348 -14.71 -7.46 -28.39
N ASP C 349 -13.41 -7.70 -28.60
CA ASP C 349 -12.89 -8.28 -29.85
C ASP C 349 -13.61 -9.57 -30.21
N LEU C 350 -13.76 -10.45 -29.21
CA LEU C 350 -14.41 -11.74 -29.41
C LEU C 350 -15.90 -11.58 -29.74
N ALA C 351 -16.58 -10.64 -29.08
CA ALA C 351 -17.98 -10.35 -29.35
C ALA C 351 -18.21 -9.86 -30.78
N VAL C 352 -17.36 -8.93 -31.23
CA VAL C 352 -17.36 -8.46 -32.61
C VAL C 352 -17.12 -9.62 -33.58
N TYR C 353 -16.16 -10.49 -33.24
CA TYR C 353 -15.85 -11.65 -34.05
C TYR C 353 -17.02 -12.64 -34.14
N VAL C 354 -17.61 -12.95 -32.99
CA VAL C 354 -18.79 -13.81 -32.91
C VAL C 354 -19.92 -13.31 -33.82
N ALA C 355 -20.19 -12.00 -33.75
CA ALA C 355 -21.22 -11.37 -34.58
C ALA C 355 -20.94 -11.50 -36.08
N SER C 356 -19.67 -11.42 -36.46
CA SER C 356 -19.27 -11.53 -37.86
C SER C 356 -19.45 -12.93 -38.43
N ARG C 357 -19.47 -13.94 -37.56
CA ARG C 357 -19.60 -15.33 -37.96
C ARG C 357 -21.05 -15.76 -38.17
N GLY C 358 -21.99 -14.89 -37.79
CA GLY C 358 -23.41 -15.16 -37.97
C GLY C 358 -24.11 -15.48 -36.66
N LEU C 359 -25.14 -14.71 -36.34
CA LEU C 359 -25.88 -14.86 -35.09
C LEU C 359 -27.18 -15.66 -35.26
N THR D 22 33.61 -14.44 25.38
CA THR D 22 32.40 -13.86 24.70
C THR D 22 32.83 -12.97 23.54
N ALA D 23 32.26 -13.25 22.36
CA ALA D 23 32.52 -12.47 21.14
C ALA D 23 31.89 -11.09 21.23
N THR D 24 32.55 -10.10 20.65
CA THR D 24 32.06 -8.72 20.68
C THR D 24 31.89 -8.17 19.28
N LEU D 25 30.84 -7.37 19.09
CA LEU D 25 30.48 -6.87 17.77
C LEU D 25 30.41 -5.36 17.70
N GLY D 26 30.93 -4.82 16.60
CA GLY D 26 30.71 -3.42 16.25
C GLY D 26 29.87 -3.38 14.97
N ILE D 27 28.97 -2.41 14.89
CA ILE D 27 28.09 -2.29 13.72
C ILE D 27 28.37 -0.98 12.99
N ASN D 28 28.76 -1.10 11.72
CA ASN D 28 28.90 0.07 10.85
C ASN D 28 27.70 0.18 9.91
N GLY D 29 26.93 1.24 10.06
CA GLY D 29 25.66 1.38 9.34
C GLY D 29 24.54 0.80 10.17
N PHE D 30 23.87 1.66 10.92
CA PHE D 30 22.82 1.26 11.86
C PHE D 30 21.47 1.33 11.15
N GLY D 31 21.35 0.60 10.04
CA GLY D 31 20.15 0.62 9.20
C GLY D 31 19.23 -0.55 9.49
N ARG D 32 18.51 -1.00 8.48
CA ARG D 32 17.58 -2.13 8.64
C ARG D 32 18.31 -3.36 9.17
N ILE D 33 19.42 -3.72 8.52
CA ILE D 33 20.22 -4.87 8.93
C ILE D 33 20.98 -4.60 10.22
N GLY D 34 21.61 -3.43 10.31
CA GLY D 34 22.36 -3.03 11.50
C GLY D 34 21.56 -3.11 12.79
N ARG D 35 20.38 -2.52 12.78
CA ARG D 35 19.52 -2.48 13.97
C ARG D 35 18.96 -3.85 14.36
N LEU D 36 18.65 -4.68 13.35
CA LEU D 36 18.12 -6.02 13.61
C LEU D 36 19.21 -7.00 14.03
N VAL D 37 20.44 -6.76 13.57
CA VAL D 37 21.62 -7.49 14.07
C VAL D 37 21.81 -7.20 15.56
N LEU D 38 21.70 -5.92 15.94
CA LEU D 38 21.77 -5.53 17.36
C LEU D 38 20.68 -6.20 18.18
N ARG D 39 19.44 -6.17 17.68
CA ARG D 39 18.31 -6.84 18.35
C ARG D 39 18.59 -8.32 18.57
N ALA D 40 19.13 -8.99 17.55
CA ALA D 40 19.49 -10.40 17.64
C ALA D 40 20.59 -10.67 18.67
N CYS D 41 21.57 -9.78 18.74
CA CYS D 41 22.66 -9.88 19.71
C CYS D 41 22.17 -9.73 21.16
N MET D 42 21.22 -8.81 21.36
CA MET D 42 20.64 -8.56 22.69
C MET D 42 19.86 -9.77 23.22
N GLU D 43 19.50 -10.69 22.33
CA GLU D 43 18.76 -11.91 22.67
C GLU D 43 19.70 -13.09 23.01
N ARG D 44 21.00 -12.86 22.94
CA ARG D 44 21.99 -13.95 23.03
C ARG D 44 23.10 -13.71 24.05
N ASN D 45 23.54 -14.79 24.71
CA ASN D 45 24.57 -14.73 25.73
C ASN D 45 26.01 -14.83 25.19
N ASP D 46 26.14 -15.35 23.97
CA ASP D 46 27.46 -15.64 23.40
C ASP D 46 28.03 -14.54 22.51
N ILE D 47 27.34 -13.39 22.47
CA ILE D 47 27.81 -12.24 21.68
C ILE D 47 27.25 -10.92 22.24
N THR D 48 28.09 -9.88 22.26
CA THR D 48 27.72 -8.57 22.79
C THR D 48 28.05 -7.45 21.78
N VAL D 49 27.08 -6.56 21.56
CA VAL D 49 27.33 -5.33 20.80
C VAL D 49 27.94 -4.28 21.73
N VAL D 50 29.09 -3.74 21.35
CA VAL D 50 29.80 -2.76 22.17
C VAL D 50 29.97 -1.40 21.50
N ALA D 51 29.72 -1.33 20.19
CA ALA D 51 29.91 -0.10 19.43
C ALA D 51 29.03 -0.02 18.17
N ILE D 52 28.60 1.19 17.84
CA ILE D 52 27.83 1.47 16.62
C ILE D 52 28.40 2.72 15.96
N ASN D 53 28.49 2.69 14.63
CA ASN D 53 28.85 3.89 13.85
C ASN D 53 27.84 4.19 12.74
N ASP D 54 27.40 5.44 12.68
CA ASP D 54 26.54 5.94 11.61
C ASP D 54 26.57 7.47 11.64
N PRO D 55 27.19 8.10 10.62
CA PRO D 55 27.33 9.56 10.58
C PRO D 55 26.03 10.32 10.29
N PHE D 56 25.03 9.63 9.74
CA PHE D 56 23.77 10.27 9.36
C PHE D 56 22.73 10.18 10.48
N MET D 57 23.22 9.98 11.70
CA MET D 57 22.39 9.60 12.82
C MET D 57 23.11 9.92 14.13
N ASP D 58 22.63 10.91 14.87
CA ASP D 58 23.21 11.19 16.20
C ASP D 58 22.67 10.19 17.25
N VAL D 59 23.18 10.28 18.48
CA VAL D 59 22.84 9.32 19.53
C VAL D 59 21.34 9.25 19.82
N GLU D 60 20.70 10.41 19.91
CA GLU D 60 19.26 10.49 20.16
C GLU D 60 18.46 9.85 19.02
N TYR D 61 18.92 10.05 17.80
CA TYR D 61 18.29 9.45 16.62
C TYR D 61 18.45 7.92 16.64
N MET D 62 19.65 7.45 17.00
CA MET D 62 19.91 6.00 17.10
C MET D 62 19.00 5.35 18.13
N ALA D 63 18.83 6.00 19.28
CA ALA D 63 17.92 5.54 20.33
C ALA D 63 16.49 5.42 19.80
N TYR D 64 16.05 6.44 19.06
CA TYR D 64 14.72 6.47 18.47
C TYR D 64 14.49 5.33 17.46
N LEU D 65 15.42 5.15 16.54
CA LEU D 65 15.30 4.13 15.50
C LEU D 65 15.45 2.70 16.03
N LEU D 66 16.12 2.56 17.17
CA LEU D 66 16.21 1.26 17.83
C LEU D 66 14.91 0.94 18.59
N LYS D 67 14.40 1.92 19.33
CA LYS D 67 13.18 1.77 20.11
C LYS D 67 11.95 1.45 19.27
N TYR D 68 11.85 2.09 18.11
CA TYR D 68 10.67 1.99 17.28
C TYR D 68 10.97 1.36 15.93
N ASP D 69 10.10 0.45 15.51
CA ASP D 69 10.27 -0.25 14.23
C ASP D 69 8.91 -0.50 13.59
N SER D 70 8.75 -0.03 12.36
CA SER D 70 7.49 -0.12 11.64
C SER D 70 7.11 -1.55 11.23
N VAL D 71 8.07 -2.46 11.34
CA VAL D 71 7.86 -3.85 10.95
C VAL D 71 7.95 -4.81 12.15
N HIS D 72 8.95 -4.61 13.00
CA HIS D 72 9.28 -5.58 14.04
C HIS D 72 8.87 -5.16 15.46
N GLY D 73 8.08 -4.09 15.56
CA GLY D 73 7.55 -3.63 16.83
C GLY D 73 8.55 -2.94 17.72
N ASN D 74 8.08 -2.52 18.90
CA ASN D 74 8.92 -1.88 19.92
C ASN D 74 10.09 -2.76 20.32
N PHE D 75 11.24 -2.13 20.60
CA PHE D 75 12.42 -2.86 21.09
C PHE D 75 12.09 -3.56 22.41
N ASN D 76 12.39 -4.86 22.48
CA ASN D 76 12.18 -5.65 23.69
C ASN D 76 13.27 -5.37 24.72
N GLY D 77 13.06 -4.31 25.50
CA GLY D 77 14.03 -3.90 26.52
C GLY D 77 14.08 -2.40 26.71
N THR D 78 15.19 -1.92 27.26
CA THR D 78 15.33 -0.50 27.59
C THR D 78 16.41 0.17 26.74
N VAL D 79 16.12 1.39 26.28
CA VAL D 79 17.08 2.18 25.52
C VAL D 79 17.13 3.58 26.11
N GLU D 80 18.31 3.97 26.60
CA GLU D 80 18.53 5.30 27.13
C GLU D 80 19.80 5.91 26.55
N VAL D 81 19.83 7.25 26.46
CA VAL D 81 21.02 7.97 26.06
C VAL D 81 21.85 8.28 27.30
N SER D 82 23.11 7.84 27.29
CA SER D 82 24.03 8.13 28.38
C SER D 82 25.18 8.98 27.85
N GLY D 83 25.03 10.30 27.98
CA GLY D 83 25.97 11.26 27.43
C GLY D 83 26.10 11.15 25.93
N LYS D 84 27.29 10.76 25.47
CA LYS D 84 27.60 10.59 24.05
C LYS D 84 27.18 9.21 23.53
N ASP D 85 26.86 8.29 24.45
CA ASP D 85 26.64 6.90 24.09
C ASP D 85 25.24 6.39 24.43
N LEU D 86 24.97 5.14 24.05
CA LEU D 86 23.70 4.48 24.36
C LEU D 86 23.85 3.54 25.55
N CYS D 87 22.78 3.44 26.33
CA CYS D 87 22.67 2.44 27.38
C CYS D 87 21.51 1.50 27.03
N ILE D 88 21.85 0.32 26.51
CA ILE D 88 20.86 -0.65 26.03
C ILE D 88 20.86 -1.87 26.94
N ASN D 89 19.70 -2.14 27.55
CA ASN D 89 19.54 -3.21 28.54
C ASN D 89 20.62 -3.18 29.64
N GLY D 90 20.95 -1.97 30.08
CA GLY D 90 21.96 -1.78 31.12
C GLY D 90 23.41 -1.84 30.64
N LYS D 91 23.61 -2.15 29.36
CA LYS D 91 24.95 -2.25 28.79
C LYS D 91 25.34 -0.99 28.04
N VAL D 92 26.61 -0.61 28.17
CA VAL D 92 27.14 0.57 27.46
C VAL D 92 27.50 0.19 26.02
N VAL D 93 26.92 0.92 25.07
CA VAL D 93 27.29 0.78 23.67
C VAL D 93 27.83 2.12 23.16
N LYS D 94 29.08 2.11 22.72
CA LYS D 94 29.75 3.32 22.23
C LYS D 94 29.17 3.76 20.89
N VAL D 95 29.00 5.07 20.74
CA VAL D 95 28.40 5.64 19.53
C VAL D 95 29.37 6.57 18.81
N PHE D 96 29.51 6.35 17.50
CA PHE D 96 30.38 7.18 16.68
C PHE D 96 29.65 7.69 15.43
N GLN D 97 30.18 8.75 14.84
CA GLN D 97 29.59 9.39 13.66
C GLN D 97 30.64 9.64 12.57
N ALA D 98 31.40 8.61 12.24
CA ALA D 98 32.46 8.72 11.25
C ALA D 98 32.02 8.26 9.86
N LYS D 99 32.31 9.08 8.85
CA LYS D 99 32.01 8.75 7.46
C LYS D 99 33.03 7.76 6.92
N ASP D 100 34.28 7.89 7.39
CA ASP D 100 35.37 7.01 6.98
C ASP D 100 35.58 5.89 8.00
N PRO D 101 35.60 4.63 7.55
CA PRO D 101 35.77 3.44 8.40
C PRO D 101 37.06 3.41 9.22
N ALA D 102 38.09 4.10 8.76
CA ALA D 102 39.40 4.11 9.43
C ALA D 102 39.46 5.10 10.59
N GLU D 103 38.37 5.82 10.82
CA GLU D 103 38.28 6.80 11.89
C GLU D 103 37.62 6.23 13.15
N ILE D 104 36.97 5.08 13.01
CA ILE D 104 36.24 4.45 14.11
C ILE D 104 37.17 3.62 14.99
N PRO D 105 37.20 3.90 16.31
CA PRO D 105 38.06 3.16 17.22
C PRO D 105 37.41 1.86 17.75
N TRP D 106 37.35 0.85 16.88
CA TRP D 106 36.79 -0.45 17.24
C TRP D 106 37.57 -1.14 18.35
N GLY D 107 38.90 -1.14 18.23
CA GLY D 107 39.78 -1.78 19.20
C GLY D 107 39.64 -1.23 20.61
N ALA D 108 39.68 0.09 20.73
CA ALA D 108 39.54 0.78 22.01
C ALA D 108 38.15 0.60 22.62
N SER D 109 37.16 0.38 21.76
CA SER D 109 35.80 0.09 22.19
C SER D 109 35.63 -1.38 22.56
N GLY D 110 36.63 -2.19 22.22
CA GLY D 110 36.62 -3.62 22.54
C GLY D 110 35.88 -4.47 21.54
N ALA D 111 35.67 -3.93 20.34
CA ALA D 111 34.96 -4.62 19.27
C ALA D 111 35.90 -5.48 18.43
N GLN D 112 35.71 -6.80 18.51
CA GLN D 112 36.54 -7.75 17.79
C GLN D 112 36.11 -7.91 16.33
N ILE D 113 34.79 -7.95 16.12
CA ILE D 113 34.21 -8.19 14.80
C ILE D 113 33.29 -7.03 14.40
N VAL D 114 33.41 -6.60 13.15
CA VAL D 114 32.58 -5.52 12.63
C VAL D 114 31.54 -6.05 11.64
N CYS D 115 30.28 -5.71 11.91
CA CYS D 115 29.21 -5.92 10.94
C CYS D 115 29.20 -4.72 10.00
N GLU D 116 29.69 -4.94 8.78
CA GLU D 116 29.73 -3.90 7.76
C GLU D 116 28.41 -3.87 7.01
N SER D 117 27.50 -3.02 7.48
CA SER D 117 26.12 -2.97 6.96
C SER D 117 25.69 -1.59 6.46
N THR D 118 26.62 -0.88 5.85
CA THR D 118 26.34 0.43 5.27
C THR D 118 25.84 0.31 3.84
N GLY D 119 26.30 -0.73 3.15
CA GLY D 119 25.99 -0.92 1.73
C GLY D 119 26.94 -0.22 0.78
N VAL D 120 27.90 0.52 1.33
CA VAL D 120 28.82 1.32 0.50
C VAL D 120 30.31 0.91 0.60
N PHE D 121 30.59 -0.13 1.39
CA PHE D 121 31.96 -0.65 1.53
C PHE D 121 32.02 -2.15 1.27
N THR D 122 31.62 -2.56 0.08
CA THR D 122 31.45 -3.99 -0.24
C THR D 122 32.66 -4.61 -0.96
N THR D 123 33.85 -4.09 -0.70
CA THR D 123 35.09 -4.63 -1.25
C THR D 123 36.10 -4.85 -0.13
N GLU D 124 37.07 -5.73 -0.37
CA GLU D 124 38.17 -5.95 0.57
C GLU D 124 38.86 -4.62 0.88
N GLU D 125 39.13 -3.83 -0.17
CA GLU D 125 39.80 -2.53 -0.05
C GLU D 125 39.10 -1.59 0.94
N LYS D 126 37.78 -1.48 0.83
CA LYS D 126 37.02 -0.55 1.67
C LYS D 126 36.67 -1.14 3.04
N ALA D 127 36.26 -2.41 3.07
CA ALA D 127 35.88 -3.07 4.32
C ALA D 127 37.07 -3.32 5.26
N SER D 128 38.27 -3.49 4.70
CA SER D 128 39.48 -3.70 5.50
C SER D 128 39.93 -2.44 6.25
N LEU D 129 39.35 -1.29 5.91
CA LEU D 129 39.64 -0.04 6.60
C LEU D 129 39.25 -0.08 8.09
N HIS D 130 38.30 -0.96 8.43
CA HIS D 130 37.90 -1.19 9.83
C HIS D 130 39.04 -1.76 10.66
N LEU D 131 39.89 -2.58 10.04
CA LEU D 131 41.02 -3.22 10.71
C LEU D 131 42.05 -2.21 11.21
N LYS D 132 42.12 -1.05 10.55
CA LYS D 132 43.01 0.04 10.96
C LYS D 132 42.59 0.63 12.30
N GLY D 133 41.29 0.59 12.60
CA GLY D 133 40.75 1.12 13.84
C GLY D 133 40.78 0.17 15.03
N GLY D 134 41.32 -1.03 14.82
CA GLY D 134 41.46 -2.01 15.89
C GLY D 134 40.62 -3.26 15.75
N ALA D 135 39.74 -3.29 14.75
CA ALA D 135 38.92 -4.47 14.47
C ALA D 135 39.78 -5.66 14.06
N LYS D 136 39.36 -6.86 14.46
CA LYS D 136 40.07 -8.09 14.12
C LYS D 136 39.52 -8.78 12.87
N LYS D 137 38.20 -8.74 12.71
CA LYS D 137 37.52 -9.35 11.57
C LYS D 137 36.37 -8.46 11.07
N VAL D 138 36.04 -8.59 9.79
CA VAL D 138 34.93 -7.83 9.19
C VAL D 138 33.98 -8.77 8.45
N ILE D 139 32.69 -8.57 8.65
CA ILE D 139 31.66 -9.29 7.88
C ILE D 139 30.84 -8.27 7.07
N ILE D 140 31.00 -8.32 5.75
CA ILE D 140 30.20 -7.49 4.86
C ILE D 140 28.79 -8.08 4.78
N SER D 141 27.79 -7.27 5.12
CA SER D 141 26.40 -7.73 5.14
C SER D 141 25.76 -7.77 3.75
N ALA D 142 26.56 -8.11 2.74
CA ALA D 142 26.12 -8.17 1.35
C ALA D 142 27.12 -8.99 0.53
N PRO D 143 26.71 -9.47 -0.66
CA PRO D 143 27.70 -10.03 -1.56
C PRO D 143 28.71 -8.94 -1.97
N PRO D 144 29.99 -9.31 -2.13
CA PRO D 144 31.01 -8.32 -2.43
C PRO D 144 31.07 -7.95 -3.91
N LYS D 145 31.67 -6.80 -4.20
CA LYS D 145 31.92 -6.38 -5.59
C LYS D 145 33.21 -7.01 -6.11
N ASP D 146 34.07 -7.44 -5.20
CA ASP D 146 35.30 -8.17 -5.55
C ASP D 146 35.20 -9.66 -5.19
N ASN D 147 36.33 -10.29 -4.91
CA ASN D 147 36.39 -11.73 -4.64
C ASN D 147 36.45 -12.13 -3.16
N VAL D 148 35.98 -11.24 -2.28
CA VAL D 148 35.82 -11.55 -0.86
C VAL D 148 34.94 -12.80 -0.72
N PRO D 149 35.39 -13.81 0.05
CA PRO D 149 34.66 -15.07 0.15
C PRO D 149 33.28 -14.89 0.81
N MET D 150 32.28 -15.57 0.24
CA MET D 150 30.93 -15.57 0.79
C MET D 150 30.67 -16.86 1.54
N TYR D 151 30.04 -16.74 2.70
CA TYR D 151 29.67 -17.90 3.49
C TYR D 151 28.18 -17.86 3.85
N VAL D 152 27.54 -19.02 3.72
CA VAL D 152 26.16 -19.21 4.14
C VAL D 152 26.13 -20.25 5.24
N MET D 153 25.63 -19.86 6.40
CA MET D 153 25.53 -20.76 7.56
C MET D 153 24.71 -22.00 7.21
N GLY D 154 25.24 -23.16 7.60
CA GLY D 154 24.60 -24.44 7.31
C GLY D 154 24.88 -24.97 5.91
N VAL D 155 25.65 -24.22 5.12
CA VAL D 155 26.00 -24.65 3.76
C VAL D 155 27.51 -24.76 3.56
N ASN D 156 28.23 -23.65 3.72
CA ASN D 156 29.69 -23.64 3.49
C ASN D 156 30.51 -22.85 4.50
N ASN D 157 29.90 -22.46 5.62
CA ASN D 157 30.58 -21.63 6.62
C ASN D 157 31.82 -22.26 7.25
N THR D 158 31.86 -23.60 7.30
CA THR D 158 33.01 -24.30 7.88
C THR D 158 34.25 -24.25 6.97
N GLU D 159 34.07 -23.78 5.74
CA GLU D 159 35.18 -23.59 4.79
C GLU D 159 36.02 -22.37 5.14
N TYR D 160 35.51 -21.52 6.02
CA TYR D 160 36.19 -20.30 6.44
C TYR D 160 37.56 -20.61 7.05
N ASP D 161 38.57 -19.88 6.60
CA ASP D 161 39.94 -20.03 7.06
C ASP D 161 40.42 -18.72 7.69
N PRO D 162 40.57 -18.71 9.04
CA PRO D 162 40.95 -17.50 9.78
C PRO D 162 42.36 -17.00 9.46
N SER D 163 43.23 -17.90 9.00
CA SER D 163 44.61 -17.55 8.66
C SER D 163 44.71 -16.83 7.32
N LYS D 164 43.67 -16.96 6.50
CA LYS D 164 43.69 -16.42 5.14
C LYS D 164 42.72 -15.26 4.89
N PHE D 165 41.72 -15.10 5.76
CA PHE D 165 40.73 -14.02 5.58
C PHE D 165 40.47 -13.22 6.85
N ASN D 166 40.54 -11.90 6.71
CA ASN D 166 40.13 -10.97 7.76
C ASN D 166 38.83 -10.25 7.39
N VAL D 167 38.52 -10.26 6.09
CA VAL D 167 37.29 -9.69 5.56
C VAL D 167 36.49 -10.79 4.84
N ILE D 168 35.27 -11.04 5.30
CA ILE D 168 34.40 -12.04 4.70
C ILE D 168 33.02 -11.45 4.40
N SER D 169 32.20 -12.21 3.69
CA SER D 169 30.84 -11.80 3.33
C SER D 169 29.81 -12.84 3.79
N ASN D 170 28.66 -12.36 4.26
CA ASN D 170 27.56 -13.24 4.63
C ASN D 170 26.55 -13.39 3.47
N ALA D 171 26.99 -13.04 2.26
CA ALA D 171 26.17 -13.06 1.04
C ALA D 171 24.91 -12.20 1.18
N SER D 172 23.85 -12.57 0.47
CA SER D 172 22.59 -11.84 0.52
C SER D 172 21.53 -12.68 1.24
N SER D 173 20.37 -12.08 1.52
CA SER D 173 19.28 -12.83 2.15
C SER D 173 18.67 -13.85 1.18
N THR D 174 18.61 -13.48 -0.09
CA THR D 174 18.10 -14.36 -1.16
C THR D 174 19.02 -15.59 -1.34
N THR D 175 20.33 -15.37 -1.29
CA THR D 175 21.30 -16.47 -1.32
C THR D 175 21.16 -17.38 -0.10
N ASN D 176 20.99 -16.76 1.08
CA ASN D 176 20.73 -17.49 2.31
C ASN D 176 19.41 -18.27 2.30
N CYS D 177 18.47 -17.85 1.45
CA CYS D 177 17.22 -18.60 1.28
C CYS D 177 17.41 -19.73 0.27
N LEU D 178 17.99 -19.40 -0.88
CA LEU D 178 18.14 -20.36 -1.97
C LEU D 178 19.17 -21.47 -1.68
N ALA D 179 20.31 -21.11 -1.11
CA ALA D 179 21.43 -22.07 -0.96
C ALA D 179 21.14 -23.31 -0.11
N PRO D 180 20.56 -23.14 1.10
CA PRO D 180 20.21 -24.32 1.91
C PRO D 180 19.22 -25.26 1.21
N LEU D 181 18.18 -24.70 0.58
CA LEU D 181 17.24 -25.51 -0.19
C LEU D 181 17.93 -26.19 -1.36
N ALA D 182 18.73 -25.42 -2.11
CA ALA D 182 19.49 -25.95 -3.25
C ALA D 182 20.43 -27.10 -2.85
N LYS D 183 21.12 -26.95 -1.71
CA LYS D 183 21.99 -27.99 -1.17
C LYS D 183 21.22 -29.29 -0.89
N ILE D 184 20.08 -29.17 -0.21
CA ILE D 184 19.23 -30.33 0.13
C ILE D 184 18.78 -31.06 -1.13
N ILE D 185 18.26 -30.29 -2.09
CA ILE D 185 17.76 -30.84 -3.35
C ILE D 185 18.88 -31.47 -4.18
N ASN D 186 20.00 -30.75 -4.29
CA ASN D 186 21.16 -31.25 -5.06
C ASN D 186 21.81 -32.49 -4.45
N ASP D 187 21.94 -32.53 -3.12
CA ASP D 187 22.48 -33.70 -2.42
C ASP D 187 21.62 -34.95 -2.65
N LYS D 188 20.30 -34.79 -2.50
CA LYS D 188 19.37 -35.91 -2.56
C LYS D 188 19.02 -36.35 -3.97
N PHE D 189 18.68 -35.40 -4.83
CA PHE D 189 18.15 -35.71 -6.16
C PHE D 189 19.02 -35.18 -7.31
N GLY D 190 19.76 -34.10 -7.04
CA GLY D 190 20.62 -33.48 -8.05
C GLY D 190 19.87 -32.46 -8.89
N ILE D 191 20.42 -31.25 -8.99
CA ILE D 191 19.86 -30.23 -9.85
C ILE D 191 20.63 -30.20 -11.17
N VAL D 192 19.92 -30.51 -12.26
CA VAL D 192 20.49 -30.42 -13.60
C VAL D 192 20.63 -28.95 -13.99
N GLU D 193 19.52 -28.22 -13.89
CA GLU D 193 19.49 -26.79 -14.17
C GLU D 193 18.32 -26.15 -13.43
N GLY D 194 18.44 -24.86 -13.14
CA GLY D 194 17.41 -24.16 -12.40
C GLY D 194 17.38 -22.66 -12.64
N LEU D 195 16.18 -22.09 -12.60
CA LEU D 195 15.98 -20.65 -12.70
C LEU D 195 15.14 -20.15 -11.55
N MET D 196 15.57 -19.06 -10.94
CA MET D 196 14.95 -18.53 -9.73
C MET D 196 14.32 -17.15 -9.96
N THR D 197 13.14 -16.96 -9.39
CA THR D 197 12.61 -15.61 -9.19
C THR D 197 12.43 -15.42 -7.69
N THR D 198 12.82 -14.25 -7.19
CA THR D 198 12.42 -13.84 -5.85
C THR D 198 11.43 -12.69 -5.92
N VAL D 199 10.24 -12.90 -5.35
CA VAL D 199 9.27 -11.84 -5.16
C VAL D 199 9.64 -11.20 -3.82
N HIS D 200 10.19 -10.00 -3.91
CA HIS D 200 10.94 -9.40 -2.81
C HIS D 200 10.29 -8.12 -2.34
N SER D 201 10.18 -7.97 -1.01
CA SER D 201 9.68 -6.73 -0.41
C SER D 201 10.60 -5.54 -0.76
N LEU D 202 10.08 -4.33 -0.64
CA LEU D 202 10.86 -3.14 -0.94
C LEU D 202 12.02 -2.93 0.05
N THR D 203 13.05 -2.23 -0.39
CA THR D 203 14.21 -1.94 0.47
C THR D 203 14.58 -0.46 0.46
N ALA D 204 15.58 -0.10 1.25
CA ALA D 204 15.99 1.30 1.46
C ALA D 204 16.49 2.03 0.21
N ASN D 205 16.99 1.28 -0.77
CA ASN D 205 17.50 1.87 -2.01
C ASN D 205 16.39 2.25 -2.98
N GLN D 206 15.17 1.82 -2.70
CA GLN D 206 14.00 2.18 -3.50
C GLN D 206 13.46 3.55 -3.08
N LEU D 207 12.60 4.13 -3.92
CA LEU D 207 12.11 5.49 -3.70
C LEU D 207 10.60 5.54 -3.56
N THR D 208 10.11 6.47 -2.73
CA THR D 208 8.68 6.63 -2.47
C THR D 208 7.90 7.11 -3.70
N VAL D 209 8.54 7.95 -4.52
CA VAL D 209 7.97 8.45 -5.77
C VAL D 209 9.01 8.37 -6.89
N ASP D 210 8.55 8.40 -8.14
CA ASP D 210 9.44 8.36 -9.31
C ASP D 210 10.57 9.38 -9.18
N GLY D 211 11.80 8.87 -9.21
CA GLY D 211 12.99 9.71 -9.12
C GLY D 211 14.24 8.99 -9.59
N PRO D 212 15.39 9.69 -9.58
CA PRO D 212 16.65 9.10 -10.03
C PRO D 212 17.29 8.19 -8.98
N SER D 213 17.63 6.97 -9.38
CA SER D 213 18.39 6.06 -8.53
C SER D 213 19.83 6.53 -8.37
N LYS D 214 20.43 6.23 -7.22
CA LYS D 214 21.84 6.55 -6.96
C LYS D 214 22.75 5.99 -8.04
N GLY D 215 23.57 6.87 -8.63
CA GLY D 215 24.48 6.48 -9.72
C GLY D 215 23.81 6.37 -11.08
N GLY D 216 22.47 6.38 -11.08
CA GLY D 216 21.67 6.25 -12.31
C GLY D 216 21.75 4.89 -12.96
N LYS D 217 21.94 3.85 -12.16
CA LYS D 217 22.17 2.49 -12.67
C LYS D 217 20.92 1.62 -12.72
N ASP D 218 20.12 1.64 -11.65
CA ASP D 218 18.91 0.81 -11.58
C ASP D 218 17.67 1.68 -11.76
N TRP D 219 17.35 1.99 -13.02
CA TRP D 219 16.25 2.89 -13.36
C TRP D 219 14.91 2.44 -12.79
N ARG D 220 14.62 1.15 -12.89
CA ARG D 220 13.36 0.59 -12.39
C ARG D 220 13.22 0.77 -10.87
N ALA D 221 14.33 0.65 -10.14
CA ALA D 221 14.33 0.78 -8.68
C ALA D 221 14.01 2.19 -8.20
N GLY D 222 14.10 3.16 -9.10
CA GLY D 222 13.76 4.55 -8.78
C GLY D 222 12.30 4.89 -8.99
N ARG D 223 11.52 3.91 -9.44
CA ARG D 223 10.09 4.12 -9.69
C ARG D 223 9.28 3.94 -8.40
N CYS D 224 8.18 4.69 -8.28
CA CYS D 224 7.32 4.66 -7.10
C CYS D 224 7.17 3.26 -6.52
N ALA D 225 7.75 3.04 -5.35
CA ALA D 225 7.79 1.70 -4.72
C ALA D 225 6.42 1.19 -4.25
N GLY D 226 5.55 2.11 -3.85
CA GLY D 226 4.28 1.76 -3.22
C GLY D 226 3.17 1.23 -4.13
N ASN D 227 3.26 1.52 -5.43
CA ASN D 227 2.19 1.13 -6.36
C ASN D 227 2.67 0.33 -7.59
N ASN D 228 3.91 -0.14 -7.54
CA ASN D 228 4.52 -0.83 -8.67
C ASN D 228 5.00 -2.26 -8.39
N ILE D 229 4.81 -3.13 -9.38
CA ILE D 229 5.54 -4.39 -9.48
C ILE D 229 6.79 -4.06 -10.30
N ILE D 230 7.96 -4.30 -9.74
CA ILE D 230 9.22 -3.80 -10.30
C ILE D 230 10.25 -4.92 -10.57
N PRO D 231 10.49 -5.27 -11.85
CA PRO D 231 11.57 -6.22 -12.15
C PRO D 231 12.94 -5.70 -11.72
N ALA D 232 13.78 -6.61 -11.25
CA ALA D 232 15.10 -6.26 -10.74
C ALA D 232 16.11 -7.36 -11.03
N SER D 233 17.38 -6.99 -11.11
CA SER D 233 18.46 -7.95 -11.30
C SER D 233 18.93 -8.43 -9.94
N THR D 234 19.40 -9.67 -9.90
CA THR D 234 20.08 -10.20 -8.72
C THR D 234 21.13 -11.25 -9.10
N GLY D 235 22.27 -11.21 -8.40
CA GLY D 235 23.33 -12.19 -8.59
C GLY D 235 23.20 -13.37 -7.66
N ALA D 236 22.13 -13.36 -6.85
CA ALA D 236 21.95 -14.32 -5.77
C ALA D 236 21.97 -15.79 -6.21
N ALA D 237 21.28 -16.08 -7.31
CA ALA D 237 21.20 -17.45 -7.81
C ALA D 237 22.55 -17.91 -8.37
N LYS D 238 23.26 -17.00 -9.04
CA LYS D 238 24.61 -17.27 -9.52
C LYS D 238 25.60 -17.41 -8.35
N ALA D 239 25.39 -16.63 -7.29
CA ALA D 239 26.21 -16.68 -6.09
C ALA D 239 26.12 -18.01 -5.36
N VAL D 240 25.00 -18.71 -5.53
CA VAL D 240 24.84 -20.06 -5.00
C VAL D 240 25.82 -21.01 -5.71
N GLY D 241 26.16 -20.69 -6.96
CA GLY D 241 27.18 -21.41 -7.72
C GLY D 241 28.59 -21.23 -7.18
N LYS D 242 28.81 -20.21 -6.36
CA LYS D 242 30.08 -20.01 -5.67
C LYS D 242 30.08 -20.67 -4.28
N VAL D 243 28.95 -20.53 -3.58
CA VAL D 243 28.75 -21.12 -2.27
C VAL D 243 28.71 -22.64 -2.37
N ILE D 244 28.07 -23.13 -3.44
CA ILE D 244 28.03 -24.55 -3.77
C ILE D 244 28.61 -24.73 -5.19
N PRO D 245 29.94 -24.93 -5.29
CA PRO D 245 30.64 -25.06 -6.58
C PRO D 245 30.02 -26.06 -7.57
N ALA D 246 29.41 -27.12 -7.05
CA ALA D 246 28.72 -28.12 -7.89
C ALA D 246 27.62 -27.51 -8.77
N LEU D 247 27.09 -26.36 -8.35
CA LEU D 247 25.99 -25.70 -9.04
C LEU D 247 26.42 -24.49 -9.87
N ASN D 248 27.73 -24.31 -10.04
CA ASN D 248 28.27 -23.27 -10.92
C ASN D 248 27.76 -23.47 -12.35
N GLY D 249 27.18 -22.42 -12.93
CA GLY D 249 26.62 -22.47 -14.28
C GLY D 249 25.30 -23.20 -14.39
N LYS D 250 24.79 -23.69 -13.26
CA LYS D 250 23.54 -24.47 -13.22
C LYS D 250 22.36 -23.66 -12.69
N LEU D 251 22.63 -22.52 -12.08
CA LEU D 251 21.58 -21.68 -11.48
C LEU D 251 21.76 -20.21 -11.82
N THR D 252 20.67 -19.57 -12.23
CA THR D 252 20.61 -18.11 -12.28
C THR D 252 19.17 -17.64 -12.04
N GLY D 253 18.96 -16.32 -12.05
CA GLY D 253 17.63 -15.80 -11.79
C GLY D 253 17.53 -14.29 -11.74
N MET D 254 16.36 -13.83 -11.31
CA MET D 254 16.05 -12.41 -11.24
C MET D 254 15.13 -12.12 -10.05
N ALA D 255 14.81 -10.84 -9.86
CA ALA D 255 13.96 -10.42 -8.75
C ALA D 255 12.76 -9.64 -9.25
N ILE D 256 11.67 -9.69 -8.49
CA ILE D 256 10.50 -8.87 -8.73
C ILE D 256 10.13 -8.17 -7.42
N ARG D 257 10.35 -6.86 -7.39
CA ARG D 257 10.13 -6.06 -6.18
C ARG D 257 8.67 -5.62 -6.06
N VAL D 258 8.13 -5.74 -4.86
CA VAL D 258 6.72 -5.44 -4.58
C VAL D 258 6.57 -4.55 -3.32
N PRO D 259 5.44 -3.82 -3.19
CA PRO D 259 5.22 -2.78 -2.17
C PRO D 259 5.28 -3.18 -0.68
N THR D 260 5.32 -4.47 -0.35
CA THR D 260 5.32 -4.89 1.06
C THR D 260 6.61 -4.47 1.77
N PRO D 261 6.52 -4.09 3.06
CA PRO D 261 7.69 -3.56 3.79
C PRO D 261 8.77 -4.58 4.17
N ASP D 262 8.42 -5.86 4.27
CA ASP D 262 9.37 -6.92 4.66
C ASP D 262 8.79 -8.32 4.38
N VAL D 263 9.71 -9.28 4.24
CA VAL D 263 9.44 -10.69 3.88
C VAL D 263 9.41 -10.88 2.36
N SER D 264 10.14 -11.90 1.91
CA SER D 264 10.27 -12.20 0.49
C SER D 264 10.11 -13.70 0.26
N VAL D 265 10.02 -14.10 -1.00
CA VAL D 265 9.79 -15.51 -1.33
C VAL D 265 10.53 -15.96 -2.59
N VAL D 266 11.29 -17.04 -2.46
CA VAL D 266 12.00 -17.66 -3.58
C VAL D 266 11.07 -18.60 -4.35
N ASP D 267 11.10 -18.46 -5.66
CA ASP D 267 10.34 -19.29 -6.59
C ASP D 267 11.38 -19.97 -7.48
N LEU D 268 11.71 -21.22 -7.14
CA LEU D 268 12.75 -21.97 -7.84
C LEU D 268 12.15 -23.01 -8.80
N THR D 269 12.43 -22.83 -10.09
CA THR D 269 12.02 -23.79 -11.11
C THR D 269 13.26 -24.55 -11.56
N CYS D 270 13.26 -25.86 -11.34
CA CYS D 270 14.44 -26.66 -11.65
C CYS D 270 14.13 -28.04 -12.23
N LYS D 271 15.10 -28.58 -12.96
CA LYS D 271 15.01 -29.96 -13.42
C LYS D 271 15.91 -30.85 -12.56
N LEU D 272 15.36 -31.99 -12.15
CA LEU D 272 16.07 -32.92 -11.27
C LEU D 272 16.70 -34.05 -12.06
N ALA D 273 17.86 -34.53 -11.59
CA ALA D 273 18.57 -35.63 -12.23
C ALA D 273 17.94 -36.98 -11.88
N LYS D 274 17.34 -37.03 -10.68
CA LYS D 274 16.63 -38.20 -10.19
C LYS D 274 15.18 -37.77 -9.92
N PRO D 275 14.20 -38.60 -10.35
CA PRO D 275 12.79 -38.24 -10.15
C PRO D 275 12.43 -38.10 -8.67
N ALA D 276 11.55 -37.14 -8.38
CA ALA D 276 11.11 -36.87 -7.01
C ALA D 276 9.77 -36.15 -6.99
N SER D 277 8.87 -36.61 -6.14
CA SER D 277 7.57 -35.95 -5.93
C SER D 277 7.74 -34.81 -4.92
N ILE D 278 6.71 -33.97 -4.82
CA ILE D 278 6.70 -32.89 -3.83
C ILE D 278 6.83 -33.47 -2.41
N GLU D 279 6.09 -34.55 -2.14
CA GLU D 279 6.13 -35.22 -0.84
C GLU D 279 7.56 -35.66 -0.48
N GLU D 280 8.26 -36.26 -1.45
CA GLU D 280 9.64 -36.70 -1.25
C GLU D 280 10.59 -35.53 -1.04
N ILE D 281 10.37 -34.44 -1.77
CA ILE D 281 11.14 -33.21 -1.60
C ILE D 281 10.89 -32.62 -0.20
N TYR D 282 9.62 -32.59 0.20
CA TYR D 282 9.23 -32.11 1.53
C TYR D 282 9.90 -32.91 2.64
N GLN D 283 9.95 -34.24 2.48
CA GLN D 283 10.59 -35.13 3.46
C GLN D 283 12.10 -34.89 3.57
N ALA D 284 12.76 -34.74 2.42
CA ALA D 284 14.19 -34.41 2.38
C ALA D 284 14.49 -33.11 3.13
N VAL D 285 13.63 -32.11 2.93
CA VAL D 285 13.74 -30.82 3.62
C VAL D 285 13.46 -30.97 5.12
N LYS D 286 12.46 -31.78 5.46
CA LYS D 286 12.09 -32.06 6.84
C LYS D 286 13.23 -32.70 7.62
N GLU D 287 13.92 -33.66 7.01
CA GLU D 287 15.04 -34.35 7.65
C GLU D 287 16.25 -33.43 7.86
N ALA D 288 16.51 -32.58 6.87
CA ALA D 288 17.57 -31.59 7.00
C ALA D 288 17.23 -30.55 8.08
N SER D 289 15.99 -30.08 8.08
CA SER D 289 15.51 -29.07 9.03
C SER D 289 15.58 -29.53 10.49
N ASN D 290 15.33 -30.82 10.72
CA ASN D 290 15.36 -31.38 12.06
C ASN D 290 16.73 -31.94 12.44
N GLY D 291 17.63 -31.98 11.45
CA GLY D 291 18.97 -32.51 11.65
C GLY D 291 20.08 -31.49 11.45
N PRO D 292 20.87 -31.65 10.36
CA PRO D 292 22.07 -30.84 10.13
C PRO D 292 21.83 -29.36 9.84
N MET D 293 20.61 -29.00 9.43
CA MET D 293 20.26 -27.61 9.13
C MET D 293 19.26 -27.02 10.12
N LYS D 294 19.29 -27.54 11.35
CA LYS D 294 18.42 -27.09 12.43
C LYS D 294 18.56 -25.58 12.64
N GLY D 295 17.43 -24.88 12.64
CA GLY D 295 17.40 -23.43 12.83
C GLY D 295 17.69 -22.62 11.58
N ILE D 296 18.11 -23.29 10.51
CA ILE D 296 18.46 -22.64 9.25
C ILE D 296 17.40 -22.90 8.17
N MET D 297 17.15 -24.19 7.90
CA MET D 297 16.09 -24.58 6.99
C MET D 297 14.84 -24.94 7.79
N GLY D 298 13.69 -24.45 7.33
CA GLY D 298 12.41 -24.76 7.95
C GLY D 298 11.40 -25.22 6.92
N TYR D 299 10.22 -25.60 7.38
CA TYR D 299 9.15 -26.08 6.51
C TYR D 299 7.77 -25.80 7.10
N THR D 300 6.76 -25.71 6.22
CA THR D 300 5.37 -25.57 6.64
C THR D 300 4.42 -26.25 5.65
N SER D 301 3.27 -26.69 6.18
CA SER D 301 2.20 -27.22 5.34
C SER D 301 0.91 -26.43 5.59
N ASP D 302 1.05 -25.26 6.21
CA ASP D 302 -0.08 -24.36 6.44
C ASP D 302 -0.25 -23.36 5.29
N ASP D 303 -1.44 -22.74 5.21
CA ASP D 303 -1.75 -21.77 4.17
C ASP D 303 -1.21 -20.38 4.53
N VAL D 304 0.11 -20.28 4.61
CA VAL D 304 0.79 -19.07 5.07
C VAL D 304 0.82 -17.96 4.01
N VAL D 305 0.96 -16.73 4.50
CA VAL D 305 1.19 -15.56 3.66
C VAL D 305 2.40 -14.81 4.23
N SER D 306 2.87 -13.78 3.53
CA SER D 306 4.15 -13.13 3.89
C SER D 306 4.25 -12.63 5.34
N THR D 307 3.20 -11.97 5.83
CA THR D 307 3.23 -11.40 7.19
C THR D 307 3.45 -12.44 8.29
N ASP D 308 3.10 -13.69 8.01
CA ASP D 308 3.27 -14.78 8.97
C ASP D 308 4.73 -15.06 9.31
N PHE D 309 5.64 -14.56 8.47
CA PHE D 309 7.07 -14.77 8.66
C PHE D 309 7.83 -13.56 9.23
N ILE D 310 7.10 -12.49 9.53
CA ILE D 310 7.72 -11.32 10.15
C ILE D 310 8.35 -11.72 11.48
N GLY D 311 9.67 -11.55 11.58
CA GLY D 311 10.42 -11.93 12.76
C GLY D 311 10.96 -13.35 12.75
N CYS D 312 10.64 -14.10 11.70
CA CYS D 312 11.12 -15.48 11.55
C CYS D 312 12.65 -15.52 11.39
N LYS D 313 13.30 -16.33 12.20
CA LYS D 313 14.77 -16.38 12.26
C LYS D 313 15.40 -17.37 11.28
N TYR D 314 14.58 -18.19 10.63
CA TYR D 314 15.05 -19.16 9.64
C TYR D 314 15.55 -18.48 8.38
N SER D 315 16.46 -19.14 7.67
CA SER D 315 16.99 -18.65 6.40
C SER D 315 16.05 -18.96 5.24
N SER D 316 15.31 -20.06 5.35
CA SER D 316 14.52 -20.61 4.26
C SER D 316 13.42 -21.48 4.83
N ILE D 317 12.16 -21.20 4.44
CA ILE D 317 11.02 -22.00 4.87
C ILE D 317 10.22 -22.51 3.68
N LEU D 318 10.33 -23.81 3.41
CA LEU D 318 9.59 -24.45 2.32
C LEU D 318 8.08 -24.39 2.54
N ASP D 319 7.37 -23.90 1.52
CA ASP D 319 5.92 -23.82 1.53
C ASP D 319 5.37 -25.02 0.75
N LYS D 320 5.05 -26.09 1.47
CA LYS D 320 4.62 -27.35 0.84
C LYS D 320 3.43 -27.16 -0.10
N ASN D 321 2.39 -26.48 0.39
CA ASN D 321 1.15 -26.31 -0.37
C ASN D 321 1.28 -25.43 -1.62
N ALA D 322 2.30 -24.58 -1.66
CA ALA D 322 2.53 -23.70 -2.81
C ALA D 322 3.43 -24.33 -3.89
N CYS D 323 4.13 -25.39 -3.54
CA CYS D 323 4.98 -26.11 -4.50
C CYS D 323 4.12 -26.81 -5.55
N ILE D 324 4.59 -26.80 -6.79
CA ILE D 324 3.91 -27.51 -7.89
C ILE D 324 4.89 -28.30 -8.74
N ALA D 325 4.43 -29.45 -9.23
CA ALA D 325 5.25 -30.28 -10.09
C ALA D 325 4.55 -30.51 -11.42
N LEU D 326 5.26 -30.26 -12.52
CA LEU D 326 4.74 -30.61 -13.84
C LEU D 326 4.83 -32.12 -14.03
N ASN D 327 5.97 -32.68 -13.65
CA ASN D 327 6.21 -34.12 -13.70
C ASN D 327 7.19 -34.50 -12.58
N ASP D 328 7.69 -35.73 -12.61
CA ASP D 328 8.57 -36.21 -11.54
C ASP D 328 9.97 -35.59 -11.55
N SER D 329 10.32 -34.87 -12.62
CA SER D 329 11.65 -34.30 -12.76
C SER D 329 11.68 -32.77 -12.94
N PHE D 330 10.52 -32.16 -13.12
CA PHE D 330 10.43 -30.72 -13.35
C PHE D 330 9.45 -30.10 -12.35
N VAL D 331 10.00 -29.28 -11.44
CA VAL D 331 9.29 -28.84 -10.25
C VAL D 331 9.50 -27.35 -9.95
N LYS D 332 8.51 -26.73 -9.31
CA LYS D 332 8.60 -25.36 -8.83
C LYS D 332 8.50 -25.34 -7.29
N LEU D 333 9.56 -24.88 -6.65
CA LEU D 333 9.64 -24.88 -5.19
C LEU D 333 9.55 -23.46 -4.62
N ILE D 334 8.70 -23.32 -3.61
CA ILE D 334 8.41 -22.04 -2.98
C ILE D 334 8.99 -22.02 -1.57
N SER D 335 9.87 -21.05 -1.30
CA SER D 335 10.47 -20.92 0.02
C SER D 335 10.49 -19.49 0.52
N TRP D 336 10.00 -19.30 1.75
CA TRP D 336 9.89 -17.97 2.35
C TRP D 336 11.15 -17.57 3.12
N TYR D 337 11.32 -16.27 3.28
CA TYR D 337 12.36 -15.72 4.16
C TYR D 337 12.04 -14.30 4.56
N ASP D 338 12.20 -14.02 5.85
CA ASP D 338 12.18 -12.65 6.33
C ASP D 338 13.57 -12.09 5.98
N ASN D 339 13.64 -11.33 4.90
CA ASN D 339 14.91 -10.80 4.39
C ASN D 339 15.68 -9.95 5.41
N GLU D 340 14.93 -9.35 6.33
CA GLU D 340 15.51 -8.57 7.42
C GLU D 340 15.95 -9.46 8.59
N SER D 341 15.00 -10.18 9.19
CA SER D 341 15.24 -10.93 10.43
C SER D 341 16.08 -12.20 10.25
N GLY D 342 15.79 -12.97 9.21
CA GLY D 342 16.52 -14.21 8.93
C GLY D 342 18.00 -13.95 8.72
N TYR D 343 18.29 -12.99 7.83
CA TYR D 343 19.67 -12.61 7.49
C TYR D 343 20.44 -12.06 8.68
N SER D 344 19.79 -11.19 9.46
CA SER D 344 20.41 -10.59 10.65
C SER D 344 20.83 -11.64 11.67
N ASN D 345 19.99 -12.66 11.87
CA ASN D 345 20.32 -13.77 12.74
C ASN D 345 21.45 -14.65 12.20
N ARG D 346 21.53 -14.79 10.87
CA ARG D 346 22.63 -15.51 10.23
C ARG D 346 23.97 -14.78 10.35
N LEU D 347 23.94 -13.45 10.24
CA LEU D 347 25.18 -12.67 10.39
C LEU D 347 25.73 -12.82 11.81
N VAL D 348 24.83 -12.74 12.79
CA VAL D 348 25.18 -12.97 14.20
C VAL D 348 25.73 -14.39 14.42
N ASP D 349 25.07 -15.38 13.81
CA ASP D 349 25.57 -16.76 13.81
C ASP D 349 26.99 -16.83 13.26
N LEU D 350 27.20 -16.19 12.11
CA LEU D 350 28.50 -16.18 11.45
C LEU D 350 29.56 -15.50 12.32
N ALA D 351 29.22 -14.38 12.95
CA ALA D 351 30.13 -13.68 13.86
C ALA D 351 30.55 -14.57 15.03
N VAL D 352 29.58 -15.24 15.63
CA VAL D 352 29.83 -16.18 16.73
C VAL D 352 30.74 -17.32 16.25
N TYR D 353 30.47 -17.84 15.07
CA TYR D 353 31.29 -18.90 14.47
C TYR D 353 32.71 -18.44 14.14
N VAL D 354 32.85 -17.23 13.62
CA VAL D 354 34.16 -16.63 13.31
C VAL D 354 35.00 -16.53 14.59
N ALA D 355 34.40 -16.04 15.67
CA ALA D 355 35.06 -15.92 16.97
C ALA D 355 35.55 -17.27 17.51
N SER D 356 34.75 -18.31 17.32
CA SER D 356 35.08 -19.66 17.80
C SER D 356 36.26 -20.30 17.07
N ARG D 357 36.59 -19.77 15.89
CA ARG D 357 37.71 -20.27 15.10
C ARG D 357 39.03 -19.56 15.41
N GLY D 358 38.97 -18.56 16.29
CA GLY D 358 40.16 -17.84 16.71
C GLY D 358 40.35 -16.53 15.98
N LEU D 359 40.53 -15.45 16.74
CA LEU D 359 40.64 -14.10 16.18
C LEU D 359 42.09 -13.65 16.08
#